data_8F0K
#
_entry.id   8F0K
#
_cell.length_a   1.00
_cell.length_b   1.00
_cell.length_c   1.00
_cell.angle_alpha   90.00
_cell.angle_beta   90.00
_cell.angle_gamma   90.00
#
_symmetry.space_group_name_H-M   'P 1'
#
loop_
_entity.id
_entity.type
_entity.pdbx_description
1 polymer 'Receptor activity-modifying protein 3'
2 polymer San385
3 polymer 'Calcitonin receptor'
4 polymer 'Guanine nucleotide-binding protein G(s) subunit alpha isoforms short'
5 polymer 'Guanine nucleotide-binding protein G(I)/G(S)/G(T) subunit beta-1'
6 polymer 'Guanine nucleotide-binding protein G(I)/G(S)/G(O) subunit gamma-2'
7 polymer 'Nanobody 35'
8 non-polymer 2-acetamido-2-deoxy-beta-D-glucopyranose
9 non-polymer '(2S)-2-{[(1R)-1-hydroxyhexadecyl]oxy}-3-{[(1R)-1-hydroxyoctadecyl]oxy}propyl 2-(trimethylammonio)ethyl phosphate'
10 non-polymer 'PALMITIC ACID'
11 non-polymer 'CHOLESTEROL HEMISUCCINATE'
12 non-polymer PHOSPHATIDYLETHANOLAMINE
13 water water
#
loop_
_entity_poly.entity_id
_entity_poly.type
_entity_poly.pdbx_seq_one_letter_code
_entity_poly.pdbx_strand_id
1 'polypeptide(L)'
;MKTIIALSYIFCLVFADYKDDDDKRAGGCNETGMLERLPLCGKAFADMMGKVDVWKWCNLSEFIVYYESFTNCTEMEANV
VGCYWPNPLAQGFITGIHRQFFSNCTVDRVHLEDPPDEVLIPLIVIPVVLTVAMAGLVVWRSKRTDTLL
;
E
2 'polypeptide(L)' KCNTATCATQRLANFLVHKSNNFGPILPPTNVGSNTY(NH2) P
3 'polypeptide(L)'
;MKTIIALSYIFCLVFADYKDDDDLEVLFQGPAAFSNQTYPTIEPKPFLYVVGRKKMMDAQYKCYDRMQQLPAYQGEGPYC
NRTWDGWLCWDDTPAGVLSYQFCPDYFPDFDPSEKVTKYCDEKGVWFKHPENNRTWSNYTMCNAFTPEKLKNAYVLYYLA
IVGHSLSIFTLVISLGIFVFFRSLGCQRVTLHKNMFLTYILNSMIIIIHLVEVVPNGELVRRDPVSCKILHFFHQYMMAC
NYFWMLCEGIYLHTLIVVAVFTEKQRLRWYYLLGWGFPLVPTTIHAITRAVYFNDNCWLSVETHLLYIIHGPVMAALVVN
FFFLLNIVRVLVTKMRETHEAESHMYLKAVKATMILVPLLGIQFVVFPWRPSNKMLGKIYDYVMHSLIHFQGFFVATIYC
FCNNEVQTTVKRQWAQFKIQWNQRWGRRPSNRSARAAAAAAEAGDIPIYICHQELRNEPANNQGEESAEIIPLNIIEQES
SAPAGLEVLFQGPHHHHHHHH
;
R
4 'polypeptide(L)'
;MGCLGNSKTEDQRNEEKAQREANKKIEKQLQKDKQVYRATHRLLLLGAGESGKNTIVKQMRILHVNGFNGEGGEEDPQAA
RSNSDGEKATKVQDIKNNLKEAIETIVAAMSNLVPPVELANPENQFRVDYILSVMNVPDFDFPPEFYEHAKALWEDEGVR
ACYERSNEYQLIDCAQYFLDKIDVIKQADYVPSDQDLLRCRVLTSGIFETKFQVDKVNFHMFDVGAQRDERRKWIQCFND
VTAIIFVVASSSYNMVIREDNQTNRLQAALKLFDSIWNNKWLRDTSVILFLNKQDLLAEKVLAGKSKIEDYFPEFARYTT
PEDATPEPGEDPRVTRAKYFIRDEFLRISTASGDGRHYCYPHFTCAVDTENIRRVFNDCRDIIQRMHLRQYELL
;
A
5 'polypeptide(L)'
;MHHHHHHGSSGSELDQLRQEAEQLKNQIRDARKACADATLSQITNNIDPVGRIQMRTRRTLRGHLAKIYAMHWGTDSRLL
VSASQDGKLIIWDSYTTNKVHAIPLRSSWVMTCAYAPSGNYVACGGLDNICSIYNLKTREGNVRVSRELAGHTGYLSCCR
FLDDNQIVTSSGDTTCALWDIETGQQTTTFTGHTGDVMSLSLAPDTRLFVSGACDASAKLWDVREGMCRQTFTGHESDIN
AICFFPNGNAFATGSDDATCRLFDLRADQELMTYSHDNIICGITSVSFSKSGRLLLAGYDDFNCNVWDALKADRAGVLAG
HDNRVSCLGVTDDGMAVATGSWDSFLKIWN
;
B
6 'polypeptide(L)' MASNNTASIAQARKLVEQLKMEANIDRIKVSKAAADLMAYCEAHAKEDPLLTPVPASENPFREKKFFCAIL G
7 'polypeptide(L)'
;QVQLQESGGGLVQPGGSLRLSCAASGFTFSNYKMNWVRQAPGKGLEWVSDISQSGASISYTGSVKGRFTISRDNAKNTLY
LQMNSLKPEDTAVYYCARCPAPFTRDCFDVTSTTYAYRGQGTQVTVSSHHHHHHEPEA
;
N
#
loop_
_chem_comp.id
_chem_comp.type
_chem_comp.name
_chem_comp.formula
NAG D-saccharide, beta linking 2-acetamido-2-deoxy-beta-D-glucopyranose 'C8 H15 N O6'
NH2 non-polymer 'AMINO GROUP' 'H2 N'
P42 non-polymer '(2S)-2-{[(1R)-1-hydroxyhexadecyl]oxy}-3-{[(1R)-1-hydroxyoctadecyl]oxy}propyl 2-(trimethylammonio)ethyl phosphate' 'C42 H88 N O8 P'
PLM non-polymer 'PALMITIC ACID' 'C16 H32 O2'
PTY non-polymer PHOSPHATIDYLETHANOLAMINE 'C40 H80 N O8 P'
Y01 non-polymer 'CHOLESTEROL HEMISUCCINATE' 'C31 H50 O4'
#
# COMPACT_ATOMS: atom_id res chain seq x y z
N GLY A 28 1.12 -15.48 -85.23
CA GLY A 28 2.39 -15.73 -84.50
C GLY A 28 3.24 -14.49 -84.39
N CYS A 29 4.54 -14.65 -84.09
CA CYS A 29 5.47 -13.51 -83.93
C CYS A 29 6.38 -13.43 -85.15
N ASN A 30 6.58 -12.23 -85.68
CA ASN A 30 7.53 -12.06 -86.81
C ASN A 30 8.73 -11.29 -86.27
N GLU A 31 9.81 -11.99 -85.98
CA GLU A 31 11.00 -11.33 -85.36
C GLU A 31 11.60 -10.33 -86.34
N THR A 32 11.68 -10.68 -87.62
CA THR A 32 12.28 -9.78 -88.63
C THR A 32 11.46 -8.50 -88.76
N GLY A 33 10.13 -8.61 -88.73
CA GLY A 33 9.29 -7.39 -88.79
C GLY A 33 9.56 -6.51 -87.59
N MET A 34 9.69 -7.10 -86.41
CA MET A 34 9.97 -6.32 -85.18
C MET A 34 11.36 -5.68 -85.30
N LEU A 35 12.35 -6.44 -85.78
CA LEU A 35 13.74 -5.91 -85.86
C LEU A 35 13.81 -4.71 -86.80
N GLU A 36 13.06 -4.73 -87.90
CA GLU A 36 13.01 -3.54 -88.80
C GLU A 36 12.32 -2.35 -88.11
N ARG A 37 11.22 -2.60 -87.39
CA ARG A 37 10.46 -1.52 -86.72
C ARG A 37 11.23 -0.94 -85.53
N LEU A 38 12.12 -1.70 -84.92
CA LEU A 38 12.82 -1.22 -83.70
C LEU A 38 13.68 0.02 -83.97
N PRO A 39 14.47 0.12 -85.06
CA PRO A 39 15.22 1.35 -85.36
C PRO A 39 14.36 2.61 -85.41
N LEU A 40 13.03 2.47 -85.53
CA LEU A 40 12.15 3.64 -85.56
C LEU A 40 11.96 4.22 -84.17
N CYS A 41 11.94 3.36 -83.14
CA CYS A 41 11.86 3.83 -81.77
C CYS A 41 13.23 4.17 -81.21
N GLY A 42 14.27 3.45 -81.64
CA GLY A 42 15.61 3.76 -81.17
C GLY A 42 16.13 5.08 -81.72
N LYS A 43 15.89 5.35 -83.00
CA LYS A 43 16.33 6.63 -83.57
C LYS A 43 15.48 7.79 -83.05
N ALA A 44 14.20 7.56 -82.81
CA ALA A 44 13.35 8.61 -82.26
C ALA A 44 13.80 9.01 -80.86
N PHE A 45 14.17 8.02 -80.04
CA PHE A 45 14.69 8.32 -78.71
C PHE A 45 16.07 8.97 -78.78
N ALA A 46 16.88 8.59 -79.76
CA ALA A 46 18.22 9.17 -79.89
C ALA A 46 18.16 10.63 -80.27
N ASP A 47 17.16 11.04 -81.04
CA ASP A 47 17.04 12.45 -81.41
C ASP A 47 16.53 13.28 -80.24
N MET A 48 15.61 12.73 -79.43
CA MET A 48 15.15 13.44 -78.25
C MET A 48 16.26 13.57 -77.22
N MET A 49 17.24 12.68 -77.24
CA MET A 49 18.42 12.82 -76.39
C MET A 49 19.38 13.89 -76.91
N GLY A 50 19.11 14.49 -78.06
CA GLY A 50 19.93 15.60 -78.52
C GLY A 50 19.61 16.90 -77.82
N LYS A 51 18.37 17.07 -77.38
CA LYS A 51 18.00 18.23 -76.57
C LYS A 51 18.66 18.20 -75.20
N VAL A 52 19.05 17.02 -74.72
CA VAL A 52 19.73 16.87 -73.44
C VAL A 52 21.23 16.76 -73.71
N ASP A 53 22.01 17.66 -73.12
CA ASP A 53 23.44 17.68 -73.33
C ASP A 53 24.10 16.47 -72.64
N VAL A 54 25.38 16.29 -72.93
CA VAL A 54 26.14 15.18 -72.36
C VAL A 54 26.30 15.31 -70.86
N TRP A 55 26.11 16.51 -70.31
CA TRP A 55 26.25 16.70 -68.88
C TRP A 55 25.10 16.04 -68.12
N LYS A 56 23.88 16.14 -68.65
CA LYS A 56 22.71 15.57 -68.01
C LYS A 56 22.43 14.13 -68.46
N TRP A 57 23.35 13.51 -69.22
CA TRP A 57 23.14 12.16 -69.69
C TRP A 57 23.29 11.12 -68.59
N CYS A 58 23.77 11.49 -67.42
CA CYS A 58 23.97 10.54 -66.32
C CYS A 58 22.80 10.50 -65.34
N ASN A 59 22.29 11.65 -64.92
CA ASN A 59 21.16 11.67 -64.01
C ASN A 59 19.90 11.24 -64.74
N LEU A 60 19.32 10.10 -64.32
CA LEU A 60 18.14 9.57 -65.00
C LEU A 60 16.93 10.48 -64.86
N SER A 61 16.88 11.28 -63.79
CA SER A 61 15.71 12.12 -63.54
C SER A 61 15.47 13.14 -64.65
N GLU A 62 16.47 13.42 -65.47
CA GLU A 62 16.29 14.39 -66.56
C GLU A 62 15.63 13.77 -67.77
N PHE A 63 15.97 12.53 -68.12
CA PHE A 63 15.50 11.90 -69.34
C PHE A 63 14.67 10.64 -69.10
N ILE A 64 14.20 10.41 -67.87
CA ILE A 64 13.38 9.23 -67.61
C ILE A 64 12.02 9.32 -68.31
N VAL A 65 11.56 10.53 -68.62
CA VAL A 65 10.30 10.67 -69.35
C VAL A 65 10.46 10.19 -70.78
N TYR A 66 11.61 10.44 -71.40
CA TYR A 66 11.86 9.94 -72.74
C TYR A 66 12.22 8.45 -72.72
N TYR A 67 12.91 8.01 -71.67
CA TYR A 67 13.21 6.58 -71.54
C TYR A 67 11.96 5.76 -71.33
N GLU A 68 10.92 6.36 -70.72
CA GLU A 68 9.67 5.65 -70.54
C GLU A 68 8.92 5.48 -71.86
N SER A 69 8.93 6.52 -72.69
CA SER A 69 8.28 6.43 -73.99
C SER A 69 9.06 5.53 -74.95
N PHE A 70 10.38 5.53 -74.85
CA PHE A 70 11.19 4.65 -75.69
C PHE A 70 10.94 3.18 -75.34
N THR A 71 10.89 2.88 -74.05
CA THR A 71 10.52 1.53 -73.62
C THR A 71 9.09 1.19 -74.04
N ASN A 72 8.19 2.17 -73.95
CA ASN A 72 6.81 1.96 -74.39
C ASN A 72 6.74 1.70 -75.89
N CYS A 73 7.67 2.27 -76.66
CA CYS A 73 7.64 2.07 -78.11
C CYS A 73 8.01 0.64 -78.47
N THR A 74 9.01 0.08 -77.80
CA THR A 74 9.40 -1.31 -78.08
C THR A 74 8.30 -2.29 -77.69
N GLU A 75 7.47 -1.93 -76.71
CA GLU A 75 6.38 -2.82 -76.32
C GLU A 75 5.26 -2.82 -77.36
N MET A 76 4.90 -1.64 -77.87
CA MET A 76 3.85 -1.58 -78.89
C MET A 76 4.34 -2.18 -80.21
N GLU A 77 5.60 -1.94 -80.55
CA GLU A 77 6.12 -2.45 -81.84
C GLU A 77 6.12 -3.98 -81.82
N ALA A 78 6.58 -4.57 -80.72
CA ALA A 78 6.58 -6.04 -80.60
C ALA A 78 5.15 -6.57 -80.64
N ASN A 79 4.23 -5.92 -79.93
CA ASN A 79 2.81 -6.37 -79.87
C ASN A 79 2.15 -6.29 -81.26
N VAL A 80 2.48 -5.25 -82.04
CA VAL A 80 1.91 -5.10 -83.42
C VAL A 80 2.35 -6.29 -84.28
N VAL A 81 3.59 -6.77 -84.11
CA VAL A 81 4.11 -7.88 -84.96
C VAL A 81 3.80 -9.21 -84.27
N GLY A 82 2.97 -9.20 -83.23
CA GLY A 82 2.53 -10.45 -82.57
C GLY A 82 3.55 -11.04 -81.60
N CYS A 83 4.51 -10.23 -81.14
CA CYS A 83 5.58 -10.74 -80.24
C CYS A 83 5.33 -10.21 -78.83
N TYR A 84 5.60 -11.02 -77.82
CA TYR A 84 5.34 -10.63 -76.42
C TYR A 84 6.56 -9.84 -75.95
N TRP A 85 6.31 -8.76 -75.23
CA TRP A 85 7.46 -7.97 -74.71
C TRP A 85 7.56 -8.22 -73.21
N PRO A 86 8.74 -8.49 -72.59
CA PRO A 86 10.08 -8.32 -73.17
C PRO A 86 10.60 -9.56 -73.91
N ASN A 87 11.33 -9.34 -74.99
CA ASN A 87 11.84 -10.46 -75.81
C ASN A 87 13.34 -10.29 -75.93
N PRO A 88 14.13 -11.35 -76.16
CA PRO A 88 15.59 -11.25 -76.22
C PRO A 88 16.08 -10.32 -77.34
N LEU A 89 15.45 -10.32 -78.51
CA LEU A 89 15.82 -9.39 -79.61
C LEU A 89 15.58 -7.93 -79.21
N ALA A 90 14.44 -7.64 -78.60
CA ALA A 90 14.19 -6.28 -78.09
C ALA A 90 15.09 -6.03 -76.89
N GLN A 91 15.49 -7.07 -76.14
CA GLN A 91 16.41 -6.73 -75.07
C GLN A 91 17.79 -6.36 -75.62
N GLY A 92 18.24 -7.06 -76.67
CA GLY A 92 19.50 -6.72 -77.30
C GLY A 92 19.52 -5.37 -77.96
N PHE A 93 18.34 -4.85 -78.35
CA PHE A 93 18.28 -3.53 -78.94
C PHE A 93 18.33 -2.44 -77.87
N ILE A 94 17.64 -2.64 -76.75
CA ILE A 94 17.69 -1.67 -75.66
C ILE A 94 19.09 -1.63 -75.05
N THR A 95 19.78 -2.77 -75.03
CA THR A 95 21.15 -2.80 -74.51
C THR A 95 22.10 -2.00 -75.40
N GLY A 96 21.90 -2.06 -76.72
CA GLY A 96 22.72 -1.25 -77.61
C GLY A 96 22.48 0.24 -77.44
N ILE A 97 21.22 0.63 -77.23
CA ILE A 97 20.91 2.02 -76.95
C ILE A 97 21.45 2.43 -75.58
N HIS A 98 21.35 1.53 -74.60
CA HIS A 98 21.89 1.81 -73.28
C HIS A 98 23.41 1.96 -73.30
N ARG A 99 24.09 1.10 -74.06
CA ARG A 99 25.53 1.20 -74.17
C ARG A 99 25.95 2.41 -75.01
N GLN A 100 25.07 2.90 -75.87
CA GLN A 100 25.40 4.04 -76.72
C GLN A 100 25.49 5.33 -75.91
N PHE A 101 24.51 5.57 -75.04
CA PHE A 101 24.41 6.82 -74.30
C PHE A 101 24.90 6.71 -72.85
N PHE A 102 24.46 5.68 -72.14
CA PHE A 102 24.70 5.57 -70.70
C PHE A 102 25.85 4.61 -70.39
N SER A 103 26.88 4.58 -71.23
CA SER A 103 28.01 3.68 -71.00
C SER A 103 28.85 4.14 -69.82
N ASN A 104 29.43 5.34 -69.93
CA ASN A 104 30.32 5.84 -68.88
C ASN A 104 29.58 6.36 -67.66
N CYS A 105 28.29 6.68 -67.78
CA CYS A 105 27.53 7.19 -66.65
C CYS A 105 27.34 6.11 -65.59
N THR A 106 27.56 6.47 -64.34
CA THR A 106 27.45 5.55 -63.22
C THR A 106 26.13 5.78 -62.47
N VAL A 107 25.61 4.69 -61.90
CA VAL A 107 24.37 4.78 -61.13
C VAL A 107 24.63 5.57 -59.85
N ASP A 108 23.72 6.51 -59.56
CA ASP A 108 23.87 7.34 -58.38
C ASP A 108 23.71 6.51 -57.10
N ARG A 109 24.05 7.13 -55.97
CA ARG A 109 23.92 6.48 -54.68
C ARG A 109 22.46 6.44 -54.25
N VAL A 110 22.05 5.30 -53.68
CA VAL A 110 20.67 5.14 -53.26
C VAL A 110 20.36 6.11 -52.13
N HIS A 111 19.27 6.87 -52.29
CA HIS A 111 18.91 7.87 -51.29
C HIS A 111 18.46 7.22 -49.98
N LEU A 112 17.74 6.11 -50.07
CA LEU A 112 17.22 5.39 -48.91
C LEU A 112 17.98 4.07 -48.80
N GLU A 113 19.06 4.07 -48.02
CA GLU A 113 19.86 2.89 -47.81
C GLU A 113 20.56 2.98 -46.46
N ASP A 114 20.63 1.87 -45.75
CA ASP A 114 21.26 1.84 -44.44
C ASP A 114 22.77 1.99 -44.57
N PRO A 115 23.43 2.55 -43.55
CA PRO A 115 24.89 2.63 -43.56
C PRO A 115 25.50 1.24 -43.47
N PRO A 116 26.78 1.09 -43.78
CA PRO A 116 27.43 -0.22 -43.67
C PRO A 116 27.43 -0.74 -42.24
N ASP A 117 27.57 -2.05 -42.11
CA ASP A 117 27.54 -2.68 -40.80
C ASP A 117 28.68 -2.22 -39.90
N GLU A 118 29.78 -1.73 -40.48
CA GLU A 118 30.85 -1.16 -39.68
C GLU A 118 30.40 0.11 -38.95
N VAL A 119 29.37 0.77 -39.45
CA VAL A 119 28.81 1.94 -38.80
C VAL A 119 27.47 1.63 -38.13
N LEU A 120 26.67 0.75 -38.74
CA LEU A 120 25.34 0.46 -38.21
C LEU A 120 25.42 -0.27 -36.88
N ILE A 121 26.34 -1.23 -36.76
CA ILE A 121 26.46 -2.03 -35.55
C ILE A 121 26.85 -1.16 -34.35
N PRO A 122 27.86 -0.29 -34.45
CA PRO A 122 28.13 0.62 -33.32
C PRO A 122 26.98 1.55 -32.99
N LEU A 123 26.13 1.89 -33.98
CA LEU A 123 24.98 2.74 -33.71
C LEU A 123 23.90 2.02 -32.91
N ILE A 124 24.00 0.70 -32.78
CA ILE A 124 23.01 -0.07 -32.05
C ILE A 124 23.56 -0.61 -30.73
N VAL A 125 24.80 -1.11 -30.74
CA VAL A 125 25.33 -1.74 -29.54
C VAL A 125 25.69 -0.70 -28.48
N ILE A 126 26.09 0.50 -28.89
CA ILE A 126 26.47 1.54 -27.94
C ILE A 126 25.25 2.01 -27.15
N PRO A 127 24.11 2.31 -27.77
CA PRO A 127 22.92 2.63 -26.97
C PRO A 127 22.44 1.47 -26.11
N VAL A 128 22.66 0.23 -26.57
CA VAL A 128 22.21 -0.93 -25.80
C VAL A 128 23.02 -1.08 -24.52
N VAL A 129 24.35 -1.01 -24.61
CA VAL A 129 25.18 -1.16 -23.42
C VAL A 129 25.01 0.05 -22.50
N LEU A 130 24.67 1.21 -23.06
CA LEU A 130 24.40 2.37 -22.23
C LEU A 130 23.11 2.20 -21.43
N THR A 131 22.17 1.42 -21.98
CA THR A 131 20.91 1.18 -21.27
C THR A 131 21.14 0.33 -20.03
N VAL A 132 21.84 -0.80 -20.18
CA VAL A 132 22.09 -1.67 -19.03
C VAL A 132 23.07 -1.02 -18.06
N ALA A 133 23.96 -0.16 -18.56
CA ALA A 133 24.86 0.57 -17.68
C ALA A 133 24.08 1.57 -16.82
N MET A 134 23.17 2.32 -17.44
CA MET A 134 22.32 3.23 -16.68
C MET A 134 21.36 2.46 -15.78
N ALA A 135 20.83 1.32 -16.28
CA ALA A 135 19.94 0.50 -15.45
C ALA A 135 20.67 -0.03 -14.21
N GLY A 136 21.93 -0.45 -14.37
CA GLY A 136 22.70 -0.88 -13.22
C GLY A 136 23.15 0.24 -12.33
N LEU A 137 23.34 1.43 -12.90
CA LEU A 137 23.72 2.59 -12.08
C LEU A 137 22.58 3.03 -11.19
N VAL A 138 21.34 2.93 -11.69
CA VAL A 138 20.18 3.29 -10.88
C VAL A 138 20.07 2.40 -9.66
N VAL A 139 20.28 1.10 -9.83
CA VAL A 139 20.22 0.17 -8.70
C VAL A 139 21.32 0.50 -7.69
N TRP A 140 22.47 0.98 -8.17
CA TRP A 140 23.58 1.27 -7.27
C TRP A 140 23.38 2.60 -6.56
N ARG A 141 23.11 3.67 -7.32
CA ARG A 141 23.14 5.02 -6.76
C ARG A 141 21.81 5.47 -6.18
N SER A 142 20.74 4.67 -6.28
CA SER A 142 19.46 5.09 -5.73
C SER A 142 19.52 5.12 -4.20
N LYS A 143 19.98 4.04 -3.58
CA LYS A 143 20.05 3.96 -2.13
C LYS A 143 21.50 4.02 -1.65
N LYS B 1 12.99 -4.75 -42.29
CA LYS B 1 11.67 -4.93 -41.70
C LYS B 1 11.79 -5.31 -40.23
N CYS B 2 11.59 -4.33 -39.35
CA CYS B 2 11.64 -4.57 -37.90
C CYS B 2 10.50 -5.52 -37.50
N ASN B 3 10.85 -6.73 -37.09
CA ASN B 3 9.87 -7.74 -36.75
C ASN B 3 9.65 -7.90 -35.25
N THR B 4 10.25 -7.03 -34.44
CA THR B 4 10.06 -7.12 -32.99
C THR B 4 8.65 -6.70 -32.60
N ALA B 5 8.25 -7.10 -31.40
CA ALA B 5 6.92 -6.76 -30.91
C ALA B 5 6.77 -5.26 -30.68
N THR B 6 7.86 -4.56 -30.37
CA THR B 6 7.79 -3.11 -30.17
C THR B 6 7.56 -2.36 -31.46
N CYS B 7 7.80 -2.99 -32.61
CA CYS B 7 7.56 -2.39 -33.91
C CYS B 7 6.19 -2.72 -34.47
N ALA B 8 5.30 -3.29 -33.67
CA ALA B 8 3.99 -3.71 -34.17
C ALA B 8 3.16 -2.52 -34.61
N THR B 9 3.15 -1.45 -33.81
CA THR B 9 2.39 -0.27 -34.17
C THR B 9 2.96 0.40 -35.41
N GLN B 10 4.29 0.40 -35.55
CA GLN B 10 4.91 1.02 -36.71
C GLN B 10 4.63 0.23 -37.98
N ARG B 11 4.60 -1.11 -37.88
CA ARG B 11 4.31 -1.93 -39.05
C ARG B 11 2.87 -1.74 -39.53
N LEU B 12 1.94 -1.59 -38.58
CA LEU B 12 0.54 -1.39 -38.95
C LEU B 12 0.34 -0.04 -39.61
N ALA B 13 1.00 1.01 -39.10
CA ALA B 13 0.85 2.33 -39.68
C ALA B 13 1.49 2.39 -41.07
N ASN B 14 2.67 1.80 -41.23
CA ASN B 14 3.34 1.82 -42.52
C ASN B 14 2.57 1.04 -43.57
N PHE B 15 1.86 -0.01 -43.16
CA PHE B 15 1.08 -0.79 -44.12
C PHE B 15 -0.14 -0.01 -44.61
N LEU B 16 -0.84 0.66 -43.69
CA LEU B 16 -2.05 1.38 -44.07
C LEU B 16 -1.75 2.68 -44.82
N VAL B 17 -0.53 3.19 -44.73
CA VAL B 17 -0.18 4.39 -45.48
C VAL B 17 -0.14 4.12 -46.97
N HIS B 18 0.44 2.98 -47.37
CA HIS B 18 0.63 2.67 -48.78
C HIS B 18 -0.37 1.66 -49.33
N LYS B 19 -0.76 0.67 -48.54
CA LYS B 19 -1.54 -0.47 -49.03
C LYS B 19 -3.03 -0.35 -48.69
N SER B 20 -3.52 0.85 -48.39
CA SER B 20 -4.93 1.03 -48.05
C SER B 20 -5.65 2.02 -48.95
N ASN B 21 -4.96 2.58 -49.95
CA ASN B 21 -5.55 3.58 -50.84
C ASN B 21 -6.11 4.77 -50.06
N ASN B 22 -5.40 5.14 -48.99
CA ASN B 22 -5.78 6.25 -48.12
C ASN B 22 -7.20 6.06 -47.57
N PHE B 23 -7.48 4.83 -47.13
CA PHE B 23 -8.76 4.46 -46.54
C PHE B 23 -9.92 4.69 -47.51
N GLY B 24 -9.64 4.62 -48.81
CA GLY B 24 -10.68 4.79 -49.80
C GLY B 24 -11.28 3.46 -50.22
N PRO B 25 -11.99 3.45 -51.33
CA PRO B 25 -12.57 2.19 -51.83
C PRO B 25 -11.47 1.21 -52.24
N ILE B 26 -11.80 -0.07 -52.16
CA ILE B 26 -10.85 -1.11 -52.53
C ILE B 26 -10.63 -1.09 -54.03
N LEU B 27 -9.36 -1.17 -54.44
CA LEU B 27 -8.97 -1.10 -55.84
C LEU B 27 -8.96 -2.49 -56.46
N PRO B 28 -9.20 -2.58 -57.77
CA PRO B 28 -9.13 -3.88 -58.46
C PRO B 28 -7.75 -4.48 -58.34
N PRO B 29 -7.65 -5.80 -58.15
CA PRO B 29 -6.33 -6.43 -57.99
C PRO B 29 -5.50 -6.31 -59.26
N THR B 30 -4.18 -6.25 -59.07
CA THR B 30 -3.25 -6.18 -60.20
C THR B 30 -3.17 -7.54 -60.88
N ASN B 31 -3.31 -7.54 -62.21
CA ASN B 31 -3.26 -8.79 -62.97
C ASN B 31 -1.85 -9.37 -62.93
N VAL B 32 -1.75 -10.62 -62.49
CA VAL B 32 -0.47 -11.32 -62.45
C VAL B 32 -0.61 -12.67 -63.14
N GLY B 33 -1.59 -12.77 -64.04
CA GLY B 33 -1.89 -14.01 -64.72
C GLY B 33 -0.89 -14.34 -65.82
N SER B 34 -1.36 -15.18 -66.76
CA SER B 34 -0.48 -15.63 -67.83
C SER B 34 -0.22 -14.54 -68.85
N ASN B 35 -1.13 -13.58 -69.00
CA ASN B 35 -0.99 -12.50 -69.97
C ASN B 35 -0.20 -11.32 -69.43
N THR B 36 0.63 -11.53 -68.40
CA THR B 36 1.43 -10.46 -67.84
C THR B 36 2.91 -10.81 -67.86
N TYR B 37 3.71 -10.04 -67.11
CA TYR B 37 5.18 -10.26 -67.06
C TYR B 37 5.45 -11.46 -66.16
N NH2 B 38 6.73 -11.82 -66.06
N TYR C 49 0.55 5.20 -59.38
CA TYR C 49 0.45 5.22 -60.83
C TYR C 49 1.69 5.85 -61.46
N VAL C 50 1.78 7.18 -61.38
CA VAL C 50 2.93 7.88 -61.93
C VAL C 50 4.17 7.59 -61.11
N VAL C 51 4.02 7.48 -59.78
CA VAL C 51 5.17 7.17 -58.93
C VAL C 51 5.57 5.72 -59.08
N GLY C 52 4.59 4.82 -59.20
CA GLY C 52 4.91 3.41 -59.40
C GLY C 52 5.58 3.15 -60.74
N ARG C 53 5.16 3.88 -61.78
CA ARG C 53 5.80 3.75 -63.07
C ARG C 53 7.24 4.28 -63.04
N LYS C 54 7.49 5.32 -62.25
CA LYS C 54 8.85 5.85 -62.12
C LYS C 54 9.77 4.84 -61.45
N LYS C 55 9.26 4.10 -60.46
CA LYS C 55 10.07 3.07 -59.82
C LYS C 55 10.35 1.92 -60.78
N MET C 56 9.39 1.61 -61.66
CA MET C 56 9.58 0.54 -62.63
C MET C 56 10.65 0.93 -63.66
N MET C 57 10.58 2.14 -64.19
CA MET C 57 11.58 2.60 -65.14
C MET C 57 12.94 2.76 -64.48
N ASP C 58 12.97 3.13 -63.19
CA ASP C 58 14.24 3.24 -62.48
C ASP C 58 14.92 1.89 -62.35
N ALA C 59 14.14 0.84 -62.06
CA ALA C 59 14.72 -0.50 -61.94
C ALA C 59 15.13 -1.06 -63.30
N GLN C 60 14.48 -0.61 -64.38
CA GLN C 60 14.85 -1.07 -65.71
C GLN C 60 16.22 -0.54 -66.10
N TYR C 61 16.51 0.73 -65.77
CA TYR C 61 17.82 1.29 -66.07
C TYR C 61 18.91 0.61 -65.25
N LYS C 62 18.59 0.21 -64.03
CA LYS C 62 19.59 -0.43 -63.17
C LYS C 62 19.95 -1.83 -63.67
N CYS C 63 19.01 -2.53 -64.31
CA CYS C 63 19.30 -3.87 -64.78
C CYS C 63 20.18 -3.85 -66.03
N TYR C 64 19.82 -3.02 -67.00
CA TYR C 64 20.60 -2.96 -68.24
C TYR C 64 22.04 -2.50 -67.98
N ASP C 65 22.25 -1.71 -66.94
CA ASP C 65 23.61 -1.40 -66.51
C ASP C 65 24.21 -2.58 -65.76
N ARG C 66 23.40 -3.33 -65.02
CA ARG C 66 23.89 -4.50 -64.32
C ARG C 66 24.15 -5.66 -65.29
N MET C 67 23.29 -5.81 -66.30
CA MET C 67 23.46 -6.87 -67.28
C MET C 67 24.66 -6.66 -68.19
N GLN C 68 25.25 -5.46 -68.19
CA GLN C 68 26.46 -5.19 -68.96
C GLN C 68 27.70 -5.07 -68.09
N GLN C 69 27.54 -5.03 -66.77
CA GLN C 69 28.66 -4.91 -65.84
C GLN C 69 29.00 -6.22 -65.15
N LEU C 70 28.17 -7.26 -65.32
CA LEU C 70 28.44 -8.53 -64.68
C LEU C 70 29.33 -9.40 -65.56
N PRO C 71 30.17 -10.23 -64.95
CA PRO C 71 31.02 -11.13 -65.75
C PRO C 71 30.21 -12.20 -66.45
N ALA C 72 30.73 -12.68 -67.58
CA ALA C 72 30.05 -13.72 -68.33
C ALA C 72 30.01 -15.01 -67.54
N TYR C 73 28.87 -15.70 -67.60
CA TYR C 73 28.70 -16.96 -66.88
C TYR C 73 29.67 -18.01 -67.42
N GLN C 74 30.58 -18.45 -66.55
CA GLN C 74 31.59 -19.44 -66.92
C GLN C 74 31.38 -20.78 -66.24
N GLY C 75 30.23 -20.98 -65.59
CA GLY C 75 29.96 -22.24 -64.94
C GLY C 75 29.73 -23.37 -65.92
N GLU C 76 29.88 -24.59 -65.41
CA GLU C 76 29.72 -25.78 -66.25
C GLU C 76 28.26 -26.05 -66.56
N GLY C 77 27.99 -26.50 -67.78
CA GLY C 77 26.65 -26.85 -68.18
C GLY C 77 25.87 -25.66 -68.71
N PRO C 78 24.57 -25.85 -68.91
CA PRO C 78 23.72 -24.77 -69.43
C PRO C 78 23.23 -23.84 -68.34
N TYR C 79 22.91 -22.61 -68.74
CA TYR C 79 22.45 -21.59 -67.83
C TYR C 79 21.40 -20.73 -68.51
N CYS C 80 20.69 -19.94 -67.72
CA CYS C 80 19.73 -18.97 -68.22
C CYS C 80 20.39 -17.61 -68.40
N ASN C 81 20.21 -17.02 -69.57
CA ASN C 81 20.76 -15.70 -69.84
C ASN C 81 20.06 -14.64 -69.00
N ARG C 82 20.81 -13.59 -68.66
CA ARG C 82 20.24 -12.47 -67.92
C ARG C 82 19.15 -11.79 -68.75
N THR C 83 18.08 -11.39 -68.09
CA THR C 83 16.93 -10.83 -68.79
C THR C 83 16.15 -9.92 -67.85
N TRP C 84 15.48 -8.94 -68.43
CA TRP C 84 14.59 -8.03 -67.70
C TRP C 84 13.15 -8.37 -68.09
N ASP C 85 12.40 -8.96 -67.16
CA ASP C 85 11.06 -9.46 -67.46
C ASP C 85 10.01 -8.36 -67.48
N GLY C 86 10.37 -7.11 -67.16
CA GLY C 86 9.44 -6.00 -67.14
C GLY C 86 9.18 -5.42 -65.77
N TRP C 87 9.40 -6.19 -64.71
CA TRP C 87 9.19 -5.70 -63.35
C TRP C 87 10.42 -5.88 -62.48
N LEU C 88 11.13 -6.99 -62.60
CA LEU C 88 12.30 -7.27 -61.77
C LEU C 88 13.43 -7.73 -62.66
N CYS C 89 14.65 -7.50 -62.20
CA CYS C 89 15.84 -7.86 -62.96
C CYS C 89 16.35 -9.23 -62.51
N TRP C 90 16.78 -10.03 -63.48
CA TRP C 90 17.24 -11.39 -63.22
C TRP C 90 18.65 -11.57 -63.75
N ASP C 91 19.46 -12.32 -63.02
CA ASP C 91 20.84 -12.57 -63.38
C ASP C 91 20.96 -13.96 -64.02
N ASP C 92 22.20 -14.32 -64.37
CA ASP C 92 22.45 -15.64 -64.95
C ASP C 92 22.15 -16.73 -63.94
N THR C 93 21.22 -17.62 -64.29
CA THR C 93 20.80 -18.70 -63.42
C THR C 93 21.10 -20.04 -64.07
N PRO C 94 21.73 -20.98 -63.37
CA PRO C 94 21.99 -22.29 -63.96
C PRO C 94 20.70 -23.06 -64.19
N ALA C 95 20.77 -24.02 -65.11
CA ALA C 95 19.58 -24.79 -65.47
C ALA C 95 19.12 -25.66 -64.30
N GLY C 96 17.80 -25.72 -64.10
CA GLY C 96 17.22 -26.50 -63.04
C GLY C 96 17.16 -25.82 -61.69
N VAL C 97 17.17 -24.48 -61.66
CA VAL C 97 17.17 -23.73 -60.41
C VAL C 97 15.99 -22.78 -60.42
N LEU C 98 15.26 -22.74 -59.30
CA LEU C 98 14.12 -21.84 -59.12
C LEU C 98 14.63 -20.59 -58.41
N SER C 99 14.74 -19.50 -59.17
CA SER C 99 15.25 -18.24 -58.62
C SER C 99 14.23 -17.64 -57.66
N TYR C 100 14.73 -16.77 -56.77
CA TYR C 100 13.90 -16.12 -55.77
C TYR C 100 14.29 -14.66 -55.66
N GLN C 101 13.29 -13.78 -55.58
CA GLN C 101 13.51 -12.35 -55.44
C GLN C 101 12.34 -11.76 -54.68
N PHE C 102 12.60 -10.67 -53.96
CA PHE C 102 11.55 -9.99 -53.22
C PHE C 102 10.61 -9.24 -54.15
N CYS C 103 9.35 -9.16 -53.74
CA CYS C 103 8.33 -8.52 -54.58
C CYS C 103 8.51 -7.00 -54.56
N PRO C 104 8.40 -6.35 -55.70
CA PRO C 104 8.56 -4.89 -55.76
C PRO C 104 7.32 -4.18 -55.22
N ASP C 105 7.39 -2.86 -55.21
CA ASP C 105 6.32 -1.99 -54.70
C ASP C 105 5.79 -1.07 -55.78
N TYR C 106 5.57 -1.61 -56.98
CA TYR C 106 5.04 -0.80 -58.07
C TYR C 106 3.54 -0.57 -57.93
N PHE C 107 2.83 -1.50 -57.31
CA PHE C 107 1.38 -1.44 -57.20
C PHE C 107 0.96 -1.42 -55.73
N PRO C 108 -0.19 -0.81 -55.42
CA PRO C 108 -0.61 -0.73 -54.01
C PRO C 108 -0.96 -2.07 -53.40
N ASP C 109 -1.35 -3.05 -54.19
CA ASP C 109 -1.73 -4.36 -53.67
C ASP C 109 -0.57 -5.33 -53.58
N PHE C 110 0.66 -4.88 -53.83
CA PHE C 110 1.81 -5.76 -53.74
C PHE C 110 2.42 -5.72 -52.35
N ASP C 111 2.95 -6.87 -51.93
CA ASP C 111 3.56 -7.01 -50.59
C ASP C 111 5.05 -7.22 -50.73
N PRO C 112 5.89 -6.29 -50.26
CA PRO C 112 7.34 -6.45 -50.45
C PRO C 112 7.94 -7.63 -49.70
N SER C 113 7.27 -8.14 -48.67
CA SER C 113 7.81 -9.26 -47.91
C SER C 113 7.69 -10.58 -48.64
N GLU C 114 6.85 -10.66 -49.67
CA GLU C 114 6.65 -11.89 -50.40
C GLU C 114 7.78 -12.10 -51.40
N LYS C 115 7.77 -13.26 -52.06
CA LYS C 115 8.85 -13.67 -52.95
C LYS C 115 8.34 -13.87 -54.36
N VAL C 116 9.18 -13.53 -55.33
CA VAL C 116 8.91 -13.73 -56.75
C VAL C 116 9.85 -14.81 -57.25
N THR C 117 9.30 -15.77 -58.01
CA THR C 117 10.04 -16.92 -58.47
C THR C 117 10.10 -16.96 -59.98
N LYS C 118 11.25 -17.35 -60.51
CA LYS C 118 11.45 -17.56 -61.94
C LYS C 118 12.31 -18.79 -62.14
N TYR C 119 11.83 -19.72 -62.95
CA TYR C 119 12.40 -21.06 -63.06
C TYR C 119 12.98 -21.31 -64.44
N CYS C 120 14.09 -22.04 -64.48
CA CYS C 120 14.61 -22.65 -65.69
C CYS C 120 14.54 -24.16 -65.58
N ASP C 121 14.22 -24.82 -66.70
CA ASP C 121 14.21 -26.28 -66.74
C ASP C 121 15.64 -26.79 -66.90
N GLU C 122 15.77 -28.09 -67.18
CA GLU C 122 17.10 -28.70 -67.29
C GLU C 122 17.92 -28.12 -68.43
N LYS C 123 17.29 -27.43 -69.39
CA LYS C 123 18.02 -26.76 -70.44
C LYS C 123 18.16 -25.27 -70.12
N GLY C 124 18.87 -24.55 -70.97
CA GLY C 124 19.08 -23.13 -70.77
C GLY C 124 17.94 -22.27 -71.30
N VAL C 125 16.72 -22.57 -70.88
CA VAL C 125 15.53 -21.83 -71.29
C VAL C 125 14.73 -21.47 -70.05
N TRP C 126 14.27 -20.22 -69.99
CA TRP C 126 13.40 -19.80 -68.91
C TRP C 126 12.05 -20.48 -69.01
N PHE C 127 11.31 -20.47 -67.90
CA PHE C 127 10.00 -21.10 -67.87
C PHE C 127 9.02 -20.35 -68.77
N LYS C 128 8.17 -21.11 -69.45
CA LYS C 128 7.12 -20.56 -70.30
C LYS C 128 5.78 -21.05 -69.79
N HIS C 129 4.84 -20.12 -69.65
CA HIS C 129 3.52 -20.48 -69.15
C HIS C 129 2.80 -21.35 -70.18
N PRO C 130 2.19 -22.45 -69.78
CA PRO C 130 1.55 -23.34 -70.77
C PRO C 130 0.38 -22.70 -71.48
N GLU C 131 -0.22 -21.66 -70.91
CA GLU C 131 -1.37 -21.03 -71.55
C GLU C 131 -0.95 -20.19 -72.75
N ASN C 132 0.16 -19.46 -72.63
CA ASN C 132 0.60 -18.54 -73.67
C ASN C 132 1.94 -18.88 -74.31
N ASN C 133 2.69 -19.84 -73.74
CA ASN C 133 4.06 -20.14 -74.17
C ASN C 133 4.98 -18.93 -74.08
N ARG C 134 4.62 -17.97 -73.23
CA ARG C 134 5.39 -16.74 -73.05
C ARG C 134 6.31 -16.90 -71.84
N THR C 135 7.51 -16.33 -71.96
CA THR C 135 8.43 -16.28 -70.82
C THR C 135 7.75 -15.53 -69.68
N TRP C 136 7.41 -16.25 -68.61
CA TRP C 136 6.53 -15.73 -67.57
C TRP C 136 7.18 -15.86 -66.21
N SER C 137 7.08 -14.82 -65.41
CA SER C 137 7.53 -14.82 -64.03
C SER C 137 6.32 -14.95 -63.10
N ASN C 138 6.54 -15.59 -61.96
CA ASN C 138 5.46 -15.88 -61.02
C ASN C 138 5.33 -14.73 -60.04
N TYR C 139 4.31 -13.89 -60.23
CA TYR C 139 3.99 -12.80 -59.33
C TYR C 139 2.69 -13.04 -58.57
N THR C 140 2.28 -14.31 -58.44
CA THR C 140 1.01 -14.61 -57.79
C THR C 140 1.07 -14.29 -56.30
N MET C 141 2.17 -14.67 -55.64
CA MET C 141 2.32 -14.41 -54.20
C MET C 141 2.40 -12.94 -53.86
N CYS C 142 2.57 -12.06 -54.86
CA CYS C 142 2.71 -10.64 -54.58
C CYS C 142 1.42 -10.05 -54.04
N ASN C 143 0.27 -10.49 -54.56
CA ASN C 143 -1.02 -9.95 -54.16
C ASN C 143 -2.04 -11.05 -53.86
N ALA C 144 -1.58 -12.25 -53.50
CA ALA C 144 -2.50 -13.33 -53.20
C ALA C 144 -3.15 -13.16 -51.84
N PHE C 145 -2.39 -12.66 -50.86
CA PHE C 145 -2.87 -12.50 -49.49
C PHE C 145 -2.99 -11.03 -49.07
N THR C 146 -3.00 -10.11 -50.04
CA THR C 146 -3.10 -8.69 -49.74
C THR C 146 -4.53 -8.28 -49.36
N PRO C 147 -5.57 -8.71 -50.09
CA PRO C 147 -6.94 -8.34 -49.66
C PRO C 147 -7.30 -8.84 -48.28
N GLU C 148 -6.78 -10.00 -47.88
CA GLU C 148 -7.06 -10.51 -46.54
C GLU C 148 -6.22 -9.79 -45.48
N LYS C 149 -4.97 -9.46 -45.83
CA LYS C 149 -4.13 -8.72 -44.89
C LYS C 149 -4.67 -7.31 -44.67
N LEU C 150 -5.24 -6.70 -45.70
CA LEU C 150 -5.80 -5.36 -45.57
C LEU C 150 -7.06 -5.38 -44.71
N LYS C 151 -7.87 -6.42 -44.83
CA LYS C 151 -9.08 -6.53 -44.02
C LYS C 151 -8.73 -6.72 -42.55
N ASN C 152 -7.69 -7.51 -42.27
CA ASN C 152 -7.26 -7.70 -40.88
C ASN C 152 -6.56 -6.46 -40.35
N ALA C 153 -5.88 -5.70 -41.21
CA ALA C 153 -5.23 -4.48 -40.76
C ALA C 153 -6.23 -3.41 -40.37
N TYR C 154 -7.42 -3.43 -40.97
CA TYR C 154 -8.45 -2.47 -40.58
C TYR C 154 -8.98 -2.77 -39.18
N VAL C 155 -9.09 -4.06 -38.84
CA VAL C 155 -9.51 -4.44 -37.49
C VAL C 155 -8.46 -4.01 -36.47
N LEU C 156 -7.18 -4.27 -36.79
CA LEU C 156 -6.11 -3.85 -35.89
C LEU C 156 -6.02 -2.33 -35.79
N TYR C 157 -6.42 -1.61 -36.85
CA TYR C 157 -6.39 -0.16 -36.82
C TYR C 157 -7.39 0.39 -35.81
N TYR C 158 -8.62 -0.10 -35.85
CA TYR C 158 -9.62 0.34 -34.88
C TYR C 158 -9.38 -0.27 -33.50
N LEU C 159 -8.76 -1.45 -33.45
CA LEU C 159 -8.35 -2.01 -32.17
C LEU C 159 -7.33 -1.14 -31.48
N ALA C 160 -6.49 -0.43 -32.24
CA ALA C 160 -5.51 0.48 -31.66
C ALA C 160 -6.17 1.76 -31.16
N ILE C 161 -7.14 2.29 -31.91
CA ILE C 161 -7.79 3.52 -31.51
C ILE C 161 -8.60 3.32 -30.24
N VAL C 162 -9.38 2.23 -30.18
CA VAL C 162 -10.19 1.96 -28.99
C VAL C 162 -9.29 1.58 -27.82
N GLY C 163 -8.24 0.81 -28.08
CA GLY C 163 -7.35 0.40 -27.01
C GLY C 163 -6.64 1.57 -26.36
N HIS C 164 -6.24 2.56 -27.16
CA HIS C 164 -5.57 3.73 -26.62
C HIS C 164 -6.56 4.73 -26.05
N SER C 165 -7.77 4.82 -26.61
CA SER C 165 -8.79 5.69 -26.06
C SER C 165 -9.26 5.21 -24.70
N LEU C 166 -9.47 3.89 -24.55
CA LEU C 166 -9.82 3.34 -23.25
C LEU C 166 -8.70 3.50 -22.25
N SER C 167 -7.45 3.44 -22.70
CA SER C 167 -6.31 3.65 -21.81
C SER C 167 -6.26 5.08 -21.30
N ILE C 168 -6.45 6.05 -22.21
CA ILE C 168 -6.41 7.46 -21.81
C ILE C 168 -7.51 7.76 -20.80
N PHE C 169 -8.70 7.19 -21.01
CA PHE C 169 -9.82 7.45 -20.11
C PHE C 169 -9.55 6.90 -18.71
N THR C 170 -9.15 5.63 -18.63
CA THR C 170 -8.97 5.01 -17.32
C THR C 170 -7.76 5.57 -16.59
N LEU C 171 -6.68 5.86 -17.31
CA LEU C 171 -5.46 6.33 -16.67
C LEU C 171 -5.60 7.77 -16.17
N VAL C 172 -6.38 8.60 -16.88
CA VAL C 172 -6.63 9.95 -16.39
C VAL C 172 -7.43 9.90 -15.09
N ILE C 173 -8.45 9.05 -15.03
CA ILE C 173 -9.20 8.87 -13.79
C ILE C 173 -8.33 8.23 -12.73
N SER C 174 -7.44 7.32 -13.14
CA SER C 174 -6.54 6.68 -12.18
C SER C 174 -5.51 7.68 -11.65
N LEU C 175 -4.99 8.54 -12.52
CA LEU C 175 -4.03 9.54 -12.08
C LEU C 175 -4.70 10.59 -11.20
N GLY C 176 -5.97 10.90 -11.46
CA GLY C 176 -6.67 11.86 -10.63
C GLY C 176 -6.88 11.38 -9.21
N ILE C 177 -7.03 10.07 -9.02
CA ILE C 177 -7.20 9.53 -7.67
C ILE C 177 -5.90 9.65 -6.88
N PHE C 178 -4.76 9.38 -7.52
CA PHE C 178 -3.48 9.43 -6.83
C PHE C 178 -3.03 10.86 -6.53
N VAL C 179 -3.43 11.73 -7.41
CA VAL C 179 -3.16 13.18 -7.18
C VAL C 179 -4.13 13.69 -6.11
N PHE C 180 -5.44 13.47 -6.18
CA PHE C 180 -6.43 14.05 -5.25
C PHE C 180 -6.31 13.48 -3.83
N PHE C 181 -6.27 12.15 -3.72
CA PHE C 181 -6.24 11.50 -2.39
C PHE C 181 -4.78 11.40 -1.98
N ARG C 182 -4.25 12.42 -1.30
CA ARG C 182 -2.83 12.45 -0.87
C ARG C 182 -2.54 11.32 0.13
N SER C 183 -3.56 10.78 0.76
CA SER C 183 -3.37 9.66 1.72
C SER C 183 -2.68 8.48 1.04
N LEU C 184 -2.99 8.21 -0.23
CA LEU C 184 -2.38 7.09 -0.99
C LEU C 184 -0.91 7.37 -1.31
N GLY C 185 -0.44 8.60 -1.14
CA GLY C 185 0.93 9.00 -1.52
C GLY C 185 2.04 8.15 -0.94
N CYS C 186 3.10 7.93 -1.73
CA CYS C 186 4.33 7.27 -1.29
C CYS C 186 5.27 7.20 -2.49
N GLN C 187 6.46 6.65 -2.26
CA GLN C 187 7.43 6.53 -3.34
C GLN C 187 6.96 5.55 -4.40
N ARG C 188 6.24 4.51 -4.01
CA ARG C 188 5.69 3.57 -4.98
C ARG C 188 4.64 4.24 -5.86
N VAL C 189 3.75 5.03 -5.25
CA VAL C 189 2.73 5.73 -6.01
C VAL C 189 3.34 6.86 -6.82
N THR C 190 4.37 7.52 -6.28
CA THR C 190 5.02 8.61 -7.00
C THR C 190 5.56 8.14 -8.34
N LEU C 191 6.19 6.96 -8.36
CA LEU C 191 6.65 6.40 -9.63
C LEU C 191 5.48 5.95 -10.50
N HIS C 192 4.36 5.60 -9.88
CA HIS C 192 3.17 5.25 -10.66
C HIS C 192 2.61 6.45 -11.41
N LYS C 193 2.74 7.65 -10.85
CA LYS C 193 2.25 8.85 -11.52
C LYS C 193 3.03 9.11 -12.81
N ASN C 194 4.35 8.95 -12.76
CA ASN C 194 5.15 9.13 -13.96
C ASN C 194 4.92 7.99 -14.96
N MET C 195 4.71 6.78 -14.45
CA MET C 195 4.42 5.64 -15.33
C MET C 195 3.07 5.83 -16.02
N PHE C 196 2.07 6.32 -15.30
CA PHE C 196 0.76 6.53 -15.90
C PHE C 196 0.79 7.67 -16.91
N LEU C 197 1.61 8.70 -16.66
CA LEU C 197 1.67 9.82 -17.59
C LEU C 197 2.33 9.43 -18.91
N THR C 198 3.28 8.49 -18.88
CA THR C 198 3.90 8.03 -20.11
C THR C 198 2.88 7.31 -20.99
N TYR C 199 2.02 6.49 -20.39
CA TYR C 199 0.98 5.80 -21.16
C TYR C 199 0.02 6.80 -21.79
N ILE C 200 -0.34 7.86 -21.05
CA ILE C 200 -1.28 8.84 -21.57
C ILE C 200 -0.67 9.62 -22.73
N LEU C 201 0.58 10.06 -22.56
CA LEU C 201 1.24 10.82 -23.62
C LEU C 201 1.54 9.95 -24.83
N ASN C 202 1.92 8.68 -24.59
CA ASN C 202 2.18 7.77 -25.71
C ASN C 202 0.91 7.46 -26.49
N SER C 203 -0.19 7.23 -25.78
CA SER C 203 -1.45 6.91 -26.45
C SER C 203 -1.98 8.11 -27.23
N MET C 204 -1.75 9.32 -26.71
CA MET C 204 -2.21 10.53 -27.41
C MET C 204 -1.48 10.71 -28.73
N ILE C 205 -0.17 10.50 -28.74
CA ILE C 205 0.60 10.67 -29.98
C ILE C 205 0.24 9.58 -30.98
N ILE C 206 -0.02 8.36 -30.50
CA ILE C 206 -0.39 7.27 -31.39
C ILE C 206 -1.73 7.53 -32.03
N ILE C 207 -2.71 8.01 -31.25
CA ILE C 207 -4.03 8.31 -31.80
C ILE C 207 -3.94 9.43 -32.84
N ILE C 208 -3.16 10.47 -32.54
CA ILE C 208 -3.00 11.57 -33.50
C ILE C 208 -2.32 11.07 -34.77
N HIS C 209 -1.32 10.20 -34.61
CA HIS C 209 -0.60 9.67 -35.76
C HIS C 209 -1.50 8.80 -36.63
N LEU C 210 -2.38 8.01 -36.00
CA LEU C 210 -3.22 7.08 -36.73
C LEU C 210 -4.43 7.76 -37.38
N VAL C 211 -4.76 8.98 -36.98
CA VAL C 211 -5.94 9.67 -37.47
C VAL C 211 -5.60 10.76 -38.47
N GLU C 212 -4.49 11.48 -38.25
CA GLU C 212 -4.14 12.60 -39.10
C GLU C 212 -2.99 12.31 -40.07
N VAL C 213 -2.14 11.33 -39.79
CA VAL C 213 -0.98 11.04 -40.60
C VAL C 213 -1.18 9.79 -41.45
N VAL C 214 -1.70 8.72 -40.87
CA VAL C 214 -1.84 7.43 -41.56
C VAL C 214 -2.85 7.51 -42.70
N PRO C 215 -4.08 7.97 -42.49
CA PRO C 215 -5.05 7.99 -43.60
C PRO C 215 -4.98 9.23 -44.50
N ASN C 216 -3.91 10.02 -44.41
CA ASN C 216 -3.76 11.24 -45.19
C ASN C 216 -2.61 11.02 -46.17
N GLY C 217 -2.93 10.54 -47.37
CA GLY C 217 -1.91 10.32 -48.38
C GLY C 217 -1.31 11.61 -48.93
N GLU C 218 -2.11 12.67 -48.97
CA GLU C 218 -1.60 13.96 -49.44
C GLU C 218 -0.53 14.51 -48.49
N LEU C 219 -0.70 14.28 -47.20
CA LEU C 219 0.29 14.76 -46.23
C LEU C 219 1.59 13.98 -46.34
N VAL C 220 1.50 12.66 -46.59
CA VAL C 220 2.71 11.85 -46.67
C VAL C 220 3.47 12.16 -47.95
N ARG C 221 2.77 12.31 -49.08
CA ARG C 221 3.43 12.63 -50.33
C ARG C 221 4.03 14.02 -50.31
N ARG C 222 3.40 14.96 -49.60
CA ARG C 222 3.97 16.30 -49.46
C ARG C 222 5.26 16.27 -48.64
N ASP C 223 5.35 15.38 -47.67
CA ASP C 223 6.52 15.23 -46.81
C ASP C 223 6.91 16.54 -46.13
N PRO C 224 6.07 17.07 -45.25
CA PRO C 224 6.43 18.29 -44.52
C PRO C 224 7.35 17.98 -43.35
N VAL C 225 7.95 19.05 -42.81
CA VAL C 225 8.79 18.89 -41.63
C VAL C 225 7.95 18.59 -40.39
N SER C 226 6.66 18.88 -40.44
CA SER C 226 5.81 18.69 -39.25
C SER C 226 5.62 17.21 -38.94
N CYS C 227 5.42 16.38 -39.97
CA CYS C 227 5.23 14.95 -39.71
C CYS C 227 6.49 14.27 -39.23
N LYS C 228 7.66 14.81 -39.54
CA LYS C 228 8.91 14.28 -39.00
C LYS C 228 9.11 14.69 -37.55
N ILE C 229 8.60 15.86 -37.16
CA ILE C 229 8.66 16.26 -35.75
C ILE C 229 7.73 15.37 -34.92
N LEU C 230 6.54 15.08 -35.43
CA LEU C 230 5.61 14.23 -34.70
C LEU C 230 6.17 12.82 -34.53
N HIS C 231 6.89 12.33 -35.54
CA HIS C 231 7.50 11.01 -35.44
C HIS C 231 8.61 11.01 -34.38
N PHE C 232 9.33 12.13 -34.25
CA PHE C 232 10.37 12.23 -33.24
C PHE C 232 9.79 12.13 -31.84
N PHE C 233 8.71 12.87 -31.58
CA PHE C 233 8.05 12.79 -30.28
C PHE C 233 7.37 11.44 -30.08
N HIS C 234 6.98 10.78 -31.18
CA HIS C 234 6.42 9.44 -31.07
C HIS C 234 7.47 8.44 -30.61
N GLN C 235 8.68 8.52 -31.18
CA GLN C 235 9.74 7.61 -30.78
C GLN C 235 10.24 7.93 -29.37
N TYR C 236 10.27 9.22 -29.01
CA TYR C 236 10.73 9.61 -27.68
C TYR C 236 9.76 9.12 -26.61
N MET C 237 8.47 9.42 -26.78
CA MET C 237 7.49 9.03 -25.77
C MET C 237 7.31 7.51 -25.71
N MET C 238 7.51 6.83 -26.84
CA MET C 238 7.48 5.36 -26.82
C MET C 238 8.61 4.79 -25.99
N ALA C 239 9.81 5.36 -26.13
CA ALA C 239 10.95 4.90 -25.35
C ALA C 239 10.78 5.23 -23.87
N CYS C 240 10.27 6.43 -23.57
CA CYS C 240 10.02 6.80 -22.18
C CYS C 240 8.98 5.89 -21.54
N ASN C 241 7.96 5.49 -22.31
CA ASN C 241 6.96 4.57 -21.80
C ASN C 241 7.55 3.21 -21.51
N TYR C 242 8.53 2.77 -22.30
CA TYR C 242 9.16 1.47 -22.08
C TYR C 242 10.22 1.56 -20.99
N PHE C 243 10.99 2.64 -20.96
CA PHE C 243 12.05 2.77 -19.96
C PHE C 243 11.46 2.94 -18.56
N TRP C 244 10.28 3.54 -18.45
CA TRP C 244 9.66 3.70 -17.14
C TRP C 244 9.15 2.36 -16.61
N MET C 245 8.85 1.41 -17.51
CA MET C 245 8.57 0.05 -17.07
C MET C 245 9.80 -0.56 -16.40
N LEU C 246 10.99 -0.27 -16.94
CA LEU C 246 12.22 -0.73 -16.30
C LEU C 246 12.45 -0.02 -14.97
N CYS C 247 12.07 1.26 -14.88
CA CYS C 247 12.22 2.00 -13.63
C CYS C 247 11.40 1.37 -12.52
N GLU C 248 10.17 0.98 -12.82
CA GLU C 248 9.34 0.27 -11.84
C GLU C 248 9.93 -1.09 -11.53
N GLY C 249 10.44 -1.78 -12.54
CA GLY C 249 11.09 -3.07 -12.30
C GLY C 249 12.33 -2.93 -11.44
N ILE C 250 13.11 -1.86 -11.66
CA ILE C 250 14.27 -1.59 -10.82
C ILE C 250 13.82 -1.27 -9.39
N TYR C 251 12.80 -0.42 -9.26
CA TYR C 251 12.33 -0.01 -7.94
C TYR C 251 11.75 -1.20 -7.16
N LEU C 252 10.94 -2.03 -7.84
CA LEU C 252 10.33 -3.17 -7.16
C LEU C 252 11.38 -4.22 -6.80
N HIS C 253 12.39 -4.36 -7.63
CA HIS C 253 13.49 -5.33 -7.35
C HIS C 253 14.30 -4.82 -6.15
N THR C 254 14.54 -3.52 -6.08
CA THR C 254 15.32 -2.92 -4.96
C THR C 254 14.56 -3.11 -3.64
N LEU C 255 13.25 -2.85 -3.61
CA LEU C 255 12.45 -3.04 -2.37
C LEU C 255 12.36 -4.51 -1.97
N ILE C 256 12.01 -5.40 -2.89
CA ILE C 256 11.78 -6.83 -2.56
C ILE C 256 13.09 -7.59 -2.32
N VAL C 257 14.12 -7.32 -3.14
CA VAL C 257 15.35 -8.15 -3.06
C VAL C 257 16.58 -7.39 -2.56
N VAL C 258 17.17 -6.49 -3.36
CA VAL C 258 18.48 -5.84 -3.04
C VAL C 258 18.53 -4.96 -1.79
N ALA C 259 17.58 -4.05 -1.60
CA ALA C 259 17.68 -3.08 -0.47
C ALA C 259 16.36 -3.01 0.28
N VAL C 260 16.02 -4.08 1.01
CA VAL C 260 14.72 -4.15 1.72
C VAL C 260 14.61 -3.09 2.83
N PHE C 261 15.67 -2.90 3.62
CA PHE C 261 15.59 -2.01 4.82
C PHE C 261 15.42 -0.51 4.56
N THR C 262 16.12 0.08 3.59
CA THR C 262 16.07 1.56 3.48
C THR C 262 14.67 2.10 3.18
N GLU C 263 14.01 1.62 2.12
CA GLU C 263 12.62 2.03 1.78
C GLU C 263 12.58 3.54 1.46
N LYS C 264 13.74 4.21 1.40
CA LYS C 264 13.78 5.65 1.03
C LYS C 264 14.87 5.78 -0.03
N GLN C 265 14.52 6.22 -1.23
CA GLN C 265 15.52 6.27 -2.31
C GLN C 265 15.49 7.63 -2.97
N ARG C 266 16.61 8.09 -3.52
CA ARG C 266 16.57 9.35 -4.29
C ARG C 266 15.84 9.00 -5.59
N LEU C 267 14.78 9.73 -5.93
CA LEU C 267 14.02 9.34 -7.15
C LEU C 267 14.59 10.03 -8.38
N ARG C 268 15.61 10.88 -8.21
CA ARG C 268 16.27 11.56 -9.35
C ARG C 268 16.74 10.56 -10.42
N TRP C 269 17.39 9.45 -10.05
CA TRP C 269 17.92 8.47 -11.01
C TRP C 269 16.79 7.83 -11.81
N TYR C 270 15.65 7.57 -11.16
CA TYR C 270 14.50 7.03 -11.88
C TYR C 270 13.95 8.06 -12.87
N TYR C 271 13.95 9.34 -12.48
CA TYR C 271 13.48 10.38 -13.38
C TYR C 271 14.41 10.54 -14.57
N LEU C 272 15.72 10.49 -14.33
CA LEU C 272 16.68 10.65 -15.42
C LEU C 272 16.64 9.46 -16.37
N LEU C 273 16.51 8.25 -15.81
CA LEU C 273 16.43 7.06 -16.66
C LEU C 273 15.12 7.01 -17.43
N GLY C 274 14.03 7.45 -16.80
CA GLY C 274 12.74 7.36 -17.45
C GLY C 274 12.50 8.45 -18.48
N TRP C 275 12.93 9.68 -18.17
CA TRP C 275 12.66 10.83 -19.03
C TRP C 275 13.88 11.34 -19.78
N GLY C 276 15.07 11.28 -19.17
CA GLY C 276 16.26 11.86 -19.79
C GLY C 276 17.01 10.93 -20.71
N PHE C 277 17.22 9.69 -20.27
CA PHE C 277 17.98 8.74 -21.07
C PHE C 277 17.34 8.40 -22.41
N PRO C 278 16.01 8.23 -22.53
CA PRO C 278 15.43 7.94 -23.86
C PRO C 278 15.73 8.99 -24.92
N LEU C 279 16.23 10.17 -24.53
CA LEU C 279 16.62 11.16 -25.52
C LEU C 279 17.86 10.73 -26.30
N VAL C 280 18.69 9.86 -25.70
CA VAL C 280 19.93 9.43 -26.35
C VAL C 280 19.62 8.55 -27.56
N PRO C 281 18.82 7.48 -27.46
CA PRO C 281 18.54 6.69 -28.66
C PRO C 281 17.65 7.42 -29.66
N THR C 282 16.83 8.36 -29.20
CA THR C 282 15.91 9.05 -30.11
C THR C 282 16.64 10.01 -31.03
N THR C 283 17.53 10.83 -30.48
CA THR C 283 18.26 11.79 -31.31
C THR C 283 19.29 11.10 -32.19
N ILE C 284 19.98 10.09 -31.65
CA ILE C 284 20.94 9.34 -32.46
C ILE C 284 20.25 8.70 -33.65
N HIS C 285 19.05 8.14 -33.43
CA HIS C 285 18.28 7.61 -34.55
C HIS C 285 17.82 8.71 -35.50
N ALA C 286 17.40 9.84 -34.94
CA ALA C 286 16.93 10.95 -35.78
C ALA C 286 18.04 11.51 -36.64
N ILE C 287 19.26 11.57 -36.10
CA ILE C 287 20.39 12.06 -36.88
C ILE C 287 20.72 11.11 -38.02
N THR C 288 20.82 9.81 -37.70
CA THR C 288 21.11 8.82 -38.74
C THR C 288 19.95 8.69 -39.72
N ARG C 289 18.72 8.94 -39.28
CA ARG C 289 17.58 8.89 -40.18
C ARG C 289 17.62 10.04 -41.18
N ALA C 290 17.98 11.24 -40.72
CA ALA C 290 18.06 12.38 -41.62
C ALA C 290 19.22 12.28 -42.61
N VAL C 291 20.17 11.37 -42.36
CA VAL C 291 21.33 11.25 -43.23
C VAL C 291 21.21 10.06 -44.17
N TYR C 292 20.91 8.87 -43.64
CA TYR C 292 20.98 7.66 -44.44
C TYR C 292 19.63 7.25 -45.03
N PHE C 293 18.56 7.25 -44.22
CA PHE C 293 17.23 6.82 -44.67
C PHE C 293 16.25 7.93 -44.35
N ASN C 294 16.16 8.92 -45.24
CA ASN C 294 15.28 10.07 -45.05
C ASN C 294 13.99 9.89 -45.87
N ASP C 295 13.21 8.88 -45.48
CA ASP C 295 11.96 8.60 -46.16
C ASP C 295 10.90 9.63 -45.76
N ASN C 296 9.78 9.59 -46.47
CA ASN C 296 8.70 10.53 -46.22
C ASN C 296 8.07 10.29 -44.85
N CYS C 297 8.16 11.29 -43.98
CA CYS C 297 7.60 11.27 -42.63
C CYS C 297 8.19 10.17 -41.75
N TRP C 298 9.30 9.55 -42.18
CA TRP C 298 9.97 8.50 -41.42
C TRP C 298 9.02 7.37 -41.06
N LEU C 299 8.18 6.98 -42.03
CA LEU C 299 7.20 5.93 -41.81
C LEU C 299 7.70 4.54 -42.18
N SER C 300 8.81 4.45 -42.91
CA SER C 300 9.31 3.15 -43.34
C SER C 300 9.87 2.36 -42.15
N VAL C 301 9.72 1.04 -42.22
CA VAL C 301 10.25 0.14 -41.21
C VAL C 301 11.26 -0.84 -41.79
N GLU C 302 11.57 -0.74 -43.08
CA GLU C 302 12.54 -1.65 -43.68
C GLU C 302 13.96 -1.35 -43.23
N THR C 303 14.23 -0.10 -42.84
CA THR C 303 15.57 0.28 -42.41
C THR C 303 15.89 -0.35 -41.06
N HIS C 304 17.16 -0.72 -40.88
CA HIS C 304 17.63 -1.27 -39.62
C HIS C 304 18.03 -0.18 -38.63
N LEU C 305 17.86 1.09 -38.97
CA LEU C 305 18.13 2.17 -38.03
C LEU C 305 17.12 2.22 -36.89
N LEU C 306 15.98 1.54 -37.04
CA LEU C 306 14.98 1.53 -35.98
C LEU C 306 15.49 0.80 -34.73
N TYR C 307 16.44 -0.13 -34.91
CA TYR C 307 16.99 -0.85 -33.77
C TYR C 307 17.87 0.02 -32.89
N ILE C 308 18.18 1.25 -33.32
CA ILE C 308 18.85 2.19 -32.43
C ILE C 308 17.93 2.56 -31.26
N ILE C 309 16.63 2.52 -31.48
CA ILE C 309 15.64 2.77 -30.44
C ILE C 309 15.05 1.48 -29.89
N HIS C 310 14.63 0.57 -30.78
CA HIS C 310 13.99 -0.66 -30.35
C HIS C 310 14.98 -1.67 -29.78
N GLY C 311 16.27 -1.52 -30.08
CA GLY C 311 17.28 -2.38 -29.51
C GLY C 311 17.43 -2.15 -28.01
N PRO C 312 17.76 -0.93 -27.61
CA PRO C 312 17.80 -0.63 -26.16
C PRO C 312 16.47 -0.87 -25.47
N VAL C 313 15.35 -0.65 -26.16
CA VAL C 313 14.04 -0.92 -25.57
C VAL C 313 13.91 -2.40 -25.24
N MET C 314 14.29 -3.26 -26.19
CA MET C 314 14.25 -4.70 -25.94
C MET C 314 15.22 -5.09 -24.82
N ALA C 315 16.37 -4.43 -24.77
CA ALA C 315 17.33 -4.71 -23.70
C ALA C 315 16.78 -4.33 -22.33
N ALA C 316 16.07 -3.19 -22.26
CA ALA C 316 15.50 -2.77 -20.99
C ALA C 316 14.38 -3.71 -20.54
N LEU C 317 13.58 -4.19 -21.49
CA LEU C 317 12.48 -5.09 -21.14
C LEU C 317 12.98 -6.50 -20.80
N VAL C 318 14.13 -6.90 -21.35
CA VAL C 318 14.71 -8.19 -20.97
C VAL C 318 15.19 -8.14 -19.53
N VAL C 319 15.75 -7.01 -19.10
CA VAL C 319 16.16 -6.86 -17.70
C VAL C 319 14.95 -6.98 -16.78
N ASN C 320 13.80 -6.46 -17.21
CA ASN C 320 12.58 -6.63 -16.43
C ASN C 320 12.17 -8.09 -16.34
N PHE C 321 12.43 -8.87 -17.39
CA PHE C 321 12.14 -10.29 -17.33
C PHE C 321 13.03 -10.99 -16.31
N PHE C 322 14.30 -10.62 -16.25
CA PHE C 322 15.20 -11.17 -15.23
C PHE C 322 14.78 -10.70 -13.84
N PHE C 323 14.28 -9.47 -13.73
CA PHE C 323 13.75 -9.00 -12.45
C PHE C 323 12.50 -9.77 -12.07
N LEU C 324 11.69 -10.16 -13.07
CA LEU C 324 10.50 -10.96 -12.80
C LEU C 324 10.86 -12.32 -12.21
N LEU C 325 11.95 -12.93 -12.71
CA LEU C 325 12.34 -14.24 -12.22
C LEU C 325 12.79 -14.18 -10.77
N ASN C 326 13.44 -13.08 -10.38
CA ASN C 326 13.91 -12.94 -8.99
C ASN C 326 12.76 -12.66 -8.05
N ILE C 327 11.77 -11.88 -8.49
CA ILE C 327 10.64 -11.52 -7.63
C ILE C 327 9.80 -12.75 -7.32
N VAL C 328 9.49 -13.54 -8.35
CA VAL C 328 8.69 -14.74 -8.13
C VAL C 328 9.48 -15.78 -7.34
N ARG C 329 10.80 -15.80 -7.50
CA ARG C 329 11.62 -16.73 -6.72
C ARG C 329 11.57 -16.40 -5.24
N VAL C 330 11.61 -15.11 -4.91
CA VAL C 330 11.48 -14.70 -3.51
C VAL C 330 10.07 -14.98 -3.01
N LEU C 331 9.06 -14.84 -3.88
CA LEU C 331 7.68 -15.04 -3.48
C LEU C 331 7.42 -16.49 -3.09
N VAL C 332 7.80 -17.43 -3.95
CA VAL C 332 7.58 -18.85 -3.64
C VAL C 332 8.43 -19.28 -2.46
N THR C 333 9.52 -18.57 -2.17
CA THR C 333 10.32 -18.88 -1.00
C THR C 333 9.59 -18.50 0.28
N LYS C 334 8.92 -17.34 0.29
CA LYS C 334 8.13 -16.95 1.46
C LYS C 334 6.97 -17.91 1.67
N MET C 335 6.39 -18.42 0.59
CA MET C 335 5.26 -19.34 0.71
C MET C 335 5.71 -20.71 1.23
N ARG C 336 6.91 -21.15 0.82
CA ARG C 336 7.44 -22.40 1.34
C ARG C 336 7.78 -22.30 2.81
N GLU C 337 8.13 -21.10 3.29
CA GLU C 337 8.41 -20.90 4.71
C GLU C 337 7.15 -20.85 5.56
N THR C 338 5.99 -20.65 4.94
CA THR C 338 4.71 -20.60 5.66
C THR C 338 3.96 -21.92 5.59
N HIS C 339 4.51 -22.93 4.92
CA HIS C 339 3.94 -24.28 4.88
C HIS C 339 2.51 -24.29 4.32
N GLU C 340 2.24 -23.45 3.32
CA GLU C 340 0.92 -23.45 2.70
C GLU C 340 0.83 -24.53 1.63
N ALA C 341 -0.39 -24.80 1.19
CA ALA C 341 -0.63 -25.87 0.22
C ALA C 341 0.00 -25.53 -1.13
N GLU C 342 0.30 -26.59 -1.89
CA GLU C 342 0.89 -26.41 -3.21
C GLU C 342 -0.11 -25.79 -4.19
N SER C 343 -1.38 -26.20 -4.09
CA SER C 343 -2.40 -25.64 -4.99
C SER C 343 -2.62 -24.16 -4.71
N HIS C 344 -2.63 -23.77 -3.43
CA HIS C 344 -2.72 -22.35 -3.10
C HIS C 344 -1.45 -21.62 -3.46
N MET C 345 -0.31 -22.31 -3.50
CA MET C 345 0.94 -21.68 -3.89
C MET C 345 0.97 -21.38 -5.39
N TYR C 346 0.47 -22.31 -6.21
CA TYR C 346 0.52 -22.12 -7.65
C TYR C 346 -0.42 -21.01 -8.11
N LEU C 347 -1.61 -20.92 -7.50
CA LEU C 347 -2.58 -19.93 -7.95
C LEU C 347 -2.09 -18.52 -7.69
N LYS C 348 -1.58 -18.25 -6.49
CA LYS C 348 -1.14 -16.90 -6.16
C LYS C 348 0.18 -16.55 -6.85
N ALA C 349 1.04 -17.55 -7.05
CA ALA C 349 2.30 -17.30 -7.75
C ALA C 349 2.05 -16.93 -9.21
N VAL C 350 1.16 -17.67 -9.88
CA VAL C 350 0.79 -17.34 -11.25
C VAL C 350 0.08 -15.99 -11.30
N LYS C 351 -0.84 -15.76 -10.36
CA LYS C 351 -1.54 -14.47 -10.30
C LYS C 351 -0.57 -13.33 -10.06
N ALA C 352 0.50 -13.57 -9.30
CA ALA C 352 1.51 -12.54 -9.10
C ALA C 352 2.22 -12.20 -10.40
N THR C 353 2.48 -13.21 -11.24
CA THR C 353 3.12 -12.96 -12.53
C THR C 353 2.22 -12.12 -13.44
N MET C 354 0.97 -12.58 -13.63
CA MET C 354 0.05 -11.85 -14.49
C MET C 354 -0.24 -10.44 -14.00
N ILE C 355 0.01 -10.17 -12.71
CA ILE C 355 -0.13 -8.82 -12.20
C ILE C 355 1.06 -7.96 -12.60
N LEU C 356 2.24 -8.56 -12.76
CA LEU C 356 3.45 -7.82 -13.06
C LEU C 356 3.75 -7.71 -14.55
N VAL C 357 3.17 -8.58 -15.38
CA VAL C 357 3.42 -8.52 -16.82
C VAL C 357 2.84 -7.26 -17.48
N PRO C 358 1.76 -6.63 -16.99
CA PRO C 358 1.39 -5.34 -17.59
C PRO C 358 2.28 -4.20 -17.13
N LEU C 359 2.77 -4.26 -15.89
CA LEU C 359 3.60 -3.16 -15.37
C LEU C 359 5.01 -3.22 -15.94
N LEU C 360 5.56 -4.42 -16.11
CA LEU C 360 6.93 -4.58 -16.59
C LEU C 360 7.02 -4.84 -18.09
N GLY C 361 5.89 -5.05 -18.76
CA GLY C 361 5.92 -5.31 -20.19
C GLY C 361 6.52 -6.65 -20.56
N ILE C 362 6.17 -7.72 -19.83
CA ILE C 362 6.73 -9.03 -20.12
C ILE C 362 6.14 -9.62 -21.39
N GLN C 363 4.99 -9.13 -21.85
CA GLN C 363 4.41 -9.62 -23.09
C GLN C 363 5.29 -9.30 -24.30
N PHE C 364 6.20 -8.33 -24.17
CA PHE C 364 7.08 -8.00 -25.28
C PHE C 364 8.25 -8.97 -25.41
N VAL C 365 8.71 -9.55 -24.31
CA VAL C 365 9.84 -10.46 -24.37
C VAL C 365 9.41 -11.92 -24.56
N VAL C 366 8.22 -12.29 -24.09
CA VAL C 366 7.76 -13.66 -24.28
C VAL C 366 7.28 -13.88 -25.71
N PHE C 367 6.83 -12.82 -26.39
CA PHE C 367 6.46 -12.88 -27.80
C PHE C 367 7.21 -11.76 -28.54
N PRO C 368 8.53 -11.90 -28.73
CA PRO C 368 9.31 -10.83 -29.34
C PRO C 368 9.46 -10.90 -30.85
N TRP C 369 9.00 -11.98 -31.48
CA TRP C 369 9.20 -12.17 -32.92
C TRP C 369 7.89 -12.64 -33.55
N ARG C 370 7.49 -11.98 -34.63
CA ARG C 370 6.27 -12.36 -35.33
C ARG C 370 6.53 -13.58 -36.19
N PRO C 371 5.69 -14.62 -36.11
CA PRO C 371 5.89 -15.81 -36.95
C PRO C 371 5.65 -15.51 -38.42
N SER C 372 6.44 -16.17 -39.26
CA SER C 372 6.30 -15.98 -40.70
C SER C 372 5.07 -16.69 -41.25
N ASN C 373 4.56 -17.68 -40.52
CA ASN C 373 3.38 -18.41 -40.95
C ASN C 373 2.17 -17.48 -41.03
N LYS C 374 1.31 -17.73 -42.02
CA LYS C 374 0.15 -16.87 -42.23
C LYS C 374 -0.89 -17.06 -41.13
N MET C 375 -1.12 -18.31 -40.71
CA MET C 375 -2.10 -18.55 -39.65
C MET C 375 -1.58 -18.12 -38.29
N LEU C 376 -0.31 -18.44 -38.00
CA LEU C 376 0.27 -18.02 -36.73
C LEU C 376 0.52 -16.51 -36.70
N GLY C 377 0.84 -15.91 -37.85
CA GLY C 377 1.06 -14.48 -37.88
C GLY C 377 -0.21 -13.68 -37.62
N LYS C 378 -1.35 -14.19 -38.09
CA LYS C 378 -2.61 -13.49 -37.87
C LYS C 378 -3.00 -13.53 -36.40
N ILE C 379 -2.87 -14.69 -35.76
CA ILE C 379 -3.18 -14.80 -34.33
C ILE C 379 -2.20 -13.98 -33.51
N TYR C 380 -0.93 -13.97 -33.93
CA TYR C 380 0.06 -13.14 -33.24
C TYR C 380 -0.29 -11.67 -33.31
N ASP C 381 -0.84 -11.23 -34.45
CA ASP C 381 -1.20 -9.82 -34.61
C ASP C 381 -2.33 -9.44 -33.66
N TYR C 382 -3.38 -10.26 -33.61
CA TYR C 382 -4.52 -9.95 -32.75
C TYR C 382 -4.17 -10.06 -31.28
N VAL C 383 -3.21 -10.93 -30.92
CA VAL C 383 -2.82 -11.06 -29.53
C VAL C 383 -1.89 -9.94 -29.10
N MET C 384 -0.88 -9.63 -29.93
CA MET C 384 0.09 -8.62 -29.56
C MET C 384 -0.52 -7.23 -29.56
N HIS C 385 -1.27 -6.89 -30.62
CA HIS C 385 -1.89 -5.58 -30.69
C HIS C 385 -2.88 -5.36 -29.55
N SER C 386 -3.56 -6.42 -29.11
CA SER C 386 -4.46 -6.30 -27.97
C SER C 386 -3.68 -6.01 -26.68
N LEU C 387 -2.57 -6.73 -26.48
CA LEU C 387 -1.78 -6.52 -25.27
C LEU C 387 -1.08 -5.17 -25.28
N ILE C 388 -0.60 -4.73 -26.44
CA ILE C 388 0.13 -3.48 -26.54
C ILE C 388 -0.80 -2.30 -26.34
N HIS C 389 -1.89 -2.25 -27.12
CA HIS C 389 -2.76 -1.08 -27.11
C HIS C 389 -3.59 -0.99 -25.83
N PHE C 390 -3.89 -2.12 -25.21
CA PHE C 390 -4.64 -2.14 -23.96
C PHE C 390 -3.74 -2.25 -22.73
N GLN C 391 -2.43 -2.04 -22.89
CA GLN C 391 -1.52 -2.16 -21.76
C GLN C 391 -1.78 -1.07 -20.73
N GLY C 392 -2.02 0.16 -21.18
CA GLY C 392 -2.31 1.23 -20.24
C GLY C 392 -3.59 1.00 -19.47
N PHE C 393 -4.59 0.40 -20.12
CA PHE C 393 -5.85 0.10 -19.44
C PHE C 393 -5.65 -1.01 -18.41
N PHE C 394 -4.79 -1.98 -18.70
CA PHE C 394 -4.56 -3.08 -17.77
C PHE C 394 -3.85 -2.60 -16.52
N VAL C 395 -2.86 -1.71 -16.67
CA VAL C 395 -2.11 -1.24 -15.50
C VAL C 395 -2.99 -0.37 -14.61
N ALA C 396 -3.86 0.45 -15.23
CA ALA C 396 -4.74 1.31 -14.44
C ALA C 396 -5.76 0.49 -13.66
N THR C 397 -6.29 -0.58 -14.25
CA THR C 397 -7.28 -1.39 -13.58
C THR C 397 -6.66 -2.21 -12.44
N ILE C 398 -5.47 -2.76 -12.66
CA ILE C 398 -4.87 -3.67 -11.68
C ILE C 398 -4.33 -2.88 -10.49
N TYR C 399 -3.54 -1.85 -10.76
CA TYR C 399 -2.79 -1.16 -9.71
C TYR C 399 -3.55 0.00 -9.08
N CYS C 400 -4.62 0.49 -9.70
CA CYS C 400 -5.41 1.57 -9.12
C CYS C 400 -6.84 1.18 -8.82
N PHE C 401 -7.55 0.60 -9.80
CA PHE C 401 -8.95 0.26 -9.58
C PHE C 401 -9.10 -0.95 -8.66
N CYS C 402 -8.31 -1.99 -8.89
CA CYS C 402 -8.39 -3.21 -8.10
C CYS C 402 -7.49 -3.18 -6.87
N ASN C 403 -6.85 -2.05 -6.59
CA ASN C 403 -5.99 -1.93 -5.42
C ASN C 403 -6.84 -1.71 -4.17
N ASN C 404 -6.69 -2.59 -3.18
CA ASN C 404 -7.54 -2.51 -2.00
C ASN C 404 -7.26 -1.25 -1.18
N GLU C 405 -6.00 -0.79 -1.16
CA GLU C 405 -5.69 0.45 -0.46
C GLU C 405 -6.38 1.64 -1.12
N VAL C 406 -6.49 1.65 -2.45
CA VAL C 406 -7.17 2.73 -3.14
C VAL C 406 -8.68 2.62 -2.94
N GLN C 407 -9.22 1.39 -3.00
CA GLN C 407 -10.65 1.19 -2.87
C GLN C 407 -11.14 1.62 -1.49
N THR C 408 -10.48 1.15 -0.43
CA THR C 408 -10.89 1.51 0.93
C THR C 408 -10.82 3.01 1.16
N THR C 409 -9.91 3.70 0.46
CA THR C 409 -9.86 5.15 0.55
C THR C 409 -11.03 5.80 -0.18
N VAL C 410 -11.44 5.22 -1.32
CA VAL C 410 -12.56 5.77 -2.07
C VAL C 410 -13.87 5.56 -1.33
N LYS C 411 -14.08 4.36 -0.79
CA LYS C 411 -15.32 4.09 -0.07
C LYS C 411 -15.44 4.94 1.19
N ARG C 412 -14.31 5.29 1.81
CA ARG C 412 -14.36 6.09 3.03
C ARG C 412 -14.56 7.57 2.72
N GLN C 413 -13.87 8.09 1.70
CA GLN C 413 -13.93 9.50 1.35
C GLN C 413 -15.06 9.81 0.37
N TRP C 414 -15.89 8.83 0.03
CA TRP C 414 -16.97 9.07 -0.93
C TRP C 414 -18.02 10.04 -0.37
N ALA C 415 -18.20 10.06 0.95
CA ALA C 415 -19.18 10.95 1.55
C ALA C 415 -18.78 12.41 1.40
N GLN C 416 -17.49 12.72 1.61
CA GLN C 416 -17.02 14.10 1.50
C GLN C 416 -16.90 14.55 0.05
N PHE C 417 -16.83 13.62 -0.89
CA PHE C 417 -16.72 13.97 -2.30
C PHE C 417 -18.09 14.05 -2.96
N ASP D 11 3.55 45.81 10.60
CA ASP D 11 2.36 45.48 11.38
C ASP D 11 1.78 44.11 10.99
N GLN D 12 0.76 44.10 10.13
CA GLN D 12 0.15 42.83 9.75
C GLN D 12 1.01 42.06 8.77
N ARG D 13 1.78 42.77 7.93
CA ARG D 13 2.62 42.07 6.95
C ARG D 13 3.87 41.48 7.60
N ASN D 14 4.44 42.18 8.59
CA ASN D 14 5.67 41.72 9.20
C ASN D 14 5.44 40.51 10.11
N GLU D 15 4.26 40.44 10.75
CA GLU D 15 4.01 39.35 11.68
C GLU D 15 3.73 38.04 10.95
N GLU D 16 2.90 38.10 9.90
CA GLU D 16 2.58 36.88 9.15
C GLU D 16 3.80 36.36 8.40
N LYS D 17 4.64 37.25 7.87
CA LYS D 17 5.84 36.81 7.18
C LYS D 17 6.85 36.20 8.13
N ALA D 18 6.93 36.71 9.36
CA ALA D 18 7.80 36.09 10.36
C ALA D 18 7.29 34.71 10.78
N GLN D 19 5.97 34.49 10.68
CA GLN D 19 5.42 33.18 11.00
C GLN D 19 5.67 32.19 9.87
N ARG D 20 5.68 32.66 8.62
CA ARG D 20 5.96 31.77 7.50
C ARG D 20 7.42 31.34 7.47
N GLU D 21 8.33 32.25 7.81
CA GLU D 21 9.75 31.88 7.87
C GLU D 21 10.02 30.95 9.04
N ALA D 22 9.29 31.11 10.15
CA ALA D 22 9.43 30.18 11.26
C ALA D 22 8.84 28.82 10.93
N ASN D 23 7.77 28.79 10.13
CA ASN D 23 7.17 27.51 9.75
C ASN D 23 8.09 26.75 8.79
N LYS D 24 8.67 27.43 7.80
CA LYS D 24 9.54 26.74 6.86
C LYS D 24 10.83 26.29 7.52
N LYS D 25 11.25 26.95 8.61
CA LYS D 25 12.41 26.47 9.35
C LYS D 25 12.07 25.21 10.13
N ILE D 26 10.85 25.10 10.64
CA ILE D 26 10.44 23.92 11.38
C ILE D 26 10.33 22.72 10.44
N GLU D 27 9.63 22.88 9.32
CA GLU D 27 9.50 21.78 8.36
C GLU D 27 10.85 21.38 7.78
N LYS D 28 11.80 22.32 7.70
CA LYS D 28 13.15 21.98 7.29
C LYS D 28 13.80 21.03 8.31
N GLN D 29 13.56 21.27 9.60
CA GLN D 29 14.05 20.36 10.62
C GLN D 29 13.25 19.07 10.65
N LEU D 30 11.93 19.16 10.39
CA LEU D 30 11.10 17.96 10.37
C LEU D 30 11.48 17.05 9.20
N GLN D 31 12.01 17.59 8.12
CA GLN D 31 12.49 16.76 7.03
C GLN D 31 13.69 15.94 7.44
N LYS D 32 14.61 16.54 8.23
CA LYS D 32 15.75 15.79 8.73
C LYS D 32 15.31 14.77 9.77
N ASP D 33 14.30 15.09 10.58
CA ASP D 33 13.79 14.13 11.55
C ASP D 33 13.05 12.99 10.88
N LYS D 34 12.46 13.24 9.71
CA LYS D 34 11.70 12.20 9.03
C LYS D 34 12.62 11.10 8.49
N GLN D 35 13.76 11.48 7.91
CA GLN D 35 14.66 10.47 7.37
C GLN D 35 15.30 9.65 8.49
N VAL D 36 15.53 10.26 9.65
CA VAL D 36 16.10 9.52 10.77
C VAL D 36 15.07 8.59 11.38
N TYR D 37 13.83 9.05 11.54
CA TYR D 37 12.79 8.23 12.13
C TYR D 37 12.42 7.05 11.23
N ARG D 38 12.31 7.31 9.92
CA ARG D 38 11.92 6.25 8.98
C ARG D 38 13.04 5.23 8.77
N ALA D 39 14.28 5.58 9.10
CA ALA D 39 15.40 4.67 8.88
C ALA D 39 15.59 3.67 10.00
N THR D 40 15.27 4.04 11.23
CA THR D 40 15.43 3.14 12.37
C THR D 40 14.18 2.28 12.54
N HIS D 41 14.40 1.04 12.97
CA HIS D 41 13.32 0.09 13.21
C HIS D 41 13.13 -0.07 14.72
N ARG D 42 11.92 0.20 15.18
CA ARG D 42 11.61 0.12 16.60
C ARG D 42 11.11 -1.27 16.97
N LEU D 43 11.55 -1.76 18.13
CA LEU D 43 11.20 -3.09 18.59
C LEU D 43 10.71 -3.01 20.04
N LEU D 44 9.80 -3.93 20.38
CA LEU D 44 9.27 -4.05 21.74
C LEU D 44 9.69 -5.39 22.31
N LEU D 45 10.34 -5.36 23.47
CA LEU D 45 10.76 -6.57 24.16
C LEU D 45 9.78 -6.86 25.29
N LEU D 46 9.20 -8.06 25.28
CA LEU D 46 8.24 -8.48 26.29
C LEU D 46 8.61 -9.85 26.82
N GLY D 47 8.31 -10.07 28.09
CA GLY D 47 8.61 -11.34 28.73
C GLY D 47 8.46 -11.23 30.22
N ALA D 48 8.51 -12.39 30.87
CA ALA D 48 8.40 -12.45 32.32
C ALA D 48 9.69 -11.94 32.97
N GLY D 49 9.63 -11.82 34.30
CA GLY D 49 10.80 -11.34 35.03
C GLY D 49 11.96 -12.32 35.01
N GLU D 50 11.65 -13.62 35.03
CA GLU D 50 12.66 -14.67 34.99
C GLU D 50 12.71 -15.36 33.63
N SER D 51 12.17 -14.72 32.59
CA SER D 51 12.20 -15.32 31.25
C SER D 51 13.57 -15.22 30.61
N GLY D 52 14.44 -14.34 31.11
CA GLY D 52 15.77 -14.15 30.56
C GLY D 52 15.91 -12.96 29.65
N LYS D 53 14.89 -12.11 29.55
CA LYS D 53 14.97 -10.96 28.65
C LYS D 53 16.02 -9.95 29.11
N ASN D 54 16.17 -9.78 30.42
CA ASN D 54 17.15 -8.82 30.93
C ASN D 54 18.57 -9.25 30.62
N THR D 55 18.84 -10.56 30.60
CA THR D 55 20.17 -11.04 30.22
C THR D 55 20.45 -10.78 28.75
N ILE D 56 19.41 -10.84 27.90
CA ILE D 56 19.60 -10.55 26.48
C ILE D 56 19.86 -9.07 26.26
N VAL D 57 19.30 -8.20 27.11
CA VAL D 57 19.53 -6.76 26.96
C VAL D 57 20.97 -6.41 27.28
N LYS D 58 21.48 -6.89 28.41
CA LYS D 58 22.87 -6.59 28.78
C LYS D 58 23.84 -7.21 27.78
N GLN D 59 23.51 -8.38 27.25
CA GLN D 59 24.30 -8.97 26.18
C GLN D 59 24.01 -8.33 24.83
N MET D 60 22.93 -7.56 24.71
CA MET D 60 22.50 -6.95 23.46
C MET D 60 22.39 -8.00 22.34
N THR D 204 11.30 4.16 39.41
CA THR D 204 12.38 4.45 38.48
C THR D 204 11.83 4.78 37.08
N SER D 205 12.62 4.50 36.05
CA SER D 205 12.21 4.77 34.69
C SER D 205 11.08 3.83 34.27
N GLY D 206 10.08 4.38 33.57
CA GLY D 206 8.96 3.59 33.11
C GLY D 206 9.24 2.76 31.87
N ILE D 207 10.30 3.07 31.14
CA ILE D 207 10.65 2.33 29.93
C ILE D 207 12.13 2.55 29.66
N PHE D 208 12.81 1.47 29.26
CA PHE D 208 14.23 1.51 28.94
C PHE D 208 14.42 1.46 27.43
N GLU D 209 15.54 2.01 26.96
CA GLU D 209 15.86 2.07 25.55
C GLU D 209 17.19 1.38 25.29
N THR D 210 17.25 0.63 24.19
CA THR D 210 18.47 -0.06 23.78
C THR D 210 18.63 0.10 22.28
N LYS D 211 19.72 0.73 21.86
CA LYS D 211 19.98 1.02 20.45
C LYS D 211 21.22 0.25 19.99
N PHE D 212 21.02 -0.65 19.04
CA PHE D 212 22.11 -1.39 18.43
C PHE D 212 22.03 -1.24 16.91
N GLN D 213 23.13 -1.57 16.24
CA GLN D 213 23.23 -1.39 14.79
C GLN D 213 23.78 -2.66 14.16
N VAL D 214 23.07 -3.17 13.16
CA VAL D 214 23.44 -4.40 12.47
C VAL D 214 23.50 -4.10 10.98
N ASP D 215 24.69 -4.27 10.39
CA ASP D 215 24.91 -3.98 8.98
C ASP D 215 24.52 -2.54 8.65
N LYS D 216 24.92 -1.62 9.53
CA LYS D 216 24.63 -0.20 9.42
C LYS D 216 23.14 0.10 9.40
N VAL D 217 22.31 -0.84 9.84
CA VAL D 217 20.87 -0.63 9.97
C VAL D 217 20.57 -0.38 11.44
N ASN D 218 19.93 0.75 11.73
CA ASN D 218 19.68 1.17 13.10
C ASN D 218 18.43 0.49 13.67
N PHE D 219 18.55 -0.01 14.89
CA PHE D 219 17.45 -0.62 15.61
C PHE D 219 17.28 0.08 16.96
N HIS D 220 16.03 0.19 17.41
CA HIS D 220 15.70 0.84 18.67
C HIS D 220 14.77 -0.09 19.45
N MET D 221 15.36 -0.90 20.33
CA MET D 221 14.59 -1.84 21.15
C MET D 221 14.24 -1.20 22.47
N PHE D 222 12.97 -1.32 22.86
CA PHE D 222 12.46 -0.71 24.09
C PHE D 222 12.05 -1.79 25.07
N ASP D 223 12.40 -1.59 26.34
CA ASP D 223 12.06 -2.52 27.41
C ASP D 223 11.17 -1.81 28.43
N VAL D 224 10.08 -2.48 28.81
CA VAL D 224 9.12 -1.90 29.74
C VAL D 224 9.71 -1.93 31.14
N GLY D 225 9.78 -0.76 31.78
CA GLY D 225 10.35 -0.65 33.11
C GLY D 225 9.33 -0.63 34.22
N ALA D 226 9.14 0.54 34.84
CA ALA D 226 8.23 0.66 35.96
C ALA D 226 6.78 0.81 35.55
N GLN D 227 6.17 -0.29 35.11
CA GLN D 227 4.76 -0.32 34.76
C GLN D 227 4.08 -1.48 35.46
N ARG D 228 2.80 -1.32 35.73
CA ARG D 228 2.05 -2.37 36.42
C ARG D 228 1.80 -3.55 35.49
N ASP D 229 1.38 -4.66 36.09
CA ASP D 229 1.14 -5.88 35.33
C ASP D 229 -0.09 -5.82 34.43
N GLU D 230 -0.87 -4.75 34.49
CA GLU D 230 -2.00 -4.55 33.60
C GLU D 230 -1.48 -3.93 32.31
N ARG D 231 -1.53 -4.69 31.21
CA ARG D 231 -0.92 -4.29 29.95
C ARG D 231 -1.92 -3.85 28.90
N ARG D 232 -3.23 -4.01 29.14
CA ARG D 232 -4.21 -3.81 28.07
C ARG D 232 -4.24 -2.37 27.57
N LYS D 233 -3.69 -1.42 28.31
CA LYS D 233 -3.73 0.00 27.92
C LYS D 233 -2.42 0.46 27.28
N TRP D 234 -1.29 0.28 27.97
CA TRP D 234 -0.04 0.83 27.45
C TRP D 234 0.52 0.02 26.29
N ILE D 235 0.07 -1.22 26.10
CA ILE D 235 0.55 -2.03 24.98
C ILE D 235 0.04 -1.53 23.64
N GLN D 236 -0.97 -0.67 23.63
CA GLN D 236 -1.47 -0.12 22.36
C GLN D 236 -0.50 0.86 21.73
N CYS D 237 0.48 1.37 22.49
CA CYS D 237 1.45 2.31 21.95
C CYS D 237 2.43 1.64 20.99
N PHE D 238 2.55 0.32 21.04
CA PHE D 238 3.51 -0.41 20.22
C PHE D 238 2.84 -1.10 19.04
N ASN D 239 1.83 -0.47 18.45
CA ASN D 239 1.16 -1.06 17.29
C ASN D 239 1.91 -0.82 15.99
N ASP D 240 2.83 0.14 15.96
CA ASP D 240 3.57 0.47 14.74
C ASP D 240 5.02 -0.01 14.79
N VAL D 241 5.40 -0.78 15.80
CA VAL D 241 6.76 -1.30 15.87
C VAL D 241 6.98 -2.33 14.78
N THR D 242 8.25 -2.54 14.43
CA THR D 242 8.57 -3.53 13.40
C THR D 242 8.22 -4.94 13.85
N ALA D 243 8.55 -5.28 15.10
CA ALA D 243 8.25 -6.60 15.64
C ALA D 243 8.26 -6.53 17.15
N ILE D 244 7.55 -7.48 17.76
CA ILE D 244 7.53 -7.64 19.21
C ILE D 244 8.34 -8.87 19.56
N ILE D 245 9.41 -8.67 20.33
CA ILE D 245 10.29 -9.77 20.73
C ILE D 245 9.72 -10.37 22.01
N PHE D 246 9.06 -11.51 21.88
CA PHE D 246 8.42 -12.20 23.01
C PHE D 246 9.35 -13.29 23.51
N VAL D 247 9.87 -13.11 24.73
CA VAL D 247 10.80 -14.06 25.34
C VAL D 247 10.02 -14.95 26.30
N VAL D 248 10.16 -16.26 26.11
CA VAL D 248 9.49 -17.25 26.95
C VAL D 248 10.53 -18.19 27.53
N ALA D 249 10.44 -18.43 28.83
CA ALA D 249 11.33 -19.37 29.51
C ALA D 249 10.80 -20.78 29.30
N SER D 250 11.45 -21.53 28.41
CA SER D 250 11.04 -22.88 28.10
C SER D 250 11.35 -23.83 29.26
N ASN D 264 2.73 -22.90 36.70
CA ASN D 264 2.76 -23.10 35.26
C ASN D 264 3.04 -21.79 34.53
N ARG D 265 4.31 -21.38 34.52
CA ARG D 265 4.68 -20.15 33.84
C ARG D 265 4.59 -20.27 32.33
N LEU D 266 4.64 -21.49 31.80
CA LEU D 266 4.53 -21.67 30.35
C LEU D 266 3.10 -21.41 29.87
N GLN D 267 2.10 -21.85 30.64
CA GLN D 267 0.72 -21.58 30.26
C GLN D 267 0.40 -20.10 30.36
N ALA D 268 1.00 -19.40 31.33
CA ALA D 268 0.79 -17.97 31.45
C ALA D 268 1.35 -17.23 30.24
N ALA D 269 2.51 -17.68 29.74
CA ALA D 269 3.07 -17.07 28.55
C ALA D 269 2.24 -17.38 27.31
N LEU D 270 1.64 -18.58 27.27
CA LEU D 270 0.76 -18.92 26.15
C LEU D 270 -0.49 -18.05 26.15
N LYS D 271 -1.01 -17.72 27.32
CA LYS D 271 -2.18 -16.85 27.39
C LYS D 271 -1.83 -15.42 27.03
N LEU D 272 -0.66 -14.95 27.46
CA LEU D 272 -0.22 -13.61 27.10
C LEU D 272 0.06 -13.50 25.60
N PHE D 273 0.64 -14.55 25.01
CA PHE D 273 0.87 -14.56 23.57
C PHE D 273 -0.44 -14.56 22.80
N ASP D 274 -1.44 -15.27 23.31
CA ASP D 274 -2.75 -15.29 22.65
C ASP D 274 -3.40 -13.92 22.70
N SER D 275 -3.23 -13.19 23.80
CA SER D 275 -3.82 -11.86 23.91
C SER D 275 -3.11 -10.87 22.99
N ILE D 276 -1.79 -10.94 22.91
CA ILE D 276 -1.04 -10.06 22.02
C ILE D 276 -1.36 -10.38 20.56
N TRP D 277 -1.42 -11.66 20.22
CA TRP D 277 -1.66 -12.06 18.84
C TRP D 277 -3.06 -11.70 18.37
N ASN D 278 -4.05 -11.74 19.26
CA ASN D 278 -5.42 -11.48 18.91
C ASN D 278 -5.89 -10.08 19.29
N ASN D 279 -4.98 -9.22 19.74
CA ASN D 279 -5.35 -7.85 20.06
C ASN D 279 -5.69 -7.08 18.79
N LYS D 280 -6.75 -6.28 18.86
CA LYS D 280 -7.24 -5.57 17.68
C LYS D 280 -6.17 -4.62 17.12
N TRP D 281 -5.45 -3.92 18.00
CA TRP D 281 -4.46 -2.96 17.55
C TRP D 281 -3.12 -3.60 17.22
N LEU D 282 -2.91 -4.86 17.62
CA LEU D 282 -1.68 -5.58 17.32
C LEU D 282 -1.88 -6.65 16.25
N ARG D 283 -2.97 -6.55 15.49
CA ARG D 283 -3.27 -7.55 14.46
C ARG D 283 -2.29 -7.51 13.30
N ASP D 284 -1.63 -6.37 13.06
CA ASP D 284 -0.69 -6.22 11.97
C ASP D 284 0.76 -6.18 12.45
N THR D 285 1.02 -6.58 13.68
CA THR D 285 2.36 -6.55 14.26
C THR D 285 2.89 -7.98 14.37
N SER D 286 4.02 -8.24 13.73
CA SER D 286 4.64 -9.55 13.83
C SER D 286 5.32 -9.72 15.19
N VAL D 287 5.51 -10.98 15.57
CA VAL D 287 6.08 -11.33 16.87
C VAL D 287 7.27 -12.24 16.65
N ILE D 288 8.43 -11.83 17.17
CA ILE D 288 9.62 -12.67 17.16
C ILE D 288 9.64 -13.43 18.48
N LEU D 289 9.42 -14.74 18.40
CA LEU D 289 9.28 -15.59 19.58
C LEU D 289 10.64 -16.19 19.93
N PHE D 290 11.17 -15.80 21.10
CA PHE D 290 12.43 -16.32 21.61
C PHE D 290 12.11 -17.36 22.68
N LEU D 291 12.16 -18.63 22.29
CA LEU D 291 11.99 -19.73 23.25
C LEU D 291 13.28 -19.86 24.03
N ASN D 292 13.39 -19.06 25.09
CA ASN D 292 14.64 -18.94 25.84
C ASN D 292 14.84 -20.14 26.76
N LYS D 293 16.04 -20.21 27.33
CA LYS D 293 16.41 -21.25 28.30
C LYS D 293 16.26 -22.64 27.72
N GLN D 294 16.87 -22.85 26.54
CA GLN D 294 16.86 -24.17 25.93
C GLN D 294 17.80 -25.13 26.65
N ASP D 295 18.89 -24.62 27.23
CA ASP D 295 19.80 -25.48 27.96
C ASP D 295 19.20 -25.93 29.28
N LEU D 296 18.43 -25.05 29.93
CA LEU D 296 17.77 -25.43 31.17
C LEU D 296 16.63 -26.41 30.92
N LEU D 297 15.98 -26.32 29.76
CA LEU D 297 14.94 -27.27 29.42
C LEU D 297 15.51 -28.67 29.20
N ALA D 298 16.69 -28.75 28.58
CA ALA D 298 17.30 -30.04 28.33
C ALA D 298 17.65 -30.76 29.62
N GLU D 299 18.11 -30.01 30.62
CA GLU D 299 18.48 -30.62 31.89
C GLU D 299 17.27 -31.21 32.60
N LYS D 300 16.09 -30.60 32.42
CA LYS D 300 14.89 -31.10 33.06
C LYS D 300 14.31 -32.31 32.34
N VAL D 301 14.44 -32.36 31.01
CA VAL D 301 13.92 -33.50 30.26
C VAL D 301 14.84 -34.71 30.43
N LEU D 302 16.16 -34.49 30.42
CA LEU D 302 17.09 -35.60 30.60
C LEU D 302 17.01 -36.17 32.01
N ALA D 303 16.64 -35.35 33.00
CA ALA D 303 16.53 -35.84 34.37
C ALA D 303 15.34 -36.78 34.51
N GLY D 304 14.19 -36.39 33.99
CA GLY D 304 12.99 -37.19 34.07
C GLY D 304 12.18 -37.02 35.34
N LYS D 305 12.51 -36.04 36.18
CA LYS D 305 11.75 -35.82 37.41
C LYS D 305 10.50 -34.98 37.15
N SER D 306 10.63 -33.93 36.32
CA SER D 306 9.51 -33.05 36.00
C SER D 306 9.10 -33.32 34.55
N LYS D 307 8.04 -34.09 34.38
CA LYS D 307 7.56 -34.47 33.06
C LYS D 307 6.54 -33.46 32.56
N ILE D 308 6.46 -33.31 31.24
CA ILE D 308 5.61 -32.28 30.63
C ILE D 308 4.17 -32.75 30.54
N GLU D 309 3.94 -34.05 30.31
CA GLU D 309 2.58 -34.52 30.05
C GLU D 309 1.64 -34.36 31.24
N ASP D 310 2.18 -34.18 32.45
CA ASP D 310 1.31 -33.92 33.58
C ASP D 310 0.75 -32.50 33.53
N TYR D 311 1.47 -31.57 32.90
CA TYR D 311 1.00 -30.21 32.72
C TYR D 311 0.44 -29.95 31.32
N PHE D 312 0.71 -30.85 30.37
CA PHE D 312 0.16 -30.76 29.02
C PHE D 312 -0.17 -32.17 28.57
N PRO D 313 -1.40 -32.63 28.80
CA PRO D 313 -1.74 -34.03 28.50
C PRO D 313 -1.57 -34.41 27.04
N GLU D 314 -1.67 -33.44 26.12
CA GLU D 314 -1.48 -33.74 24.71
C GLU D 314 -0.03 -34.03 24.34
N PHE D 315 0.91 -33.82 25.26
CA PHE D 315 2.31 -34.10 24.97
C PHE D 315 2.60 -35.59 24.92
N ALA D 316 1.81 -36.39 25.65
CA ALA D 316 2.03 -37.83 25.64
C ALA D 316 1.78 -38.43 24.26
N ARG D 317 0.79 -37.91 23.54
CA ARG D 317 0.48 -38.35 22.20
C ARG D 317 1.14 -37.48 21.12
N TYR D 318 2.10 -36.65 21.51
CA TYR D 318 2.77 -35.76 20.57
C TYR D 318 4.01 -36.44 20.00
N THR D 319 4.20 -36.29 18.70
CA THR D 319 5.35 -36.84 18.00
C THR D 319 6.17 -35.72 17.38
N THR D 320 7.48 -35.92 17.31
CA THR D 320 8.36 -34.93 16.73
C THR D 320 8.07 -34.79 15.23
N PRO D 321 7.84 -33.59 14.73
CA PRO D 321 7.64 -33.42 13.29
C PRO D 321 8.93 -33.75 12.52
N GLU D 322 8.75 -34.33 11.34
CA GLU D 322 9.90 -34.69 10.52
C GLU D 322 10.58 -33.46 9.94
N ASP D 323 9.87 -32.33 9.88
CA ASP D 323 10.47 -31.08 9.42
C ASP D 323 11.34 -30.42 10.47
N ALA D 324 11.50 -31.04 11.65
CA ALA D 324 12.34 -30.47 12.69
C ALA D 324 13.82 -30.59 12.34
N THR D 325 14.60 -29.61 12.79
CA THR D 325 16.04 -29.58 12.57
C THR D 325 16.74 -29.70 13.92
N PRO D 326 16.92 -30.92 14.43
CA PRO D 326 17.59 -31.08 15.72
C PRO D 326 19.08 -30.82 15.61
N GLU D 327 19.63 -30.25 16.68
CA GLU D 327 21.05 -29.96 16.72
C GLU D 327 21.86 -31.26 16.82
N PRO D 328 23.06 -31.30 16.24
CA PRO D 328 23.87 -32.52 16.31
C PRO D 328 24.29 -32.81 17.75
N GLY D 329 24.07 -34.05 18.16
CA GLY D 329 24.39 -34.46 19.53
C GLY D 329 23.36 -34.04 20.55
N GLU D 330 22.08 -34.19 20.24
CA GLU D 330 21.00 -33.83 21.15
C GLU D 330 20.04 -35.01 21.27
N ASP D 331 19.59 -35.27 22.50
CA ASP D 331 18.69 -36.39 22.73
C ASP D 331 17.34 -36.13 22.09
N PRO D 332 16.73 -37.14 21.46
CA PRO D 332 15.41 -36.94 20.84
C PRO D 332 14.33 -36.53 21.83
N ARG D 333 14.49 -36.87 23.12
CA ARG D 333 13.51 -36.44 24.12
C ARG D 333 13.53 -34.93 24.29
N VAL D 334 14.71 -34.32 24.19
CA VAL D 334 14.81 -32.86 24.28
C VAL D 334 14.23 -32.22 23.01
N THR D 335 14.46 -32.84 21.86
CA THR D 335 13.92 -32.31 20.61
C THR D 335 12.39 -32.36 20.60
N ARG D 336 11.82 -33.48 21.07
CA ARG D 336 10.37 -33.58 21.14
C ARG D 336 9.78 -32.61 22.15
N ALA D 337 10.53 -32.28 23.20
CA ALA D 337 10.02 -31.37 24.23
C ALA D 337 10.00 -29.93 23.73
N LYS D 338 11.13 -29.46 23.19
CA LYS D 338 11.21 -28.07 22.76
C LYS D 338 10.33 -27.78 21.55
N TYR D 339 10.14 -28.78 20.67
CA TYR D 339 9.27 -28.58 19.52
C TYR D 339 7.80 -28.67 19.89
N PHE D 340 7.47 -29.39 20.96
CA PHE D 340 6.09 -29.39 21.45
C PHE D 340 5.70 -28.02 21.99
N ILE D 341 6.62 -27.38 22.73
CA ILE D 341 6.36 -26.03 23.24
C ILE D 341 6.22 -25.05 22.08
N ARG D 342 7.03 -25.22 21.04
CA ARG D 342 6.93 -24.36 19.87
C ARG D 342 5.59 -24.51 19.18
N ASP D 343 5.11 -25.76 19.05
CA ASP D 343 3.82 -25.99 18.40
C ASP D 343 2.66 -25.43 19.22
N GLU D 344 2.83 -25.31 20.54
CA GLU D 344 1.80 -24.70 21.37
C GLU D 344 1.63 -23.22 21.03
N PHE D 345 2.75 -22.54 20.72
CA PHE D 345 2.67 -21.15 20.30
C PHE D 345 2.26 -21.04 18.84
N LEU D 346 2.71 -21.97 18.00
CA LEU D 346 2.36 -21.93 16.58
C LEU D 346 0.88 -22.19 16.37
N ARG D 347 0.24 -22.99 17.22
CA ARG D 347 -1.18 -23.24 17.08
C ARG D 347 -2.00 -21.97 17.30
N ILE D 348 -1.50 -21.07 18.15
CA ILE D 348 -2.19 -19.79 18.35
C ILE D 348 -1.95 -18.86 17.17
N SER D 349 -0.71 -18.83 16.67
CA SER D 349 -0.38 -17.93 15.57
C SER D 349 -1.07 -18.33 14.28
N THR D 350 -1.07 -19.62 13.95
CA THR D 350 -1.70 -20.09 12.73
C THR D 350 -3.22 -20.12 12.80
N ALA D 351 -3.81 -19.75 13.94
CA ALA D 351 -5.26 -19.75 14.06
C ALA D 351 -5.87 -18.46 13.51
N SER D 352 -5.25 -17.32 13.78
CA SER D 352 -5.75 -16.02 13.35
C SER D 352 -4.66 -15.21 12.65
N GLY D 353 -3.86 -15.87 11.81
CA GLY D 353 -2.82 -15.16 11.09
C GLY D 353 -3.38 -14.23 10.04
N ASP D 354 -4.24 -14.74 9.16
CA ASP D 354 -4.92 -13.97 8.12
C ASP D 354 -3.94 -13.29 7.16
N GLY D 355 -2.69 -13.75 7.14
CA GLY D 355 -1.70 -13.19 6.23
C GLY D 355 -1.30 -11.76 6.54
N ARG D 356 -1.67 -11.26 7.71
CA ARG D 356 -1.33 -9.91 8.12
C ARG D 356 -0.06 -9.86 8.95
N HIS D 357 0.15 -10.85 9.82
CA HIS D 357 1.34 -10.92 10.65
C HIS D 357 1.74 -12.38 10.82
N TYR D 358 3.00 -12.59 11.16
CA TYR D 358 3.54 -13.93 11.32
C TYR D 358 4.40 -14.00 12.58
N CYS D 359 4.58 -15.22 13.08
CA CYS D 359 5.38 -15.48 14.26
C CYS D 359 6.67 -16.17 13.84
N TYR D 360 7.79 -15.70 14.39
CA TYR D 360 9.12 -16.24 14.07
C TYR D 360 9.69 -16.92 15.32
N PRO D 361 9.44 -18.21 15.51
CA PRO D 361 9.97 -18.89 16.70
C PRO D 361 11.44 -19.21 16.56
N HIS D 362 12.15 -19.17 17.69
CA HIS D 362 13.57 -19.45 17.74
C HIS D 362 13.92 -20.10 19.08
N PHE D 363 14.69 -21.19 19.02
CA PHE D 363 15.23 -21.80 20.23
C PHE D 363 16.50 -21.06 20.61
N THR D 364 16.42 -20.21 21.62
CA THR D 364 17.50 -19.31 21.97
C THR D 364 17.94 -19.53 23.41
N CYS D 365 19.16 -19.09 23.71
CA CYS D 365 19.68 -19.06 25.07
C CYS D 365 19.97 -17.62 25.48
N ALA D 366 20.12 -17.42 26.78
CA ALA D 366 20.36 -16.07 27.30
C ALA D 366 21.71 -15.55 26.84
N VAL D 367 22.70 -16.42 26.70
CA VAL D 367 24.06 -16.03 26.35
C VAL D 367 24.34 -16.27 24.86
N ASP D 368 23.30 -16.51 24.07
CA ASP D 368 23.48 -16.74 22.64
C ASP D 368 23.85 -15.43 21.93
N THR D 369 24.93 -15.48 21.14
CA THR D 369 25.31 -14.34 20.32
C THR D 369 24.51 -14.25 19.03
N GLU D 370 23.74 -15.28 18.69
CA GLU D 370 22.96 -15.29 17.46
C GLU D 370 21.63 -14.55 17.60
N ASN D 371 21.27 -14.11 18.81
CA ASN D 371 19.97 -13.46 19.01
C ASN D 371 19.86 -12.16 18.22
N ILE D 372 20.98 -11.44 18.08
CA ILE D 372 20.97 -10.22 17.28
C ILE D 372 20.75 -10.55 15.79
N ARG D 373 21.43 -11.59 15.30
CA ARG D 373 21.28 -11.96 13.89
C ARG D 373 19.89 -12.50 13.61
N ARG D 374 19.26 -13.17 14.58
CA ARG D 374 17.90 -13.67 14.38
C ARG D 374 16.91 -12.53 14.22
N VAL D 375 17.06 -11.48 15.03
CA VAL D 375 16.16 -10.33 14.92
C VAL D 375 16.37 -9.60 13.60
N PHE D 376 17.63 -9.44 13.19
CA PHE D 376 17.92 -8.74 11.93
C PHE D 376 17.35 -9.51 10.74
N ASN D 377 17.48 -10.84 10.75
CA ASN D 377 16.96 -11.64 9.65
C ASN D 377 15.43 -11.66 9.66
N ASP D 378 14.83 -11.73 10.86
CA ASP D 378 13.38 -11.73 10.94
C ASP D 378 12.80 -10.38 10.55
N CYS D 379 13.45 -9.29 10.94
CA CYS D 379 12.97 -7.97 10.56
C CYS D 379 13.05 -7.77 9.05
N ARG D 380 14.09 -8.30 8.41
CA ARG D 380 14.19 -8.21 6.96
C ARG D 380 13.05 -8.96 6.28
N ASP D 381 12.64 -10.08 6.85
CA ASP D 381 11.50 -10.82 6.30
C ASP D 381 10.20 -10.06 6.50
N ILE D 382 10.07 -9.33 7.62
CA ILE D 382 8.85 -8.58 7.87
C ILE D 382 8.72 -7.42 6.89
N ILE D 383 9.81 -6.69 6.66
CA ILE D 383 9.78 -5.58 5.72
C ILE D 383 9.55 -6.08 4.30
N GLN D 384 10.09 -7.26 3.98
CA GLN D 384 9.87 -7.84 2.66
C GLN D 384 8.41 -8.21 2.45
N ARG D 385 7.78 -8.79 3.47
CA ARG D 385 6.37 -9.16 3.35
C ARG D 385 5.47 -7.93 3.31
N MET D 386 5.89 -6.84 3.95
CA MET D 386 5.12 -5.60 3.88
C MET D 386 5.13 -5.03 2.47
N HIS D 387 6.31 -4.97 1.85
CA HIS D 387 6.40 -4.47 0.48
C HIS D 387 5.66 -5.37 -0.49
N LEU D 388 5.71 -6.69 -0.26
CA LEU D 388 4.97 -7.61 -1.11
C LEU D 388 3.47 -7.43 -0.94
N ARG D 389 3.02 -7.01 0.25
CA ARG D 389 1.59 -6.82 0.46
C ARG D 389 1.11 -5.52 -0.16
N GLN D 390 1.96 -4.47 -0.16
CA GLN D 390 1.58 -3.22 -0.79
C GLN D 390 1.37 -3.38 -2.29
N TYR D 391 2.17 -4.24 -2.93
CA TYR D 391 1.98 -4.56 -4.33
C TYR D 391 0.99 -5.68 -4.55
N GLU D 392 0.36 -6.19 -3.48
CA GLU D 392 -0.62 -7.26 -3.56
C GLU D 392 -0.05 -8.50 -4.25
N LEU D 393 1.22 -8.79 -3.99
CA LEU D 393 1.85 -9.99 -4.50
C LEU D 393 1.74 -11.17 -3.54
N LEU D 394 1.50 -10.91 -2.26
CA LEU D 394 1.40 -11.97 -1.27
C LEU D 394 0.39 -11.60 -0.18
N SER E 12 -14.00 -14.09 60.81
CA SER E 12 -13.09 -13.20 60.09
C SER E 12 -13.61 -11.78 60.06
N GLU E 13 -12.79 -10.83 60.54
CA GLU E 13 -13.19 -9.43 60.53
C GLU E 13 -13.25 -8.88 59.11
N LEU E 14 -12.43 -9.41 58.20
CA LEU E 14 -12.48 -8.96 56.82
C LEU E 14 -13.81 -9.31 56.17
N ASP E 15 -14.37 -10.48 56.51
CA ASP E 15 -15.67 -10.86 55.98
C ASP E 15 -16.77 -9.95 56.50
N GLN E 16 -16.64 -9.47 57.74
CA GLN E 16 -17.57 -8.45 58.24
C GLN E 16 -17.36 -7.12 57.51
N LEU E 17 -16.11 -6.77 57.22
CA LEU E 17 -15.85 -5.62 56.38
C LEU E 17 -16.36 -5.82 54.97
N ARG E 18 -16.33 -7.07 54.49
CA ARG E 18 -17.01 -7.39 53.23
C ARG E 18 -18.51 -7.28 53.38
N GLN E 19 -19.05 -7.66 54.55
CA GLN E 19 -20.48 -7.55 54.78
C GLN E 19 -20.91 -6.10 54.93
N GLU E 20 -20.16 -5.31 55.69
CA GLU E 20 -20.54 -3.91 55.90
C GLU E 20 -20.42 -3.10 54.63
N ALA E 21 -19.48 -3.45 53.75
CA ALA E 21 -19.36 -2.75 52.48
C ALA E 21 -20.60 -2.96 51.61
N GLU E 22 -21.12 -4.18 51.60
CA GLU E 22 -22.33 -4.45 50.83
C GLU E 22 -23.54 -3.72 51.40
N GLN E 23 -23.57 -3.51 52.72
CA GLN E 23 -24.66 -2.75 53.32
C GLN E 23 -24.60 -1.29 52.91
N LEU E 24 -23.40 -0.71 52.89
CA LEU E 24 -23.27 0.68 52.49
C LEU E 24 -23.55 0.86 51.01
N LYS E 25 -23.08 -0.07 50.17
CA LYS E 25 -23.38 0.01 48.74
C LYS E 25 -24.88 -0.17 48.47
N ASN E 26 -25.55 -0.98 49.30
CA ASN E 26 -27.01 -1.08 49.18
C ASN E 26 -27.70 0.17 49.67
N GLN E 27 -27.11 0.87 50.63
CA GLN E 27 -27.69 2.12 51.11
C GLN E 27 -27.55 3.23 50.06
N ILE E 28 -26.38 3.32 49.42
CA ILE E 28 -26.18 4.33 48.39
C ILE E 28 -27.06 4.05 47.18
N ARG E 29 -27.22 2.77 46.82
CA ARG E 29 -28.06 2.42 45.69
C ARG E 29 -29.51 2.81 45.92
N ASP E 30 -30.02 2.56 47.13
CA ASP E 30 -31.40 2.95 47.45
C ASP E 30 -31.52 4.45 47.60
N ALA E 31 -30.48 5.12 48.10
CA ALA E 31 -30.51 6.57 48.22
C ALA E 31 -30.55 7.23 46.84
N ARG E 32 -29.86 6.65 45.85
CA ARG E 32 -29.92 7.18 44.50
C ARG E 32 -31.24 6.84 43.82
N LYS E 33 -31.82 5.68 44.14
CA LYS E 33 -33.10 5.31 43.56
C LYS E 33 -34.23 6.21 44.06
N ALA E 34 -34.13 6.70 45.30
CA ALA E 34 -35.16 7.57 45.83
C ALA E 34 -35.16 8.93 45.13
N CYS E 35 -34.02 9.38 44.64
CA CYS E 35 -33.92 10.65 43.92
C CYS E 35 -34.25 10.51 42.44
N ALA E 36 -34.38 9.29 41.93
CA ALA E 36 -34.66 9.08 40.51
C ALA E 36 -36.18 9.04 40.27
N ASP E 37 -36.78 10.23 40.39
CA ASP E 37 -38.21 10.36 40.16
C ASP E 37 -38.53 10.36 38.67
N ALA E 38 -37.81 11.15 37.89
CA ALA E 38 -37.99 11.20 36.45
C ALA E 38 -36.63 11.22 35.76
N THR E 39 -36.55 10.58 34.60
CA THR E 39 -35.29 10.49 33.89
C THR E 39 -35.06 11.74 33.04
N LEU E 40 -33.84 11.85 32.49
CA LEU E 40 -33.51 12.99 31.64
C LEU E 40 -34.30 12.96 30.34
N SER E 41 -34.60 11.78 29.82
CA SER E 41 -35.37 11.70 28.57
C SER E 41 -36.79 12.22 28.75
N GLN E 42 -37.40 11.99 29.91
CA GLN E 42 -38.76 12.46 30.15
C GLN E 42 -38.80 13.98 30.29
N ILE E 43 -37.75 14.58 30.85
CA ILE E 43 -37.72 16.04 31.00
C ILE E 43 -37.50 16.71 29.66
N THR E 44 -36.59 16.16 28.84
CA THR E 44 -36.28 16.70 27.52
C THR E 44 -37.08 16.03 26.41
N ASN E 45 -38.29 15.56 26.72
CA ASN E 45 -39.09 14.88 25.71
C ASN E 45 -39.79 15.87 24.78
N ASN E 46 -40.07 17.08 25.25
CA ASN E 46 -40.83 18.05 24.48
C ASN E 46 -39.97 19.12 23.80
N ILE E 47 -38.66 19.12 24.06
CA ILE E 47 -37.79 20.11 23.43
C ILE E 47 -37.49 19.69 21.99
N ASP E 48 -37.29 20.68 21.13
CA ASP E 48 -37.04 20.39 19.72
C ASP E 48 -35.62 19.84 19.55
N PRO E 49 -35.43 18.88 18.66
CA PRO E 49 -34.08 18.36 18.43
C PRO E 49 -33.20 19.38 17.73
N VAL E 50 -31.89 19.19 17.87
CA VAL E 50 -30.94 20.11 17.25
C VAL E 50 -30.93 19.94 15.74
N GLY E 51 -31.26 18.75 15.24
CA GLY E 51 -31.26 18.48 13.82
C GLY E 51 -29.97 17.83 13.35
N ARG E 52 -29.82 17.79 12.04
CA ARG E 52 -28.65 17.21 11.42
C ARG E 52 -27.48 18.19 11.50
N ILE E 53 -26.43 17.80 12.22
CA ILE E 53 -25.23 18.61 12.34
C ILE E 53 -24.23 18.16 11.29
N GLN E 54 -23.92 19.04 10.34
CA GLN E 54 -23.01 18.73 9.24
C GLN E 54 -21.79 19.66 9.33
N MET E 55 -20.78 19.22 10.08
CA MET E 55 -19.53 19.95 10.15
C MET E 55 -18.62 19.53 9.00
N ARG E 56 -17.72 20.44 8.63
CA ARG E 56 -16.79 20.22 7.54
C ARG E 56 -15.36 20.43 8.02
N THR E 57 -14.44 19.67 7.44
CA THR E 57 -13.02 19.81 7.77
C THR E 57 -12.48 21.08 7.13
N ARG E 58 -12.19 22.09 7.97
CA ARG E 58 -11.68 23.36 7.47
C ARG E 58 -10.17 23.40 7.38
N ARG E 59 -9.47 22.69 8.27
CA ARG E 59 -8.02 22.68 8.27
C ARG E 59 -7.53 21.24 8.47
N THR E 60 -6.38 20.95 7.86
CA THR E 60 -5.73 19.65 7.99
C THR E 60 -4.27 19.88 8.37
N LEU E 61 -3.93 19.58 9.62
CA LEU E 61 -2.59 19.83 10.14
C LEU E 61 -1.71 18.62 9.84
N ARG E 62 -0.68 18.86 9.02
CA ARG E 62 0.19 17.79 8.46
C ARG E 62 1.64 18.07 8.88
N GLY E 63 2.37 17.03 9.31
CA GLY E 63 3.72 17.20 9.80
C GLY E 63 4.14 16.15 10.81
N HIS E 64 3.17 15.56 11.50
CA HIS E 64 3.48 14.50 12.45
C HIS E 64 3.90 13.23 11.71
N LEU E 65 4.89 12.54 12.26
CA LEU E 65 5.45 11.35 11.63
C LEU E 65 4.87 10.05 12.17
N ALA E 66 4.21 10.08 13.33
CA ALA E 66 3.65 8.89 13.93
C ALA E 66 2.24 9.20 14.42
N LYS E 67 1.63 8.22 15.09
CA LYS E 67 0.26 8.38 15.56
C LYS E 67 0.16 9.46 16.62
N ILE E 68 -0.90 10.25 16.54
CA ILE E 68 -1.16 11.32 17.50
C ILE E 68 -1.97 10.76 18.65
N TYR E 69 -1.50 11.00 19.87
CA TYR E 69 -2.14 10.47 21.07
C TYR E 69 -3.01 11.47 21.81
N ALA E 70 -2.65 12.75 21.80
CA ALA E 70 -3.42 13.74 22.55
C ALA E 70 -3.20 15.12 21.94
N MET E 71 -4.12 16.02 22.27
CA MET E 71 -4.04 17.42 21.86
C MET E 71 -4.78 18.26 22.89
N HIS E 72 -4.53 19.57 22.86
CA HIS E 72 -5.19 20.48 23.79
C HIS E 72 -5.21 21.88 23.18
N TRP E 73 -6.39 22.49 23.15
CA TRP E 73 -6.51 23.86 22.67
C TRP E 73 -5.95 24.84 23.68
N GLY E 74 -5.41 25.95 23.17
CA GLY E 74 -5.05 27.05 24.02
C GLY E 74 -6.27 27.88 24.40
N THR E 75 -6.10 28.71 25.44
CA THR E 75 -7.20 29.54 25.89
C THR E 75 -7.56 30.63 24.90
N ASP E 76 -6.66 30.96 23.97
CA ASP E 76 -6.95 31.93 22.92
C ASP E 76 -7.76 31.33 21.77
N SER E 77 -8.07 30.03 21.83
CA SER E 77 -8.86 29.34 20.82
C SER E 77 -8.21 29.39 19.44
N ARG E 78 -6.92 29.72 19.36
CA ARG E 78 -6.19 29.78 18.11
C ARG E 78 -5.01 28.82 18.08
N LEU E 79 -4.18 28.82 19.11
CA LEU E 79 -3.03 27.93 19.18
C LEU E 79 -3.41 26.62 19.85
N LEU E 80 -2.80 25.54 19.39
CA LEU E 80 -3.04 24.22 19.95
C LEU E 80 -1.76 23.41 19.89
N VAL E 81 -1.57 22.55 20.88
CA VAL E 81 -0.42 21.66 20.96
C VAL E 81 -0.89 20.24 20.70
N SER E 82 -0.06 19.47 20.00
CA SER E 82 -0.38 18.08 19.67
C SER E 82 0.80 17.19 20.03
N ALA E 83 0.49 15.99 20.52
CA ALA E 83 1.50 15.02 20.93
C ALA E 83 1.41 13.80 20.03
N SER E 84 2.53 13.45 19.40
CA SER E 84 2.61 12.27 18.55
C SER E 84 3.75 11.37 19.04
N GLN E 85 3.59 10.08 18.82
CA GLN E 85 4.54 9.09 19.32
C GLN E 85 5.86 9.08 18.55
N ASP E 86 6.07 10.02 17.63
CA ASP E 86 7.36 10.18 16.97
C ASP E 86 8.36 10.95 17.82
N GLY E 87 7.95 11.45 18.99
CA GLY E 87 8.83 12.21 19.84
C GLY E 87 8.84 13.71 19.58
N LYS E 88 7.70 14.28 19.20
CA LYS E 88 7.61 15.69 18.84
C LYS E 88 6.35 16.31 19.42
N LEU E 89 6.50 17.50 19.99
CA LEU E 89 5.38 18.35 20.36
C LEU E 89 5.32 19.53 19.40
N ILE E 90 4.22 19.64 18.66
CA ILE E 90 4.06 20.68 17.65
C ILE E 90 2.94 21.62 18.11
N ILE E 91 3.23 22.91 18.08
CA ILE E 91 2.25 23.95 18.42
C ILE E 91 1.80 24.59 17.11
N TRP E 92 0.53 24.42 16.78
CA TRP E 92 -0.01 24.87 15.50
C TRP E 92 -0.77 26.18 15.66
N ASP E 93 -0.75 26.98 14.60
CA ASP E 93 -1.64 28.13 14.47
C ASP E 93 -2.82 27.68 13.62
N SER E 94 -3.93 27.36 14.28
CA SER E 94 -5.07 26.77 13.59
C SER E 94 -5.63 27.67 12.49
N TYR E 95 -5.38 28.97 12.55
CA TYR E 95 -5.90 29.88 11.53
C TYR E 95 -5.12 29.75 10.23
N THR E 96 -3.79 29.77 10.32
CA THR E 96 -2.92 29.76 9.15
C THR E 96 -2.22 28.43 8.93
N THR E 97 -2.47 27.43 9.77
CA THR E 97 -1.87 26.10 9.71
C THR E 97 -0.36 26.12 9.88
N ASN E 98 0.23 27.27 10.18
CA ASN E 98 1.68 27.35 10.37
C ASN E 98 2.08 26.74 11.71
N LYS E 99 3.24 26.09 11.73
CA LYS E 99 3.78 25.51 12.94
C LYS E 99 4.54 26.58 13.72
N VAL E 100 4.17 26.78 14.98
CA VAL E 100 4.82 27.80 15.81
C VAL E 100 6.05 27.24 16.50
N HIS E 101 5.97 26.03 17.03
CA HIS E 101 7.10 25.40 17.71
C HIS E 101 7.08 23.90 17.45
N ALA E 102 8.28 23.32 17.38
CA ALA E 102 8.46 21.88 17.28
C ALA E 102 9.41 21.44 18.38
N ILE E 103 8.88 20.78 19.40
CA ILE E 103 9.61 20.43 20.60
C ILE E 103 10.01 18.96 20.53
N PRO E 104 11.29 18.64 20.37
CA PRO E 104 11.71 17.23 20.41
C PRO E 104 11.69 16.71 21.84
N LEU E 105 11.06 15.55 22.03
CA LEU E 105 10.89 14.97 23.35
C LEU E 105 11.99 13.97 23.66
N ARG E 106 12.37 13.90 24.93
CA ARG E 106 13.39 12.94 25.35
C ARG E 106 12.89 11.51 25.20
N SER E 107 11.61 11.28 25.50
CA SER E 107 10.98 9.99 25.32
C SER E 107 9.88 10.12 24.27
N SER E 108 9.94 9.27 23.24
CA SER E 108 8.99 9.35 22.14
C SER E 108 7.62 8.76 22.48
N TRP E 109 7.50 8.03 23.58
CA TRP E 109 6.24 7.38 23.94
C TRP E 109 5.38 8.30 24.79
N VAL E 110 5.03 9.44 24.21
CA VAL E 110 4.17 10.41 24.86
C VAL E 110 2.72 9.99 24.68
N MET E 111 1.92 10.14 25.74
CA MET E 111 0.52 9.77 25.72
C MET E 111 -0.43 10.90 26.05
N THR E 112 0.07 12.06 26.48
CA THR E 112 -0.77 13.19 26.83
C THR E 112 0.01 14.48 26.68
N CYS E 113 -0.71 15.57 26.49
CA CYS E 113 -0.12 16.89 26.41
C CYS E 113 -1.12 17.92 26.91
N ALA E 114 -0.60 19.02 27.47
CA ALA E 114 -1.44 20.05 28.05
C ALA E 114 -0.94 21.41 27.63
N TYR E 115 -1.86 22.37 27.58
CA TYR E 115 -1.56 23.77 27.26
C TYR E 115 -1.96 24.62 28.45
N ALA E 116 -0.98 25.35 29.00
CA ALA E 116 -1.26 26.18 30.16
C ALA E 116 -2.25 27.29 29.80
N PRO E 117 -3.13 27.68 30.71
CA PRO E 117 -4.09 28.75 30.39
C PRO E 117 -3.42 30.07 30.04
N SER E 118 -2.26 30.35 30.61
CA SER E 118 -1.52 31.56 30.26
C SER E 118 -0.80 31.46 28.92
N GLY E 119 -0.73 30.26 28.34
CA GLY E 119 -0.03 30.07 27.08
C GLY E 119 1.47 30.12 27.15
N ASN E 120 2.04 30.16 28.35
CA ASN E 120 3.48 30.26 28.52
C ASN E 120 4.17 28.91 28.68
N TYR E 121 3.41 27.85 28.95
CA TYR E 121 4.00 26.54 29.21
C TYR E 121 3.15 25.46 28.55
N VAL E 122 3.82 24.36 28.20
CA VAL E 122 3.15 23.15 27.73
C VAL E 122 3.71 21.97 28.51
N ALA E 123 2.88 20.95 28.69
CA ALA E 123 3.27 19.75 29.43
C ALA E 123 3.06 18.53 28.55
N CYS E 124 3.76 17.46 28.88
CA CYS E 124 3.61 16.19 28.17
C CYS E 124 4.14 15.07 29.04
N GLY E 125 3.69 13.86 28.74
CA GLY E 125 4.11 12.70 29.48
C GLY E 125 3.59 11.43 28.83
N GLY E 126 4.09 10.30 29.32
CA GLY E 126 3.72 9.02 28.76
C GLY E 126 4.34 7.84 29.47
N LEU E 127 4.87 6.88 28.71
CA LEU E 127 5.47 5.68 29.28
C LEU E 127 6.71 5.99 30.11
N ASP E 128 7.26 7.19 30.03
CA ASP E 128 8.44 7.56 30.81
C ASP E 128 8.10 7.86 32.27
N ASN E 129 6.82 7.86 32.63
CA ASN E 129 6.35 8.12 33.99
C ASN E 129 6.75 9.51 34.49
N ILE E 130 7.04 10.44 33.59
CA ILE E 130 7.48 11.78 33.94
C ILE E 130 6.63 12.80 33.19
N CYS E 131 6.16 13.81 33.90
CA CYS E 131 5.45 14.94 33.31
C CYS E 131 6.45 16.07 33.11
N SER E 132 6.75 16.37 31.84
CA SER E 132 7.76 17.35 31.48
C SER E 132 7.11 18.68 31.18
N ILE E 133 7.59 19.74 31.81
CA ILE E 133 7.10 21.10 31.61
C ILE E 133 8.06 21.84 30.70
N TYR E 134 7.55 22.42 29.62
CA TYR E 134 8.36 23.14 28.65
C TYR E 134 8.00 24.61 28.68
N ASN E 135 9.02 25.48 28.72
CA ASN E 135 8.82 26.91 28.75
C ASN E 135 8.80 27.45 27.32
N LEU E 136 7.70 28.12 26.96
CA LEU E 136 7.54 28.66 25.61
C LEU E 136 7.92 30.13 25.50
N LYS E 137 8.03 30.85 26.61
CA LYS E 137 8.27 32.28 26.61
C LYS E 137 9.64 32.62 27.17
N THR E 138 10.65 31.83 26.81
CA THR E 138 12.00 32.14 27.21
C THR E 138 12.53 33.34 26.41
N ARG E 139 13.30 34.19 27.08
CA ARG E 139 13.82 35.39 26.44
C ARG E 139 14.88 35.08 25.40
N GLU E 140 15.46 33.87 25.41
CA GLU E 140 16.44 33.50 24.40
C GLU E 140 15.77 33.20 23.06
N GLY E 141 14.51 32.79 23.06
CA GLY E 141 13.79 32.47 21.85
C GLY E 141 13.62 30.99 21.56
N ASN E 142 14.23 30.12 22.35
CA ASN E 142 14.10 28.69 22.18
C ASN E 142 13.17 28.10 23.24
N VAL E 143 12.77 26.85 23.01
CA VAL E 143 11.90 26.13 23.93
C VAL E 143 12.73 25.04 24.61
N ARG E 144 12.84 25.12 25.93
CA ARG E 144 13.61 24.16 26.71
C ARG E 144 12.76 23.68 27.89
N VAL E 145 13.01 22.43 28.30
CA VAL E 145 12.27 21.86 29.43
C VAL E 145 12.66 22.61 30.69
N SER E 146 11.66 23.04 31.46
CA SER E 146 11.89 23.79 32.68
C SER E 146 11.81 22.93 33.94
N ARG E 147 11.04 21.85 33.90
CA ARG E 147 10.89 20.98 35.06
C ARG E 147 10.42 19.61 34.60
N GLU E 148 10.95 18.57 35.24
CA GLU E 148 10.56 17.19 35.00
C GLU E 148 9.95 16.64 36.27
N LEU E 149 8.63 16.45 36.26
CA LEU E 149 7.90 16.00 37.44
C LEU E 149 7.93 14.47 37.50
N ALA E 150 8.70 13.94 38.45
CA ALA E 150 8.84 12.51 38.64
C ALA E 150 8.25 12.10 39.98
N GLY E 151 7.87 10.84 40.08
CA GLY E 151 7.27 10.32 41.30
C GLY E 151 6.18 9.30 41.04
N HIS E 152 5.61 9.32 39.84
CA HIS E 152 4.61 8.33 39.47
C HIS E 152 5.29 7.01 39.16
N THR E 153 4.65 5.90 39.56
CA THR E 153 5.14 4.57 39.28
C THR E 153 4.45 3.93 38.09
N GLY E 154 3.74 4.72 37.30
CA GLY E 154 3.09 4.22 36.10
C GLY E 154 3.12 5.27 35.01
N TYR E 155 2.67 4.87 33.82
CA TYR E 155 2.70 5.76 32.68
C TYR E 155 1.76 6.94 32.88
N LEU E 156 2.16 8.09 32.34
CA LEU E 156 1.35 9.30 32.43
C LEU E 156 0.26 9.25 31.37
N SER E 157 -1.00 9.33 31.80
CA SER E 157 -2.14 9.22 30.89
C SER E 157 -2.78 10.57 30.58
N CYS E 158 -2.77 11.52 31.51
CA CYS E 158 -3.37 12.82 31.28
C CYS E 158 -2.77 13.83 32.24
N CYS E 159 -2.75 15.09 31.81
CA CYS E 159 -2.25 16.19 32.63
C CYS E 159 -2.99 17.46 32.24
N ARG E 160 -3.28 18.30 33.24
CA ARG E 160 -4.01 19.53 33.02
C ARG E 160 -3.48 20.60 33.96
N PHE E 161 -3.21 21.79 33.41
CA PHE E 161 -2.69 22.88 34.22
C PHE E 161 -3.80 23.54 35.02
N LEU E 162 -3.52 23.78 36.30
CA LEU E 162 -4.36 24.67 37.10
C LEU E 162 -3.91 26.12 36.96
N ASP E 163 -2.60 26.35 36.96
CA ASP E 163 -1.99 27.65 36.72
C ASP E 163 -0.56 27.40 36.25
N ASP E 164 0.24 28.47 36.22
CA ASP E 164 1.63 28.34 35.79
C ASP E 164 2.48 27.56 36.80
N ASN E 165 1.97 27.35 38.02
CA ASN E 165 2.74 26.67 39.05
C ASN E 165 2.11 25.37 39.53
N GLN E 166 0.89 25.05 39.10
CA GLN E 166 0.19 23.86 39.54
C GLN E 166 -0.35 23.09 38.34
N ILE E 167 -0.25 21.76 38.41
CA ILE E 167 -0.75 20.89 37.35
C ILE E 167 -1.17 19.57 37.98
N VAL E 168 -2.33 19.06 37.53
CA VAL E 168 -2.87 17.79 38.00
C VAL E 168 -2.60 16.74 36.94
N THR E 169 -2.13 15.58 37.38
CA THR E 169 -1.76 14.49 36.49
C THR E 169 -2.47 13.20 36.89
N SER E 170 -2.71 12.35 35.89
CA SER E 170 -3.22 11.02 36.11
C SER E 170 -2.23 10.01 35.54
N SER E 171 -2.14 8.85 36.19
CA SER E 171 -1.12 7.87 35.84
C SER E 171 -1.69 6.46 35.94
N GLY E 172 -1.02 5.52 35.27
CA GLY E 172 -1.41 4.13 35.28
C GLY E 172 -1.19 3.43 36.60
N ASP E 173 -0.63 4.11 37.59
CA ASP E 173 -0.43 3.54 38.92
C ASP E 173 -1.68 3.66 39.79
N THR E 174 -2.85 3.85 39.18
CA THR E 174 -4.16 3.96 39.83
C THR E 174 -4.29 5.21 40.70
N THR E 175 -3.36 6.15 40.59
CA THR E 175 -3.38 7.35 41.42
C THR E 175 -3.29 8.62 40.56
N CYS E 176 -3.79 9.71 41.13
CA CYS E 176 -3.61 11.05 40.58
C CYS E 176 -2.80 11.88 41.56
N ALA E 177 -2.22 12.97 41.07
CA ALA E 177 -1.34 13.78 41.89
C ALA E 177 -1.46 15.24 41.51
N LEU E 178 -1.34 16.11 42.51
CA LEU E 178 -1.24 17.55 42.32
C LEU E 178 0.22 17.97 42.52
N TRP E 179 0.78 18.67 41.54
CA TRP E 179 2.19 18.97 41.51
C TRP E 179 2.45 20.45 41.72
N ASP E 180 3.49 20.76 42.49
CA ASP E 180 4.02 22.12 42.58
C ASP E 180 5.18 22.23 41.59
N ILE E 181 4.97 22.99 40.52
CA ILE E 181 5.96 23.04 39.43
C ILE E 181 7.26 23.68 39.92
N GLU E 182 7.17 24.65 40.82
CA GLU E 182 8.37 25.33 41.30
C GLU E 182 9.29 24.37 42.05
N THR E 183 8.72 23.57 42.94
CA THR E 183 9.52 22.62 43.71
C THR E 183 9.61 21.24 43.07
N GLY E 184 8.72 20.91 42.15
CA GLY E 184 8.73 19.60 41.52
C GLY E 184 8.30 18.47 42.42
N GLN E 185 7.57 18.76 43.49
CA GLN E 185 7.13 17.75 44.44
C GLN E 185 5.61 17.62 44.40
N GLN E 186 5.12 16.43 44.72
CA GLN E 186 3.69 16.18 44.77
C GLN E 186 3.07 16.85 45.99
N THR E 187 2.14 17.78 45.75
CA THR E 187 1.46 18.45 46.86
C THR E 187 0.38 17.56 47.46
N THR E 188 -0.43 16.91 46.62
CA THR E 188 -1.51 16.05 47.08
C THR E 188 -1.61 14.84 46.17
N THR E 189 -1.86 13.68 46.75
CA THR E 189 -1.98 12.43 46.01
C THR E 189 -3.38 11.87 46.20
N PHE E 190 -4.00 11.45 45.10
CA PHE E 190 -5.35 10.89 45.09
C PHE E 190 -5.24 9.40 44.79
N THR E 191 -5.62 8.57 45.75
CA THR E 191 -5.38 7.12 45.72
C THR E 191 -6.66 6.35 45.89
N GLY E 192 -7.69 6.71 45.13
CA GLY E 192 -8.98 6.04 45.24
C GLY E 192 -9.21 4.95 44.22
N HIS E 193 -8.72 5.15 43.00
CA HIS E 193 -8.97 4.19 41.93
C HIS E 193 -8.19 2.91 42.13
N THR E 194 -8.71 1.82 41.55
CA THR E 194 -8.06 0.52 41.59
C THR E 194 -7.46 0.11 40.25
N GLY E 195 -7.75 0.84 39.18
CA GLY E 195 -7.19 0.56 37.87
C GLY E 195 -6.50 1.78 37.29
N ASP E 196 -5.93 1.58 36.10
CA ASP E 196 -5.21 2.66 35.42
C ASP E 196 -6.13 3.84 35.17
N VAL E 197 -5.78 4.99 35.73
CA VAL E 197 -6.53 6.22 35.49
C VAL E 197 -6.15 6.75 34.12
N MET E 198 -7.14 6.84 33.23
CA MET E 198 -6.88 7.14 31.82
C MET E 198 -7.04 8.63 31.49
N SER E 199 -7.89 9.36 32.20
CA SER E 199 -8.14 10.75 31.84
C SER E 199 -8.66 11.49 33.05
N LEU E 200 -8.55 12.82 32.99
CA LEU E 200 -9.06 13.70 34.02
C LEU E 200 -9.61 14.96 33.37
N SER E 201 -10.54 15.61 34.07
CA SER E 201 -11.17 16.83 33.59
C SER E 201 -11.31 17.81 34.75
N LEU E 202 -10.86 19.04 34.53
CA LEU E 202 -10.90 20.06 35.58
C LEU E 202 -12.25 20.78 35.56
N ALA E 203 -12.73 21.13 36.75
CA ALA E 203 -13.92 21.95 36.86
C ALA E 203 -13.64 23.36 36.34
N PRO E 204 -14.68 24.09 35.92
CA PRO E 204 -14.45 25.47 35.44
C PRO E 204 -13.78 26.37 36.46
N ASP E 205 -14.08 26.19 37.75
CA ASP E 205 -13.47 26.98 38.81
C ASP E 205 -12.21 26.34 39.37
N THR E 206 -11.78 25.21 38.82
CA THR E 206 -10.57 24.48 39.23
C THR E 206 -10.57 24.06 40.68
N ARG E 207 -11.75 24.04 41.34
CA ARG E 207 -11.81 23.57 42.72
C ARG E 207 -11.94 22.06 42.80
N LEU E 208 -12.51 21.43 41.78
CA LEU E 208 -12.69 19.99 41.74
C LEU E 208 -12.20 19.46 40.39
N PHE E 209 -12.06 18.15 40.30
CA PHE E 209 -11.77 17.49 39.04
C PHE E 209 -12.23 16.04 39.11
N VAL E 210 -12.66 15.53 37.96
CA VAL E 210 -13.14 14.16 37.85
C VAL E 210 -12.10 13.35 37.08
N SER E 211 -12.01 12.06 37.40
CA SER E 211 -11.07 11.15 36.76
C SER E 211 -11.79 9.89 36.34
N GLY E 212 -11.32 9.30 35.24
CA GLY E 212 -11.83 8.04 34.74
C GLY E 212 -10.73 7.00 34.68
N ALA E 213 -11.00 5.82 35.21
CA ALA E 213 -10.00 4.77 35.33
C ALA E 213 -10.52 3.48 34.70
N CYS E 214 -9.65 2.46 34.70
CA CYS E 214 -9.95 1.16 34.12
C CYS E 214 -10.75 0.27 35.07
N ASP E 215 -11.34 0.83 36.12
CA ASP E 215 -12.20 0.09 37.03
C ASP E 215 -13.68 0.31 36.75
N ALA E 216 -14.00 0.83 35.56
CA ALA E 216 -15.38 1.12 35.15
C ALA E 216 -16.07 2.08 36.11
N SER E 217 -15.32 3.00 36.70
CA SER E 217 -15.87 3.96 37.65
C SER E 217 -15.18 5.29 37.50
N ALA E 218 -15.92 6.36 37.78
CA ALA E 218 -15.40 7.71 37.80
C ALA E 218 -15.51 8.28 39.21
N LYS E 219 -14.57 9.16 39.56
CA LYS E 219 -14.49 9.71 40.90
C LYS E 219 -14.34 11.23 40.84
N LEU E 220 -15.05 11.91 41.74
CA LEU E 220 -14.97 13.36 41.88
C LEU E 220 -14.03 13.68 43.04
N TRP E 221 -13.01 14.49 42.77
CA TRP E 221 -11.97 14.79 43.74
C TRP E 221 -12.00 16.26 44.13
N ASP E 222 -11.62 16.53 45.38
CA ASP E 222 -11.41 17.89 45.85
C ASP E 222 -9.92 18.21 45.73
N VAL E 223 -9.60 19.27 44.98
CA VAL E 223 -8.21 19.62 44.71
C VAL E 223 -7.51 20.05 45.99
N ARG E 224 -8.11 20.98 46.72
CA ARG E 224 -7.47 21.52 47.93
C ARG E 224 -7.60 20.59 49.12
N GLU E 225 -8.71 19.84 49.21
CA GLU E 225 -8.88 18.94 50.34
C GLU E 225 -8.16 17.61 50.12
N GLY E 226 -8.14 17.12 48.87
CA GLY E 226 -7.50 15.86 48.58
C GLY E 226 -8.31 14.63 48.91
N MET E 227 -9.64 14.72 48.85
CA MET E 227 -10.51 13.62 49.21
C MET E 227 -11.38 13.24 48.02
N CYS E 228 -11.76 11.97 47.97
CA CYS E 228 -12.72 11.49 46.99
C CYS E 228 -14.13 11.73 47.52
N ARG E 229 -14.84 12.67 46.88
CA ARG E 229 -16.17 13.04 47.39
C ARG E 229 -17.25 12.09 46.90
N GLN E 230 -17.25 11.77 45.61
CA GLN E 230 -18.28 10.93 45.02
C GLN E 230 -17.64 9.93 44.06
N THR E 231 -18.22 8.74 43.99
CA THR E 231 -17.80 7.70 43.07
C THR E 231 -18.98 7.33 42.18
N PHE E 232 -18.78 7.38 40.87
CA PHE E 232 -19.83 7.15 39.90
C PHE E 232 -19.58 5.82 39.19
N THR E 233 -20.63 5.00 39.12
CA THR E 233 -20.56 3.71 38.44
C THR E 233 -21.68 3.64 37.41
N GLY E 234 -21.63 2.58 36.59
CA GLY E 234 -22.62 2.39 35.55
C GLY E 234 -22.01 1.87 34.26
N HIS E 235 -20.74 2.17 34.03
CA HIS E 235 -20.05 1.66 32.86
C HIS E 235 -19.71 0.19 33.04
N GLU E 236 -19.56 -0.50 31.91
CA GLU E 236 -19.27 -1.93 31.92
C GLU E 236 -17.81 -2.25 31.64
N SER E 237 -17.02 -1.29 31.13
CA SER E 237 -15.64 -1.53 30.79
C SER E 237 -14.81 -0.33 31.21
N ASP E 238 -13.54 -0.32 30.81
CA ASP E 238 -12.63 0.75 31.21
C ASP E 238 -13.07 2.08 30.63
N ILE E 239 -13.06 3.11 31.46
CA ILE E 239 -13.38 4.47 31.05
C ILE E 239 -12.12 5.10 30.45
N ASN E 240 -12.19 5.47 29.17
CA ASN E 240 -11.04 6.00 28.46
C ASN E 240 -11.02 7.52 28.38
N ALA E 241 -12.15 8.18 28.62
CA ALA E 241 -12.22 9.63 28.47
C ALA E 241 -13.25 10.20 29.43
N ILE E 242 -13.10 11.48 29.76
CA ILE E 242 -14.00 12.17 30.67
C ILE E 242 -13.92 13.66 30.37
N CYS E 243 -15.04 14.34 30.57
CA CYS E 243 -15.12 15.76 30.29
C CYS E 243 -16.24 16.39 31.12
N PHE E 244 -15.95 17.55 31.71
CA PHE E 244 -16.93 18.25 32.54
C PHE E 244 -17.96 18.96 31.69
N PHE E 245 -19.19 19.03 32.20
CA PHE E 245 -20.20 19.89 31.59
C PHE E 245 -19.81 21.35 31.78
N PRO E 246 -20.17 22.22 30.84
CA PRO E 246 -19.76 23.63 30.95
C PRO E 246 -20.15 24.31 32.25
N ASN E 247 -21.24 23.89 32.90
CA ASN E 247 -21.63 24.52 34.15
C ASN E 247 -20.92 23.93 35.37
N GLY E 248 -20.24 22.79 35.21
CA GLY E 248 -19.54 22.17 36.31
C GLY E 248 -20.40 21.30 37.21
N ASN E 249 -21.67 21.11 36.88
CA ASN E 249 -22.57 20.28 37.68
C ASN E 249 -22.78 18.89 37.10
N ALA E 250 -22.11 18.56 35.99
CA ALA E 250 -22.25 17.26 35.36
C ALA E 250 -20.98 16.95 34.58
N PHE E 251 -20.88 15.71 34.12
CA PHE E 251 -19.75 15.30 33.30
C PHE E 251 -20.14 14.08 32.49
N ALA E 252 -19.41 13.87 31.39
CA ALA E 252 -19.65 12.74 30.49
C ALA E 252 -18.41 11.86 30.45
N THR E 253 -18.63 10.56 30.24
CA THR E 253 -17.55 9.59 30.21
C THR E 253 -17.66 8.74 28.95
N GLY E 254 -16.51 8.27 28.48
CA GLY E 254 -16.44 7.35 27.35
C GLY E 254 -15.67 6.10 27.75
N SER E 255 -16.22 4.94 27.40
CA SER E 255 -15.67 3.67 27.83
C SER E 255 -15.60 2.71 26.66
N ASP E 256 -14.91 1.58 26.88
CA ASP E 256 -14.77 0.54 25.88
C ASP E 256 -16.05 -0.25 25.65
N ASP E 257 -17.11 0.01 26.42
CA ASP E 257 -18.39 -0.67 26.24
C ASP E 257 -19.23 -0.06 25.14
N ALA E 258 -18.64 0.79 24.29
CA ALA E 258 -19.30 1.45 23.17
C ALA E 258 -20.45 2.35 23.61
N THR E 259 -20.42 2.84 24.84
CA THR E 259 -21.47 3.72 25.36
C THR E 259 -20.84 4.97 25.97
N CYS E 260 -21.54 6.08 25.81
CA CYS E 260 -21.24 7.32 26.53
C CYS E 260 -22.34 7.57 27.54
N ARG E 261 -21.94 8.01 28.74
CA ARG E 261 -22.87 8.21 29.84
C ARG E 261 -22.68 9.58 30.45
N LEU E 262 -23.80 10.21 30.85
CA LEU E 262 -23.80 11.51 31.49
C LEU E 262 -24.15 11.35 32.96
N PHE E 263 -23.28 11.84 33.83
CA PHE E 263 -23.47 11.76 35.28
C PHE E 263 -23.66 13.15 35.85
N ASP E 264 -24.49 13.24 36.89
CA ASP E 264 -24.75 14.49 37.58
C ASP E 264 -24.12 14.44 38.97
N LEU E 265 -23.48 15.54 39.37
CA LEU E 265 -22.82 15.59 40.66
C LEU E 265 -23.83 15.69 41.80
N ARG E 266 -24.77 16.64 41.69
CA ARG E 266 -25.75 16.83 42.75
C ARG E 266 -26.73 15.66 42.83
N ALA E 267 -26.98 14.97 41.72
CA ALA E 267 -27.82 13.78 41.73
C ALA E 267 -27.05 12.52 42.07
N ASP E 268 -25.73 12.52 41.87
CA ASP E 268 -24.86 11.40 42.24
C ASP E 268 -25.26 10.11 41.53
N GLN E 269 -25.67 10.23 40.27
CA GLN E 269 -26.08 9.07 39.49
C GLN E 269 -26.05 9.43 38.01
N GLU E 270 -26.16 8.39 37.18
CA GLU E 270 -26.17 8.56 35.73
C GLU E 270 -27.52 9.10 35.27
N LEU E 271 -27.48 10.03 34.31
CA LEU E 271 -28.69 10.64 33.78
C LEU E 271 -29.07 10.13 32.39
N MET E 272 -28.08 9.84 31.54
CA MET E 272 -28.37 9.44 30.17
C MET E 272 -27.24 8.55 29.67
N THR E 273 -27.60 7.65 28.75
CA THR E 273 -26.64 6.77 28.09
C THR E 273 -26.71 7.03 26.58
N TYR E 274 -25.55 7.25 25.97
CA TYR E 274 -25.44 7.52 24.54
C TYR E 274 -24.82 6.31 23.87
N SER E 275 -25.64 5.53 23.17
CA SER E 275 -25.16 4.32 22.51
C SER E 275 -26.11 3.96 21.38
N HIS E 276 -25.63 3.10 20.49
CA HIS E 276 -26.42 2.61 19.38
C HIS E 276 -26.00 1.18 19.08
N ASP E 277 -26.94 0.40 18.51
CA ASP E 277 -26.65 -0.99 18.20
C ASP E 277 -25.58 -1.14 17.13
N ASN E 278 -25.44 -0.14 16.25
CA ASN E 278 -24.43 -0.17 15.21
C ASN E 278 -23.04 0.19 15.73
N ILE E 279 -22.93 0.69 16.95
CA ILE E 279 -21.66 1.07 17.55
C ILE E 279 -21.21 -0.07 18.48
N ILE E 280 -20.08 -0.69 18.15
CA ILE E 280 -19.56 -1.79 18.95
C ILE E 280 -18.10 -1.56 19.28
N CYS E 281 -17.64 -0.32 19.09
CA CYS E 281 -16.26 0.05 19.36
C CYS E 281 -16.20 1.03 20.53
N GLY E 282 -15.05 1.04 21.21
CA GLY E 282 -14.89 1.86 22.38
C GLY E 282 -14.69 3.33 22.06
N ILE E 283 -15.00 4.17 23.03
CA ILE E 283 -14.84 5.62 22.92
C ILE E 283 -13.47 6.01 23.45
N THR E 284 -12.79 6.89 22.71
CA THR E 284 -11.45 7.32 23.08
C THR E 284 -11.38 8.74 23.60
N SER E 285 -12.33 9.60 23.24
CA SER E 285 -12.30 10.99 23.66
C SER E 285 -13.71 11.54 23.66
N VAL E 286 -13.99 12.43 24.62
CA VAL E 286 -15.29 13.07 24.74
C VAL E 286 -15.08 14.55 25.06
N SER E 287 -16.00 15.38 24.58
CA SER E 287 -15.97 16.81 24.86
C SER E 287 -17.33 17.41 24.54
N PHE E 288 -17.72 18.40 25.32
CA PHE E 288 -18.99 19.10 25.11
C PHE E 288 -18.79 20.32 24.23
N SER E 289 -19.89 20.78 23.63
CA SER E 289 -19.88 22.05 22.94
C SER E 289 -19.81 23.20 23.95
N LYS E 290 -19.83 24.42 23.44
CA LYS E 290 -19.77 25.59 24.33
C LYS E 290 -21.00 25.65 25.23
N SER E 291 -22.19 25.47 24.65
CA SER E 291 -23.42 25.47 25.43
C SER E 291 -23.70 24.13 26.10
N GLY E 292 -22.95 23.09 25.78
CA GLY E 292 -23.17 21.78 26.36
C GLY E 292 -24.28 20.98 25.71
N ARG E 293 -24.96 21.53 24.70
CA ARG E 293 -26.05 20.80 24.05
C ARG E 293 -25.54 19.63 23.22
N LEU E 294 -24.35 19.75 22.64
CA LEU E 294 -23.78 18.71 21.81
C LEU E 294 -22.64 18.02 22.55
N LEU E 295 -22.62 16.68 22.47
CA LEU E 295 -21.58 15.86 23.06
C LEU E 295 -20.85 15.15 21.92
N LEU E 296 -19.60 15.56 21.68
CA LEU E 296 -18.78 14.97 20.64
C LEU E 296 -17.92 13.87 21.24
N ALA E 297 -17.85 12.73 20.55
CA ALA E 297 -17.13 11.57 21.05
C ALA E 297 -16.35 10.93 19.92
N GLY E 298 -15.08 10.62 20.18
CA GLY E 298 -14.25 9.90 19.23
C GLY E 298 -14.35 8.39 19.48
N TYR E 299 -14.32 7.63 18.39
CA TYR E 299 -14.54 6.19 18.46
C TYR E 299 -13.40 5.44 17.79
N ASP E 300 -13.32 4.15 18.07
CA ASP E 300 -12.29 3.30 17.48
C ASP E 300 -12.55 2.98 16.02
N ASP E 301 -13.76 3.23 15.53
CA ASP E 301 -14.12 2.91 14.16
C ASP E 301 -13.76 4.03 13.18
N PHE E 302 -12.80 4.88 13.54
CA PHE E 302 -12.23 5.97 12.75
C PHE E 302 -13.18 7.16 12.67
N ASN E 303 -14.32 7.13 13.35
CA ASN E 303 -15.34 8.15 13.22
C ASN E 303 -15.53 8.91 14.52
N CYS E 304 -16.14 10.10 14.40
CA CYS E 304 -16.54 10.90 15.54
C CYS E 304 -18.03 11.17 15.43
N ASN E 305 -18.76 10.85 16.49
CA ASN E 305 -20.22 10.99 16.51
C ASN E 305 -20.61 12.19 17.35
N VAL E 306 -21.56 12.98 16.85
CA VAL E 306 -22.08 14.14 17.55
C VAL E 306 -23.42 13.75 18.15
N TRP E 307 -23.49 13.73 19.48
CA TRP E 307 -24.69 13.33 20.20
C TRP E 307 -25.44 14.53 20.74
N ASP E 308 -26.76 14.40 20.85
CA ASP E 308 -27.58 15.37 21.54
C ASP E 308 -27.52 15.07 23.03
N ALA E 309 -26.89 15.97 23.80
CA ALA E 309 -26.66 15.70 25.22
C ALA E 309 -27.97 15.62 25.99
N LEU E 310 -29.04 16.23 25.49
CA LEU E 310 -30.32 16.24 26.19
C LEU E 310 -31.27 15.15 25.72
N LYS E 311 -31.20 14.76 24.44
CA LYS E 311 -32.12 13.79 23.88
C LYS E 311 -31.47 12.47 23.52
N ALA E 312 -30.15 12.33 23.72
CA ALA E 312 -29.40 11.11 23.42
C ALA E 312 -29.51 10.71 21.95
N ASP E 313 -29.77 11.66 21.07
CA ASP E 313 -29.89 11.39 19.64
C ASP E 313 -28.60 11.76 18.92
N ARG E 314 -28.18 10.90 18.01
CA ARG E 314 -26.99 11.19 17.22
C ARG E 314 -27.31 12.25 16.18
N ALA E 315 -26.66 13.40 16.29
CA ALA E 315 -26.96 14.55 15.45
C ALA E 315 -26.01 14.70 14.27
N GLY E 316 -24.83 14.10 14.31
CA GLY E 316 -23.89 14.23 13.22
C GLY E 316 -22.76 13.25 13.36
N VAL E 317 -21.99 13.12 12.28
CA VAL E 317 -20.86 12.20 12.21
C VAL E 317 -19.69 12.92 11.54
N LEU E 318 -18.52 12.87 12.17
CA LEU E 318 -17.30 13.43 11.61
C LEU E 318 -16.44 12.27 11.10
N ALA E 319 -16.43 12.08 9.78
CA ALA E 319 -15.71 10.98 9.15
C ALA E 319 -14.69 11.56 8.17
N GLY E 320 -13.50 11.88 8.68
CA GLY E 320 -12.44 12.39 7.84
C GLY E 320 -11.12 11.67 8.01
N HIS E 321 -10.97 10.97 9.14
CA HIS E 321 -9.71 10.34 9.49
C HIS E 321 -9.62 8.93 8.92
N ASP E 322 -8.40 8.47 8.71
CA ASP E 322 -8.13 7.15 8.16
C ASP E 322 -7.71 6.14 9.21
N ASN E 323 -7.64 6.54 10.48
CA ASN E 323 -7.25 5.62 11.54
C ASN E 323 -8.01 5.99 12.80
N ARG E 324 -7.69 5.30 13.90
CA ARG E 324 -8.38 5.47 15.17
C ARG E 324 -8.26 6.91 15.67
N VAL E 325 -9.41 7.52 15.96
CA VAL E 325 -9.45 8.87 16.53
C VAL E 325 -9.06 8.75 18.00
N SER E 326 -7.90 9.31 18.36
CA SER E 326 -7.37 9.17 19.71
C SER E 326 -7.70 10.36 20.61
N CYS E 327 -8.03 11.52 20.06
CA CYS E 327 -8.25 12.70 20.88
C CYS E 327 -9.07 13.72 20.11
N LEU E 328 -9.81 14.53 20.86
CA LEU E 328 -10.56 15.64 20.27
C LEU E 328 -10.71 16.73 21.31
N GLY E 329 -11.01 17.94 20.85
CA GLY E 329 -11.16 19.08 21.72
C GLY E 329 -11.89 20.24 21.09
N VAL E 330 -12.67 20.97 21.90
CA VAL E 330 -13.44 22.11 21.44
C VAL E 330 -12.81 23.38 21.99
N THR E 331 -12.72 24.40 21.15
CA THR E 331 -12.14 25.67 21.56
C THR E 331 -12.95 26.31 22.69
N ASP E 332 -12.31 27.22 23.42
CA ASP E 332 -12.99 27.90 24.52
C ASP E 332 -14.15 28.75 24.02
N ASP E 333 -14.03 29.35 22.85
CA ASP E 333 -15.12 30.13 22.28
C ASP E 333 -16.10 29.27 21.49
N GLY E 334 -15.88 27.96 21.41
CA GLY E 334 -16.79 27.07 20.72
C GLY E 334 -16.86 27.23 19.22
N MET E 335 -15.86 27.88 18.61
CA MET E 335 -15.92 28.12 17.18
C MET E 335 -15.62 26.85 16.36
N ALA E 336 -14.69 26.02 16.82
CA ALA E 336 -14.28 24.87 16.05
C ALA E 336 -13.96 23.70 16.97
N VAL E 337 -13.90 22.51 16.37
CA VAL E 337 -13.55 21.27 17.07
C VAL E 337 -12.37 20.65 16.35
N ALA E 338 -11.34 20.29 17.12
CA ALA E 338 -10.17 19.60 16.59
C ALA E 338 -10.26 18.12 16.88
N THR E 339 -9.68 17.32 15.99
CA THR E 339 -9.69 15.86 16.13
C THR E 339 -8.32 15.32 15.74
N GLY E 340 -7.72 14.57 16.65
CA GLY E 340 -6.46 13.87 16.38
C GLY E 340 -6.72 12.39 16.18
N SER E 341 -5.87 11.76 15.37
CA SER E 341 -6.06 10.35 15.05
C SER E 341 -4.70 9.69 14.86
N TRP E 342 -4.73 8.36 14.81
CA TRP E 342 -3.51 7.59 14.62
C TRP E 342 -2.93 7.69 13.22
N ASP E 343 -3.61 8.37 12.30
CA ASP E 343 -3.12 8.57 10.95
C ASP E 343 -2.11 9.72 10.84
N SER E 344 -1.66 10.26 11.98
CA SER E 344 -0.67 11.33 12.05
C SER E 344 -1.20 12.65 11.53
N PHE E 345 -2.51 12.85 11.50
CA PHE E 345 -3.11 14.08 11.01
C PHE E 345 -4.07 14.66 12.05
N LEU E 346 -4.16 15.98 12.07
CA LEU E 346 -5.14 16.70 12.86
C LEU E 346 -6.11 17.42 11.93
N LYS E 347 -7.38 17.46 12.31
CA LYS E 347 -8.41 18.06 11.47
C LYS E 347 -9.25 19.02 12.32
N ILE E 348 -9.45 20.23 11.80
CA ILE E 348 -10.30 21.23 12.44
C ILE E 348 -11.66 21.20 11.78
N TRP E 349 -12.71 21.11 12.59
CA TRP E 349 -14.07 20.96 12.11
C TRP E 349 -14.91 22.16 12.54
N ASN E 350 -15.76 22.64 11.63
CA ASN E 350 -16.66 23.75 11.92
C ASN E 350 -18.09 23.42 11.50
N SER F 8 -6.33 -6.97 51.83
CA SER F 8 -5.82 -6.93 53.19
C SER F 8 -6.87 -6.34 54.14
N ILE F 9 -6.59 -6.44 55.45
CA ILE F 9 -7.52 -5.91 56.44
C ILE F 9 -7.58 -4.39 56.36
N ALA F 10 -6.44 -3.74 56.12
CA ALA F 10 -6.43 -2.28 55.98
C ALA F 10 -7.10 -1.84 54.70
N GLN F 11 -7.04 -2.65 53.65
CA GLN F 11 -7.66 -2.29 52.38
C GLN F 11 -9.18 -2.25 52.48
N ALA F 12 -9.76 -3.26 53.14
CA ALA F 12 -11.22 -3.29 53.29
C ALA F 12 -11.70 -2.24 54.29
N ARG F 13 -10.86 -1.88 55.27
CA ARG F 13 -11.28 -0.90 56.26
C ARG F 13 -11.37 0.49 55.64
N LYS F 14 -10.44 0.85 54.76
CA LYS F 14 -10.52 2.14 54.09
C LYS F 14 -11.64 2.17 53.06
N LEU F 15 -12.03 1.01 52.53
CA LEU F 15 -13.17 0.96 51.62
C LEU F 15 -14.47 1.27 52.34
N VAL F 16 -14.63 0.73 53.55
CA VAL F 16 -15.80 1.05 54.36
C VAL F 16 -15.78 2.52 54.76
N GLU F 17 -14.60 3.07 55.01
CA GLU F 17 -14.48 4.48 55.38
C GLU F 17 -14.92 5.38 54.23
N GLN F 18 -14.55 5.03 53.00
CA GLN F 18 -14.91 5.86 51.86
C GLN F 18 -16.40 5.78 51.55
N LEU F 19 -17.00 4.61 51.73
CA LEU F 19 -18.42 4.46 51.45
C LEU F 19 -19.28 5.26 52.41
N LYS F 20 -18.82 5.43 53.65
CA LYS F 20 -19.61 6.20 54.61
C LYS F 20 -19.60 7.69 54.29
N MET F 21 -18.48 8.20 53.77
CA MET F 21 -18.43 9.60 53.35
C MET F 21 -19.23 9.85 52.08
N GLU F 22 -19.33 8.84 51.22
CA GLU F 22 -20.12 8.99 50.00
C GLU F 22 -21.62 8.82 50.26
N ALA F 23 -21.99 8.04 51.28
CA ALA F 23 -23.40 7.85 51.59
C ALA F 23 -23.98 9.03 52.34
N ASN F 24 -23.16 9.74 53.12
CA ASN F 24 -23.63 10.87 53.93
C ASN F 24 -23.50 12.17 53.15
N ILE F 25 -24.14 12.21 51.98
CA ILE F 25 -24.19 13.39 51.14
C ILE F 25 -25.65 13.67 50.81
N ASP F 26 -25.94 14.94 50.55
CA ASP F 26 -27.29 15.37 50.17
C ASP F 26 -27.43 15.30 48.66
N ARG F 27 -28.44 14.58 48.19
CA ARG F 27 -28.69 14.38 46.77
C ARG F 27 -30.03 15.00 46.40
N ILE F 28 -30.03 15.81 45.35
CA ILE F 28 -31.26 16.41 44.86
C ILE F 28 -31.93 15.44 43.89
N LYS F 29 -33.20 15.72 43.59
CA LYS F 29 -33.95 14.88 42.66
C LYS F 29 -33.37 15.00 41.26
N VAL F 30 -33.53 13.92 40.49
CA VAL F 30 -33.04 13.91 39.11
C VAL F 30 -33.85 14.87 38.25
N SER F 31 -35.13 15.04 38.55
CA SER F 31 -35.96 15.98 37.79
C SER F 31 -35.46 17.41 37.94
N LYS F 32 -34.97 17.75 39.14
CA LYS F 32 -34.41 19.08 39.35
C LYS F 32 -33.04 19.21 38.70
N ALA F 33 -32.22 18.15 38.76
CA ALA F 33 -30.92 18.19 38.11
C ALA F 33 -31.06 18.21 36.59
N ALA F 34 -32.06 17.49 36.06
CA ALA F 34 -32.29 17.50 34.62
C ALA F 34 -32.78 18.85 34.13
N ALA F 35 -33.61 19.52 34.93
CA ALA F 35 -34.11 20.83 34.56
C ALA F 35 -33.00 21.88 34.56
N ASP F 36 -32.02 21.73 35.45
CA ASP F 36 -30.91 22.68 35.49
C ASP F 36 -30.00 22.52 34.27
N LEU F 37 -29.75 21.27 33.86
CA LEU F 37 -28.93 21.04 32.68
C LEU F 37 -29.60 21.57 31.42
N MET F 38 -30.93 21.41 31.32
CA MET F 38 -31.64 21.95 30.18
C MET F 38 -31.64 23.48 30.21
N ALA F 39 -31.85 24.07 31.38
CA ALA F 39 -31.90 25.52 31.49
C ALA F 39 -30.56 26.16 31.10
N TYR F 40 -29.45 25.46 31.34
CA TYR F 40 -28.16 25.99 30.92
C TYR F 40 -28.01 25.96 29.41
N CYS F 41 -28.51 24.90 28.77
CA CYS F 41 -28.41 24.79 27.32
C CYS F 41 -29.27 25.84 26.62
N GLU F 42 -30.49 26.06 27.11
CA GLU F 42 -31.37 27.05 26.49
C GLU F 42 -30.83 28.46 26.66
N ALA F 43 -30.19 28.75 27.79
CA ALA F 43 -29.64 30.07 28.04
C ALA F 43 -28.32 30.32 27.33
N HIS F 44 -27.71 29.29 26.74
CA HIS F 44 -26.44 29.42 26.04
C HIS F 44 -26.48 28.88 24.62
N ALA F 45 -27.65 28.42 24.16
CA ALA F 45 -27.74 27.88 22.80
C ALA F 45 -27.45 28.94 21.75
N LYS F 46 -27.73 30.21 22.06
CA LYS F 46 -27.46 31.28 21.11
C LYS F 46 -25.96 31.53 20.97
N GLU F 47 -25.19 31.29 22.03
CA GLU F 47 -23.76 31.50 22.04
C GLU F 47 -22.97 30.28 21.58
N ASP F 48 -23.64 29.27 21.02
CA ASP F 48 -22.98 28.04 20.60
C ASP F 48 -22.79 28.09 19.08
N PRO F 49 -21.58 28.32 18.58
CA PRO F 49 -21.38 28.34 17.12
C PRO F 49 -21.51 26.99 16.47
N LEU F 50 -21.49 25.90 17.25
CA LEU F 50 -21.57 24.56 16.68
C LEU F 50 -23.00 24.08 16.46
N LEU F 51 -23.98 24.70 17.11
CA LEU F 51 -25.37 24.29 16.93
C LEU F 51 -25.87 24.63 15.53
N THR F 52 -25.64 25.87 15.08
CA THR F 52 -26.02 26.31 13.75
C THR F 52 -24.78 26.94 13.12
N PRO F 53 -24.50 26.64 11.84
CA PRO F 53 -23.32 27.20 11.19
C PRO F 53 -23.32 28.73 11.17
N VAL F 54 -22.29 29.33 11.73
CA VAL F 54 -22.15 30.79 11.76
C VAL F 54 -21.88 31.27 10.34
N PRO F 55 -22.21 32.53 10.02
CA PRO F 55 -21.92 33.04 8.67
C PRO F 55 -20.43 32.98 8.35
N ALA F 56 -20.13 32.91 7.06
CA ALA F 56 -18.74 32.82 6.62
C ALA F 56 -17.93 34.04 7.01
N SER F 57 -18.56 35.19 7.19
CA SER F 57 -17.85 36.41 7.58
C SER F 57 -17.44 36.40 9.05
N GLU F 58 -17.98 35.48 9.85
CA GLU F 58 -17.66 35.39 11.27
C GLU F 58 -16.91 34.12 11.62
N ASN F 59 -16.62 33.26 10.64
CA ASN F 59 -15.89 32.02 10.90
C ASN F 59 -14.41 32.23 10.61
N PRO F 60 -13.54 32.24 11.63
CA PRO F 60 -12.11 32.43 11.35
C PRO F 60 -11.48 31.30 10.56
N PHE F 61 -12.15 30.16 10.44
CA PHE F 61 -11.65 29.03 9.67
C PHE F 61 -12.28 28.98 8.28
N ARG F 62 -12.57 30.14 7.69
CA ARG F 62 -13.17 30.22 6.37
C ARG F 62 -12.26 29.61 5.30
N GLN G 1 -22.74 -1.00 37.94
CA GLN G 1 -21.73 -1.58 38.82
C GLN G 1 -21.47 -3.04 38.47
N VAL G 2 -20.28 -3.30 37.93
CA VAL G 2 -19.89 -4.67 37.58
C VAL G 2 -19.67 -5.46 38.86
N GLN G 3 -20.42 -6.55 39.03
CA GLN G 3 -20.36 -7.36 40.23
C GLN G 3 -20.24 -8.83 39.85
N LEU G 4 -19.29 -9.52 40.46
CA LEU G 4 -19.10 -10.96 40.27
C LEU G 4 -19.01 -11.61 41.65
N GLN G 5 -19.91 -12.54 41.92
CA GLN G 5 -19.98 -13.18 43.23
C GLN G 5 -19.88 -14.70 43.05
N GLU G 6 -18.84 -15.29 43.61
CA GLU G 6 -18.65 -16.73 43.53
C GLU G 6 -19.41 -17.43 44.64
N SER G 7 -19.93 -18.62 44.33
CA SER G 7 -20.67 -19.42 45.29
C SER G 7 -20.25 -20.87 45.15
N GLY G 8 -20.74 -21.71 46.07
CA GLY G 8 -20.41 -23.12 46.04
C GLY G 8 -19.01 -23.40 46.56
N GLY G 9 -18.62 -24.67 46.41
CA GLY G 9 -17.31 -25.10 46.84
C GLY G 9 -17.25 -25.35 48.34
N GLY G 10 -16.01 -25.48 48.83
CA GLY G 10 -15.74 -25.71 50.23
C GLY G 10 -14.85 -26.92 50.40
N LEU G 11 -14.92 -27.52 51.59
CA LEU G 11 -14.13 -28.70 51.89
C LEU G 11 -14.73 -29.93 51.21
N VAL G 12 -13.88 -30.73 50.57
CA VAL G 12 -14.31 -31.92 49.86
C VAL G 12 -13.23 -32.99 49.99
N GLN G 13 -13.66 -34.25 49.82
CA GLN G 13 -12.75 -35.39 49.88
C GLN G 13 -11.96 -35.51 48.58
N PRO G 14 -10.76 -36.09 48.65
CA PRO G 14 -10.00 -36.33 47.41
C PRO G 14 -10.76 -37.26 46.48
N GLY G 15 -10.93 -36.80 45.24
CA GLY G 15 -11.73 -37.51 44.26
C GLY G 15 -13.19 -37.13 44.23
N GLY G 16 -13.62 -36.22 45.11
CA GLY G 16 -15.00 -35.80 45.14
C GLY G 16 -15.32 -34.87 43.97
N SER G 17 -16.52 -34.27 44.06
CA SER G 17 -17.02 -33.39 43.02
C SER G 17 -17.59 -32.13 43.65
N LEU G 18 -17.42 -31.01 42.94
CA LEU G 18 -17.97 -29.73 43.35
C LEU G 18 -18.42 -28.97 42.12
N ARG G 19 -19.33 -28.02 42.33
CA ARG G 19 -19.88 -27.21 41.25
C ARG G 19 -19.86 -25.75 41.69
N LEU G 20 -19.01 -24.95 41.04
CA LEU G 20 -18.91 -23.54 41.34
C LEU G 20 -19.83 -22.73 40.43
N SER G 21 -20.42 -21.67 40.99
CA SER G 21 -21.30 -20.79 40.24
C SER G 21 -20.90 -19.35 40.51
N CYS G 22 -20.98 -18.52 39.47
CA CYS G 22 -20.64 -17.10 39.56
C CYS G 22 -21.81 -16.29 39.04
N ALA G 23 -22.46 -15.53 39.92
CA ALA G 23 -23.58 -14.68 39.55
C ALA G 23 -23.04 -13.35 39.05
N ALA G 24 -23.34 -13.01 37.80
CA ALA G 24 -22.85 -11.79 37.18
C ALA G 24 -23.96 -10.77 37.07
N SER G 25 -23.60 -9.50 37.27
CA SER G 25 -24.56 -8.40 37.17
C SER G 25 -23.82 -7.13 36.80
N GLY G 26 -24.57 -6.13 36.37
CA GLY G 26 -24.02 -4.84 36.00
C GLY G 26 -23.47 -4.75 34.60
N PHE G 27 -23.53 -5.82 33.81
CA PHE G 27 -23.05 -5.79 32.44
C PHE G 27 -23.78 -6.85 31.63
N THR G 28 -23.70 -6.71 30.32
CA THR G 28 -24.31 -7.68 29.39
C THR G 28 -23.45 -8.93 29.40
N PHE G 29 -23.94 -9.97 30.06
CA PHE G 29 -23.15 -11.19 30.23
C PHE G 29 -22.86 -11.87 28.90
N SER G 30 -23.80 -11.79 27.95
CA SER G 30 -23.65 -12.48 26.68
C SER G 30 -22.60 -11.83 25.78
N ASN G 31 -22.15 -10.63 26.07
CA ASN G 31 -21.19 -9.93 25.22
C ASN G 31 -19.75 -10.05 25.70
N TYR G 32 -19.51 -10.77 26.79
CA TYR G 32 -18.18 -10.86 27.38
C TYR G 32 -17.73 -12.31 27.47
N LYS G 33 -16.44 -12.53 27.21
CA LYS G 33 -15.83 -13.83 27.43
C LYS G 33 -15.46 -13.99 28.90
N MET G 34 -15.79 -15.14 29.47
CA MET G 34 -15.60 -15.39 30.89
C MET G 34 -14.42 -16.30 31.13
N ASN G 35 -13.83 -16.19 32.32
CA ASN G 35 -12.66 -16.98 32.69
C ASN G 35 -12.81 -17.46 34.12
N TRP G 36 -12.11 -18.55 34.43
CA TRP G 36 -11.96 -19.04 35.79
C TRP G 36 -10.48 -19.00 36.16
N VAL G 37 -10.17 -18.37 37.29
CA VAL G 37 -8.81 -18.28 37.78
C VAL G 37 -8.78 -18.73 39.25
N ARG G 38 -7.62 -19.17 39.68
CA ARG G 38 -7.44 -19.66 41.04
C ARG G 38 -6.08 -19.22 41.58
N GLN G 39 -5.97 -19.16 42.90
CA GLN G 39 -4.74 -18.78 43.58
C GLN G 39 -4.50 -19.74 44.73
N ALA G 40 -3.50 -20.60 44.60
CA ALA G 40 -3.15 -21.55 45.64
C ALA G 40 -2.41 -20.84 46.77
N PRO G 41 -2.44 -21.39 47.98
CA PRO G 41 -1.70 -20.79 49.09
C PRO G 41 -0.20 -20.73 48.80
N GLY G 42 0.37 -19.55 48.96
CA GLY G 42 1.77 -19.36 48.65
C GLY G 42 2.11 -19.40 47.18
N LYS G 43 1.12 -19.22 46.31
CA LYS G 43 1.32 -19.23 44.87
C LYS G 43 0.59 -18.05 44.25
N GLY G 44 0.95 -17.75 43.00
CA GLY G 44 0.32 -16.65 42.29
C GLY G 44 -0.96 -17.07 41.59
N LEU G 45 -1.64 -16.07 41.03
CA LEU G 45 -2.88 -16.34 40.30
C LEU G 45 -2.60 -17.14 39.05
N GLU G 46 -3.45 -18.14 38.78
CA GLU G 46 -3.28 -19.04 37.66
C GLU G 46 -4.59 -19.15 36.89
N TRP G 47 -4.51 -19.01 35.57
CA TRP G 47 -5.68 -19.20 34.73
C TRP G 47 -6.05 -20.67 34.67
N VAL G 48 -7.34 -20.96 34.77
CA VAL G 48 -7.86 -22.32 34.80
C VAL G 48 -8.58 -22.67 33.50
N SER G 49 -9.58 -21.88 33.13
CA SER G 49 -10.38 -22.17 31.95
C SER G 49 -11.14 -20.92 31.54
N ASP G 50 -11.56 -20.90 30.28
CA ASP G 50 -12.35 -19.80 29.74
C ASP G 50 -13.44 -20.35 28.83
N ILE G 51 -14.41 -19.50 28.51
CA ILE G 51 -15.50 -19.85 27.62
C ILE G 51 -15.89 -18.60 26.82
N SER G 52 -16.20 -18.80 25.54
CA SER G 52 -16.51 -17.69 24.66
C SER G 52 -17.88 -17.09 25.01
N GLN G 53 -18.27 -16.08 24.24
CA GLN G 53 -19.55 -15.41 24.48
C GLN G 53 -20.72 -16.37 24.29
N SER G 54 -20.71 -17.13 23.20
CA SER G 54 -21.79 -18.06 22.93
C SER G 54 -21.61 -19.39 23.65
N GLY G 55 -20.36 -19.82 23.87
CA GLY G 55 -20.07 -21.07 24.51
C GLY G 55 -19.46 -22.13 23.62
N ALA G 56 -19.18 -21.80 22.36
CA ALA G 56 -18.59 -22.78 21.44
C ALA G 56 -17.11 -22.97 21.71
N SER G 57 -16.37 -21.88 21.93
CA SER G 57 -14.94 -21.94 22.17
C SER G 57 -14.70 -22.14 23.67
N ILE G 58 -14.10 -23.28 24.03
CA ILE G 58 -13.85 -23.64 25.41
C ILE G 58 -12.45 -24.21 25.52
N SER G 59 -11.67 -23.71 26.48
CA SER G 59 -10.31 -24.17 26.71
C SER G 59 -10.06 -24.32 28.20
N TYR G 60 -9.18 -25.26 28.54
CA TYR G 60 -8.79 -25.52 29.92
C TYR G 60 -7.28 -25.55 30.02
N THR G 61 -6.78 -25.33 31.23
CA THR G 61 -5.36 -25.57 31.48
C THR G 61 -5.08 -27.07 31.51
N GLY G 62 -3.81 -27.42 31.31
CA GLY G 62 -3.47 -28.82 31.14
C GLY G 62 -3.73 -29.66 32.37
N SER G 63 -3.63 -29.05 33.55
CA SER G 63 -3.76 -29.81 34.80
C SER G 63 -5.20 -30.22 35.08
N VAL G 64 -6.18 -29.47 34.58
CA VAL G 64 -7.59 -29.75 34.88
C VAL G 64 -8.36 -30.27 33.68
N LYS G 65 -7.73 -30.41 32.51
CA LYS G 65 -8.43 -30.91 31.34
C LYS G 65 -8.85 -32.36 31.57
N GLY G 66 -10.10 -32.67 31.18
CA GLY G 66 -10.69 -33.97 31.43
C GLY G 66 -11.34 -34.13 32.78
N ARG G 67 -11.10 -33.21 33.71
CA ARG G 67 -11.70 -33.25 35.04
C ARG G 67 -12.65 -32.08 35.31
N PHE G 68 -12.35 -30.90 34.78
CA PHE G 68 -13.19 -29.72 34.98
C PHE G 68 -14.03 -29.46 33.74
N THR G 69 -15.21 -28.88 33.97
CA THR G 69 -16.13 -28.55 32.88
C THR G 69 -16.72 -27.17 33.14
N ILE G 70 -16.54 -26.26 32.18
CA ILE G 70 -17.01 -24.89 32.29
C ILE G 70 -18.24 -24.73 31.40
N SER G 71 -19.19 -23.93 31.86
CA SER G 71 -20.41 -23.65 31.09
C SER G 71 -20.96 -22.31 31.57
N ARG G 72 -21.84 -21.74 30.75
CA ARG G 72 -22.44 -20.45 31.05
C ARG G 72 -23.91 -20.46 30.65
N ASP G 73 -24.71 -19.73 31.42
CA ASP G 73 -26.14 -19.56 31.16
C ASP G 73 -26.38 -18.08 30.90
N ASN G 74 -26.46 -17.70 29.62
CA ASN G 74 -26.63 -16.30 29.27
C ASN G 74 -27.98 -15.76 29.71
N ALA G 75 -29.01 -16.62 29.76
CA ALA G 75 -30.31 -16.17 30.23
C ALA G 75 -30.28 -15.88 31.73
N LYS G 76 -29.51 -16.66 32.49
CA LYS G 76 -29.40 -16.48 33.93
C LYS G 76 -28.19 -15.64 34.32
N ASN G 77 -27.34 -15.27 33.38
CA ASN G 77 -26.13 -14.49 33.64
C ASN G 77 -25.27 -15.17 34.72
N THR G 78 -25.05 -16.46 34.55
CA THR G 78 -24.33 -17.27 35.52
C THR G 78 -23.26 -18.10 34.82
N LEU G 79 -22.08 -18.14 35.42
CA LEU G 79 -20.97 -18.96 34.95
C LEU G 79 -20.80 -20.17 35.86
N TYR G 80 -20.56 -21.33 35.25
CA TYR G 80 -20.47 -22.58 35.99
C TYR G 80 -19.11 -23.22 35.77
N LEU G 81 -18.65 -23.96 36.78
CA LEU G 81 -17.41 -24.72 36.71
C LEU G 81 -17.64 -26.04 37.45
N GLN G 82 -17.89 -27.10 36.70
CA GLN G 82 -18.12 -28.43 37.27
C GLN G 82 -16.77 -29.10 37.48
N MET G 83 -16.40 -29.28 38.75
CA MET G 83 -15.11 -29.86 39.11
C MET G 83 -15.32 -31.30 39.57
N ASN G 84 -14.78 -32.25 38.80
CA ASN G 84 -14.86 -33.66 39.12
C ASN G 84 -13.46 -34.23 39.34
N SER G 85 -13.40 -35.30 40.13
CA SER G 85 -12.14 -35.96 40.47
C SER G 85 -11.16 -34.97 41.07
N LEU G 86 -11.61 -34.28 42.10
CA LEU G 86 -10.80 -33.22 42.72
C LEU G 86 -9.60 -33.82 43.45
N LYS G 87 -8.44 -33.22 43.23
CA LYS G 87 -7.19 -33.59 43.86
C LYS G 87 -6.75 -32.54 44.86
N PRO G 88 -5.88 -32.90 45.82
CA PRO G 88 -5.36 -31.88 46.74
C PRO G 88 -4.60 -30.76 46.05
N GLU G 89 -4.18 -30.95 44.79
CA GLU G 89 -3.53 -29.88 44.05
C GLU G 89 -4.51 -28.77 43.69
N ASP G 90 -5.81 -29.05 43.66
CA ASP G 90 -6.82 -28.07 43.30
C ASP G 90 -7.21 -27.14 44.44
N THR G 91 -6.63 -27.32 45.63
CA THR G 91 -6.98 -26.47 46.76
C THR G 91 -6.52 -25.04 46.50
N ALA G 92 -7.47 -24.14 46.29
CA ALA G 92 -7.18 -22.75 45.99
C ALA G 92 -8.47 -21.95 46.06
N VAL G 93 -8.34 -20.63 46.07
CA VAL G 93 -9.48 -19.72 45.99
C VAL G 93 -9.77 -19.48 44.52
N TYR G 94 -10.99 -19.81 44.10
CA TYR G 94 -11.38 -19.75 42.70
C TYR G 94 -12.17 -18.48 42.43
N TYR G 95 -11.70 -17.69 41.46
CA TYR G 95 -12.35 -16.45 41.06
C TYR G 95 -12.89 -16.59 39.65
N CYS G 96 -14.03 -15.94 39.39
CA CYS G 96 -14.57 -15.81 38.05
C CYS G 96 -14.13 -14.46 37.49
N ALA G 97 -13.36 -14.49 36.40
CA ALA G 97 -12.77 -13.29 35.83
C ALA G 97 -13.38 -13.02 34.46
N ARG G 98 -13.87 -11.80 34.28
CA ARG G 98 -14.43 -11.36 33.01
C ARG G 98 -13.38 -10.64 32.19
N CYS G 99 -13.42 -10.83 30.87
CA CYS G 99 -12.52 -10.10 30.00
C CYS G 99 -12.83 -8.60 30.08
N PRO G 100 -11.83 -7.74 29.90
CA PRO G 100 -12.06 -6.31 30.14
C PRO G 100 -12.96 -5.66 29.10
N ALA G 101 -12.83 -6.03 27.82
CA ALA G 101 -13.59 -5.37 26.77
C ALA G 101 -14.55 -6.36 26.10
N PRO G 102 -15.72 -5.90 25.69
CA PRO G 102 -16.67 -6.78 25.01
C PRO G 102 -16.34 -6.92 23.52
N PHE G 103 -16.84 -8.01 22.95
CA PHE G 103 -16.66 -8.31 21.52
C PHE G 103 -15.19 -8.37 21.14
N THR G 104 -14.37 -8.94 22.01
CA THR G 104 -12.93 -9.05 21.80
C THR G 104 -12.50 -10.51 21.93
N ARG G 105 -11.57 -10.91 21.06
CA ARG G 105 -11.01 -12.25 21.13
C ARG G 105 -9.85 -12.34 22.12
N ASP G 106 -9.13 -11.25 22.33
CA ASP G 106 -8.07 -11.21 23.33
C ASP G 106 -8.66 -10.95 24.71
N CYS G 107 -7.96 -11.43 25.74
CA CYS G 107 -8.41 -11.29 27.13
C CYS G 107 -7.17 -10.97 27.97
N PHE G 108 -6.97 -9.68 28.23
CA PHE G 108 -5.79 -9.19 28.91
C PHE G 108 -6.02 -9.07 30.42
N ASP G 109 -4.94 -9.29 31.18
CA ASP G 109 -4.81 -8.93 32.58
C ASP G 109 -5.78 -9.65 33.51
N VAL G 110 -6.36 -10.77 33.08
CA VAL G 110 -7.29 -11.48 33.95
C VAL G 110 -6.58 -12.18 35.10
N THR G 111 -5.26 -12.35 35.02
CA THR G 111 -4.48 -12.99 36.07
C THR G 111 -3.64 -11.99 36.86
N SER G 112 -3.81 -10.69 36.61
CA SER G 112 -3.07 -9.68 37.37
C SER G 112 -3.53 -9.67 38.82
N THR G 113 -2.61 -9.27 39.71
CA THR G 113 -2.92 -9.27 41.14
C THR G 113 -4.05 -8.31 41.47
N THR G 114 -4.16 -7.21 40.73
CA THR G 114 -5.19 -6.20 40.94
C THR G 114 -5.98 -6.03 39.65
N TYR G 115 -7.02 -6.85 39.48
CA TYR G 115 -7.91 -6.80 38.34
C TYR G 115 -9.31 -6.41 38.81
N ALA G 116 -9.92 -5.43 38.14
CA ALA G 116 -11.18 -4.89 38.62
C ALA G 116 -12.35 -5.83 38.33
N TYR G 117 -12.36 -6.45 37.16
CA TYR G 117 -13.48 -7.29 36.73
C TYR G 117 -13.27 -8.74 37.17
N ARG G 118 -13.12 -8.91 38.48
CA ARG G 118 -12.92 -10.22 39.08
C ARG G 118 -13.61 -10.25 40.44
N GLY G 119 -14.26 -11.36 40.73
CA GLY G 119 -14.96 -11.51 42.00
C GLY G 119 -13.99 -11.70 43.16
N GLN G 120 -14.59 -11.80 44.35
CA GLN G 120 -13.79 -11.97 45.56
C GLN G 120 -13.33 -13.42 45.77
N GLY G 121 -13.95 -14.37 45.08
CA GLY G 121 -13.50 -15.75 45.10
C GLY G 121 -14.22 -16.59 46.15
N THR G 122 -14.09 -17.90 45.98
CA THR G 122 -14.65 -18.87 46.91
C THR G 122 -13.58 -19.90 47.26
N GLN G 123 -13.54 -20.29 48.52
CA GLN G 123 -12.50 -21.21 48.99
C GLN G 123 -12.86 -22.65 48.65
N VAL G 124 -11.96 -23.34 47.99
CA VAL G 124 -12.10 -24.76 47.67
C VAL G 124 -10.92 -25.50 48.28
N THR G 125 -11.22 -26.42 49.20
CA THR G 125 -10.20 -27.18 49.91
C THR G 125 -10.43 -28.66 49.66
N VAL G 126 -9.40 -29.35 49.18
CA VAL G 126 -9.47 -30.79 48.91
C VAL G 126 -8.48 -31.47 49.85
N SER G 127 -8.99 -32.16 50.86
CA SER G 127 -8.16 -32.87 51.82
C SER G 127 -8.93 -34.03 52.40
N SER G 128 -8.21 -35.03 52.88
CA SER G 128 -8.81 -36.22 53.46
C SER G 128 -9.22 -35.98 54.91
C1 NAG H . 7.69 -10.93 -91.62
C2 NAG H . 6.82 -11.57 -92.72
C3 NAG H . 7.54 -11.49 -94.06
C4 NAG H . 7.94 -10.05 -94.36
C5 NAG H . 8.76 -9.48 -93.21
C6 NAG H . 9.09 -8.01 -93.39
C7 NAG H . 7.36 -13.94 -92.23
C8 NAG H . 6.79 -15.28 -91.91
N2 NAG H . 6.48 -12.95 -92.40
O3 NAG H . 6.68 -11.98 -95.08
O4 NAG H . 8.72 -10.01 -95.56
O5 NAG H . 8.01 -9.58 -91.99
O6 NAG H . 8.07 -7.18 -92.86
O7 NAG H . 8.58 -13.77 -92.34
C1 NAG I . 2.22 3.69 -73.25
C2 NAG I . 1.73 5.03 -72.75
C3 NAG I . 0.28 4.91 -72.29
C4 NAG I . -0.53 4.41 -73.47
C5 NAG I . 0.03 3.09 -73.95
C6 NAG I . -0.76 2.62 -75.16
C7 NAG I . 3.38 6.57 -71.92
C8 NAG I . 3.12 7.79 -71.10
N2 NAG I . 2.57 5.54 -71.69
O3 NAG I . -0.21 6.18 -71.87
O4 NAG I . -1.89 4.24 -73.07
O5 NAG I . 1.40 3.26 -74.33
O6 NAG I . -0.68 3.63 -76.17
O7 NAG I . 4.26 6.53 -72.76
C1 NAG J . 3.38 -24.26 -76.73
C2 NAG J . 2.06 -24.69 -77.36
C3 NAG J . 1.98 -26.22 -77.42
C4 NAG J . 3.21 -26.78 -78.13
C5 NAG J . 4.48 -26.25 -77.48
C6 NAG J . 5.74 -26.68 -78.21
C7 NAG J . 0.26 -23.06 -76.98
C8 NAG J . -0.88 -22.65 -76.10
N2 NAG J . 0.92 -24.16 -76.61
O3 NAG J . 0.80 -26.60 -78.11
O4 NAG J . 3.19 -28.20 -78.07
O5 NAG J . 4.47 -24.82 -77.47
O6 NAG J . 6.12 -25.71 -79.18
O7 NAG J . 0.58 -22.42 -77.98
C1 NAG K . 3.20 -19.67 -58.99
C2 NAG K . 2.87 -21.03 -59.61
C3 NAG K . 1.69 -21.67 -58.89
C4 NAG K . 1.95 -21.74 -57.39
C5 NAG K . 2.32 -20.36 -56.85
C6 NAG K . 2.72 -20.38 -55.40
C7 NAG K . 3.10 -21.71 -61.96
C8 NAG K . 2.71 -21.44 -63.37
N2 NAG K . 2.58 -20.90 -61.03
O3 NAG K . 1.47 -22.98 -59.41
O4 NAG K . 0.80 -22.22 -56.71
O5 NAG K . 3.44 -19.84 -57.59
O6 NAG K . 4.12 -20.50 -55.24
O7 NAG K . 3.88 -22.62 -61.66
C1 NAG L . 23.07 -15.79 -74.17
C2 NAG L . 22.50 -16.47 -75.43
C3 NAG L . 23.65 -16.93 -76.33
C4 NAG L . 24.58 -15.78 -76.63
C5 NAG L . 25.06 -15.12 -75.34
C6 NAG L . 25.89 -13.88 -75.58
C7 NAG L . 20.36 -17.65 -75.46
C8 NAG L . 19.60 -18.87 -75.02
N2 NAG L . 21.63 -17.58 -75.09
O3 NAG L . 23.10 -17.45 -77.54
O4 NAG L . 25.72 -16.25 -77.35
O5 NAG L . 23.92 -14.71 -74.55
O6 NAG L . 25.41 -13.13 -76.68
O7 NAG L . 19.83 -16.78 -76.14
C4 P42 M . -13.44 -0.46 -42.63
C5 P42 M . -13.17 1.02 -42.66
C6 P42 M . -11.97 0.98 -44.81
C7 P42 M . -14.34 1.48 -44.77
C8 P42 M . -12.75 3.10 -43.91
CBX P42 M . -14.07 7.80 -23.71
CBV P42 M . -14.01 6.51 -22.91
CBS P42 M . -15.13 5.56 -23.22
CBH P42 M . -15.19 5.10 -24.65
CAQ P42 M . -13.97 4.35 -25.11
CAP P42 M . -14.01 3.92 -26.56
CAO P42 M . -14.13 5.06 -27.53
CAN P42 M . -14.16 4.64 -28.98
CAM P42 M . -14.24 5.78 -29.96
CAL P42 M . -14.23 5.37 -31.40
CAK P42 M . -13.04 4.54 -31.81
CAJ P42 M . -12.96 4.22 -33.28
CAI P42 M . -14.15 3.48 -33.83
CAH P42 M . -14.41 2.14 -33.19
CAG P42 M . -15.56 1.38 -33.80
CAF P42 M . -15.36 1.00 -35.25
CAE P42 M . -16.58 0.44 -35.93
CAD P42 M . -16.27 0.11 -37.38
OAA P42 M . -17.50 -0.10 -38.07
OAC P42 M . -15.46 -1.03 -37.45
CAB P42 M . -16.11 -2.25 -37.08
CBE P42 M . -15.21 -3.44 -37.34
CBK P42 M . -14.85 -3.64 -38.78
OBL P42 M . -14.26 -2.46 -39.37
PBM P42 M . -13.96 -2.43 -40.95
OBF P42 M . -15.24 -2.77 -41.67
OBU P42 M . -12.73 -3.25 -41.21
OBN P42 M . -13.63 -0.89 -41.25
OBD P42 M . -14.03 -3.35 -36.52
CBC P42 M . -14.32 -3.74 -35.19
OBJ P42 M . -14.90 -5.03 -35.13
CBB P42 M . -13.07 -3.71 -34.33
CBA P42 M . -13.36 -4.37 -33.01
CAZ P42 M . -12.23 -4.34 -32.01
CAY P42 M . -11.90 -2.96 -31.50
CAX P42 M . -13.05 -2.27 -30.79
CAW P42 M . -13.49 -2.94 -29.51
CAV P42 M . -12.41 -3.00 -28.44
CAU P42 M . -12.92 -3.38 -27.07
CAT P42 M . -14.03 -2.51 -26.57
CAS P42 M . -14.35 -2.66 -25.10
CAR P42 M . -14.66 -4.09 -24.67
CBI P42 M . -15.10 -4.21 -23.24
CBT P42 M . -14.13 -3.60 -22.24
CBW P42 M . -14.60 -3.66 -20.80
CBY P42 M . -13.64 -3.01 -19.83
N P42 M . -13.06 1.64 -44.03
C1 PLM N . -12.30 12.04 -39.85
O1 PLM N . -13.31 12.76 -39.92
O2 PLM N . -11.19 12.36 -40.34
C2 PLM N . -12.41 10.70 -39.14
C3 PLM N . -11.15 9.90 -39.13
C4 PLM N . -11.31 8.57 -38.40
C5 PLM N . -11.72 8.70 -36.95
C6 PLM N . -11.90 7.38 -36.24
C7 PLM N . -12.30 7.51 -34.79
C8 PLM N . -11.30 8.24 -33.93
C9 PLM N . -11.70 8.36 -32.49
CA PLM N . -10.71 9.08 -31.62
CB PLM N . -11.10 9.19 -30.17
CC PLM N . -10.09 9.90 -29.30
CD PLM N . -10.49 10.02 -27.85
CE PLM N . -9.49 10.73 -26.98
CF PLM N . -9.89 10.85 -25.53
CG PLM N . -10.10 9.51 -24.86
CAA Y01 O . 5.05 14.74 -26.03
CBA Y01 O . 5.52 15.78 -25.01
CAB Y01 O . 5.13 17.18 -25.48
CAN Y01 O . 7.02 15.67 -24.75
CAJ Y01 O . 7.58 16.66 -23.77
CAO Y01 O . 7.00 16.52 -22.38
CBB Y01 O . 7.44 17.58 -21.37
CAC Y01 O . 7.06 18.98 -21.86
CBE Y01 O . 6.88 17.26 -19.97
CAP Y01 O . 5.58 16.42 -20.00
CAQ Y01 O . 5.57 15.59 -18.70
CBG Y01 O . 6.65 16.27 -17.85
CBI Y01 O . 7.74 16.59 -18.87
CAE Y01 O . 8.42 15.32 -19.42
CAU Y01 O . 8.77 17.49 -18.16
CAS Y01 O . 9.32 16.82 -16.89
CBF Y01 O . 8.21 16.44 -15.90
CBD Y01 O . 7.11 15.59 -16.57
CAK Y01 O . 5.95 15.40 -15.61
CAI Y01 O . 6.38 15.12 -14.21
CAZ Y01 O . 7.62 15.24 -13.75
CAV Y01 O . 7.97 14.86 -12.33
CBH Y01 O . 8.76 15.79 -14.61
CAD Y01 O . 9.72 14.62 -14.91
CAT Y01 O . 9.50 16.87 -13.78
CAR Y01 O . 9.86 16.44 -12.35
CBC Y01 O . 8.62 16.02 -11.60
OAW Y01 O . 9.00 15.56 -10.27
CAY Y01 O . 8.10 15.62 -9.28
OAG Y01 O . 8.21 15.01 -8.26
CAM Y01 O . 6.97 16.58 -9.57
CAL Y01 O . 6.80 17.73 -8.59
CAX Y01 O . 5.65 18.67 -8.92
OAH Y01 O . 4.96 18.43 -9.93
OAF Y01 O . 5.44 19.63 -8.15
CAA Y01 P . 10.87 17.60 -25.55
CBA Y01 P . 12.06 16.74 -25.14
CAB Y01 P . 11.90 15.33 -25.65
CAN Y01 P . 12.27 16.76 -23.62
CAJ Y01 P . 12.54 18.13 -23.04
CAO Y01 P . 12.69 18.15 -21.53
CBB Y01 P . 13.98 17.51 -20.98
CAC Y01 P . 15.16 17.80 -21.89
CBE Y01 P . 14.23 18.01 -19.55
CAP Y01 P . 13.54 19.37 -19.24
CAQ Y01 P . 13.07 19.30 -17.77
CBG Y01 P . 13.95 18.19 -17.21
CBI Y01 P . 13.91 17.11 -18.31
CAE Y01 P . 12.52 16.47 -18.45
CAU Y01 P . 14.96 16.06 -17.93
CAS Y01 P . 14.71 15.49 -16.53
CBF Y01 P . 14.67 16.57 -15.44
CBD Y01 P . 13.67 17.69 -15.79
CAK Y01 P . 13.79 18.83 -14.80
CAI Y01 P . 13.93 18.35 -13.39
CAZ Y01 P . 14.15 17.10 -13.02
CAV Y01 P . 14.17 16.71 -11.56
CBH Y01 P . 14.43 15.98 -14.02
CAD Y01 P . 13.22 15.02 -14.00
CAT Y01 P . 15.71 15.24 -13.55
CAR Y01 P . 15.68 14.83 -12.08
CBC Y01 P . 15.46 16.03 -11.20
OAW Y01 P . 15.38 15.60 -9.80
CAY Y01 P . 15.39 16.52 -8.85
OAG Y01 P . 15.64 17.68 -9.04
CAM Y01 P . 15.06 15.95 -7.50
CAL Y01 P . 14.74 14.47 -7.47
CAX Y01 P . 14.39 13.92 -6.09
OAH Y01 P . 15.26 14.00 -5.20
OAF Y01 P . 13.28 13.41 -5.92
C1 PLM Q . 19.07 -9.05 -37.66
O1 PLM Q . 18.71 -10.24 -37.61
O2 PLM Q . 18.59 -8.22 -38.46
C2 PLM Q . 20.14 -8.58 -36.69
C3 PLM Q . 19.71 -7.46 -35.78
C4 PLM Q . 18.56 -7.86 -34.87
C5 PLM Q . 18.00 -6.73 -34.05
C6 PLM Q . 16.85 -7.12 -33.16
C7 PLM Q . 17.22 -7.99 -31.99
C8 PLM Q . 18.06 -7.28 -30.94
C9 PLM Q . 18.31 -8.10 -29.71
CA PLM Q . 19.04 -7.36 -28.61
CB PLM Q . 19.21 -8.14 -27.33
CC PLM Q . 19.86 -7.37 -26.22
CD PLM Q . 19.97 -8.13 -24.92
CE PLM Q . 20.60 -7.35 -23.79
CF PLM Q . 20.69 -8.11 -22.49
CG PLM Q . 21.30 -7.30 -21.36
C1 PLM R . 15.78 -12.93 -41.11
O1 PLM R . 16.66 -12.33 -41.77
O2 PLM R . 14.84 -13.57 -41.62
C2 PLM R . 15.87 -12.87 -39.60
C3 PLM R . 17.13 -13.44 -39.02
C4 PLM R . 17.17 -13.36 -37.50
C5 PLM R . 16.04 -14.08 -36.82
C6 PLM R . 16.04 -13.96 -35.31
C7 PLM R . 14.88 -14.66 -34.63
C8 PLM R . 14.83 -14.47 -33.15
C9 PLM R . 14.78 -13.04 -32.70
CA PLM R . 14.59 -12.84 -31.21
CB PLM R . 14.58 -11.40 -30.77
CC PLM R . 14.25 -11.20 -29.31
CD PLM R . 15.17 -11.93 -28.36
CE PLM R . 14.81 -11.74 -26.90
CF PLM R . 15.71 -12.49 -25.94
CG PLM R . 17.16 -12.07 -26.03
C1 PLM S . 9.72 -17.82 -37.15
O1 PLM S . 9.01 -17.74 -38.19
O2 PLM S . 10.69 -17.07 -36.94
C2 PLM S . 9.37 -18.86 -36.12
C3 PLM S . 9.01 -18.32 -34.77
C4 PLM S . 8.67 -19.40 -33.77
C5 PLM S . 8.29 -18.91 -32.37
C6 PLM S . 9.45 -18.58 -31.46
C7 PLM S . 10.15 -17.28 -31.76
C8 PLM S . 11.27 -16.94 -30.80
C9 PLM S . 10.83 -16.83 -29.35
CA PLM S . 11.92 -16.41 -28.40
CB PLM S . 11.49 -16.28 -26.97
CC PLM S . 12.55 -15.79 -26.03
CD PLM S . 12.11 -15.65 -24.59
CE PLM S . 13.16 -15.08 -23.66
CF PLM S . 14.43 -15.88 -23.59
CG PLM S . 15.46 -15.30 -22.66
C1 PLM T . -12.93 -11.66 -37.77
O1 PLM T . -12.65 -12.87 -37.67
O2 PLM T . -13.81 -11.22 -38.54
C2 PLM T . -12.16 -10.66 -36.91
C3 PLM T . -12.30 -10.89 -35.43
C4 PLM T . -11.51 -9.87 -34.63
C5 PLM T . -11.61 -10.06 -33.13
C6 PLM T . -10.81 -9.06 -32.33
C7 PLM T . -10.89 -9.26 -30.83
C8 PLM T . -10.09 -8.27 -30.03
C9 PLM T . -10.15 -8.49 -28.54
CA PLM T . -9.33 -7.51 -27.74
CB PLM T . -9.35 -7.74 -26.25
CC PLM T . -8.52 -6.77 -25.45
CD PLM T . -8.51 -7.00 -23.96
CE PLM T . -9.73 -6.50 -23.20
CF PLM T . -11.00 -7.30 -23.31
CG PLM T . -12.15 -6.73 -22.52
C1 PLM U . -8.20 -19.46 -36.37
O1 PLM U . -9.10 -20.04 -35.74
O2 PLM U . -7.18 -20.03 -36.80
C2 PLM U . -8.36 -17.97 -36.64
C3 PLM U . -8.49 -17.12 -35.42
C4 PLM U . -8.64 -15.65 -35.74
C5 PLM U . -8.81 -14.75 -34.55
C6 PLM U . -7.63 -14.77 -33.58
C7 PLM U . -7.77 -13.82 -32.43
C8 PLM U . -8.95 -14.10 -31.53
C9 PLM U . -9.22 -13.03 -30.50
CA PLM U . -8.08 -12.78 -29.55
CB PLM U . -8.33 -11.67 -28.56
CC PLM U . -7.20 -11.42 -27.59
CD PLM U . -6.88 -12.60 -26.71
CE PLM U . -5.83 -12.30 -25.66
CF PLM U . -6.22 -11.21 -24.69
CG PLM U . -5.19 -10.94 -23.63
C1 PLM V . 11.40 -21.30 -8.48
O1 PLM V . 12.52 -20.75 -8.51
O2 PLM V . 10.89 -21.76 -7.45
C2 PLM V . 10.62 -21.41 -9.78
C3 PLM V . 10.30 -20.09 -10.43
C4 PLM V . 9.50 -20.26 -11.71
C5 PLM V . 9.16 -18.95 -12.39
C6 PLM V . 8.34 -19.12 -13.65
C7 PLM V . 7.96 -17.82 -14.31
C8 PLM V . 7.08 -17.97 -15.54
C9 PLM V . 6.66 -16.67 -16.17
CA PLM V . 5.73 -16.83 -17.35
CB PLM V . 5.27 -15.52 -17.94
CC PLM V . 4.27 -15.68 -19.07
CD PLM V . 3.77 -14.37 -19.63
CE PLM V . 2.75 -14.52 -20.73
CF PLM V . 2.22 -13.22 -21.28
CG PLM V . 1.18 -13.39 -22.36
C1 PTY W . 19.33 17.21 -42.21
C2 PTY W . 19.50 16.39 -47.31
C3 PTY W . 20.22 15.70 -46.19
O4 PTY W . 18.75 17.63 -43.47
C5 PTY W . 21.65 17.58 -43.22
C6 PTY W . 20.70 17.84 -42.06
O7 PTY W . 21.25 17.49 -40.74
C8 PTY W . 21.27 16.21 -40.36
O10 PTY W . 21.52 15.28 -41.09
C11 PTY W . 20.86 16.04 -38.92
C12 PTY W . 19.45 16.50 -38.67
C13 PTY W . 19.01 16.22 -37.24
C14 PTY W . 19.94 16.77 -36.19
C15 PTY W . 19.40 16.71 -34.79
C16 PTY W . 18.15 17.51 -34.58
C17 PTY W . 17.79 17.73 -33.13
C18 PTY W . 18.93 18.29 -32.31
C19 PTY W . 18.55 18.73 -30.92
C20 PTY W . 17.87 17.67 -30.09
C21 PTY W . 17.70 18.06 -28.65
C22 PTY W . 16.85 17.12 -27.83
C23 PTY W . 16.82 17.48 -26.37
C24 PTY W . 16.51 18.93 -26.10
C25 PTY W . 16.70 19.35 -24.67
C26 PTY W . 18.09 19.05 -24.13
C27 PTY W . 18.30 19.48 -22.70
C28 PTY W . 19.65 19.10 -22.15
C29 PTY W . 20.81 19.66 -22.93
C30 PTY W . 17.49 17.27 -43.69
C31 PTY W . 16.79 16.83 -42.43
O30 PTY W . 16.99 17.28 -44.78
C32 PTY W . 15.47 16.17 -42.68
C33 PTY W . 14.69 15.93 -41.40
C34 PTY W . 14.19 17.18 -40.73
C35 PTY W . 13.25 16.94 -39.58
C36 PTY W . 13.90 16.45 -38.31
C37 PTY W . 12.91 16.01 -37.25
C38 PTY W . 13.47 15.90 -35.86
C39 PTY W . 13.91 17.22 -35.27
C40 PTY W . 13.75 17.30 -33.77
C41 PTY W . 14.08 18.66 -33.19
C42 PTY W . 13.63 18.86 -31.76
C43 PTY W . 14.18 17.87 -30.77
C44 PTY W . 13.67 18.07 -29.37
P1 PTY W . 22.50 15.70 -44.86
O11 PTY W . 21.55 16.27 -46.03
O12 PTY W . 23.80 16.45 -44.92
O13 PTY W . 22.48 14.21 -44.92
O14 PTY W . 21.73 16.17 -43.52
N1 PTY W . 19.32 17.82 -47.04
C1 PLM X . 10.14 25.14 -39.37
O1 PLM X . 10.51 25.79 -40.37
O2 PLM X . 10.91 24.76 -38.47
C2 PLM X . 8.67 24.77 -39.27
C3 PLM X . 8.32 23.97 -38.04
C4 PLM X . 6.83 23.64 -37.98
C5 PLM X . 6.44 22.83 -36.77
C6 PLM X . 4.96 22.49 -36.70
C7 PLM X . 4.57 21.67 -35.51
C8 PLM X . 5.28 20.33 -35.42
C9 PLM X . 4.90 19.51 -34.21
CA PLM X . 3.44 19.15 -34.12
CB PLM X . 3.09 18.26 -32.96
CC PLM X . 3.42 18.86 -31.61
CD PLM X . 3.12 17.94 -30.44
CE PLM X . 1.67 17.53 -30.34
CF PLM X . 1.37 16.60 -29.19
CG PLM X . 1.71 17.18 -27.83
#